data_1QGV
# 
_entry.id   1QGV 
# 
_audit_conform.dict_name       mmcif_pdbx.dic 
_audit_conform.dict_version    5.398 
_audit_conform.dict_location   http://mmcif.pdb.org/dictionaries/ascii/mmcif_pdbx.dic 
# 
loop_
_database_2.database_id 
_database_2.database_code 
_database_2.pdbx_database_accession 
_database_2.pdbx_DOI 
PDB   1QGV         pdb_00001qgv 10.2210/pdb1qgv/pdb 
RCSB  RCSB001009   ?            ?                   
WWPDB D_1000001009 ?            ?                   
# 
loop_
_pdbx_audit_revision_history.ordinal 
_pdbx_audit_revision_history.data_content_type 
_pdbx_audit_revision_history.major_revision 
_pdbx_audit_revision_history.minor_revision 
_pdbx_audit_revision_history.revision_date 
1 'Structure model' 1 0 1999-12-12 
2 'Structure model' 1 1 2008-04-26 
3 'Structure model' 1 2 2011-07-13 
4 'Structure model' 1 3 2019-11-27 
5 'Structure model' 1 4 2023-12-27 
6 'Structure model' 1 5 2024-10-30 
# 
_pdbx_audit_revision_details.ordinal             1 
_pdbx_audit_revision_details.revision_ordinal    1 
_pdbx_audit_revision_details.data_content_type   'Structure model' 
_pdbx_audit_revision_details.provider            repository 
_pdbx_audit_revision_details.type                'Initial release' 
_pdbx_audit_revision_details.description         ? 
_pdbx_audit_revision_details.details             ? 
# 
loop_
_pdbx_audit_revision_group.ordinal 
_pdbx_audit_revision_group.revision_ordinal 
_pdbx_audit_revision_group.data_content_type 
_pdbx_audit_revision_group.group 
1 2 'Structure model' 'Version format compliance' 
2 3 'Structure model' 'Version format compliance' 
3 4 'Structure model' 'Database references'       
4 5 'Structure model' 'Data collection'           
5 5 'Structure model' 'Database references'       
6 6 'Structure model' 'Structure summary'         
# 
loop_
_pdbx_audit_revision_category.ordinal 
_pdbx_audit_revision_category.revision_ordinal 
_pdbx_audit_revision_category.data_content_type 
_pdbx_audit_revision_category.category 
1 4 'Structure model' citation                  
2 5 'Structure model' chem_comp_atom            
3 5 'Structure model' chem_comp_bond            
4 5 'Structure model' database_2                
5 6 'Structure model' pdbx_entry_details        
6 6 'Structure model' pdbx_modification_feature 
# 
loop_
_pdbx_audit_revision_item.ordinal 
_pdbx_audit_revision_item.revision_ordinal 
_pdbx_audit_revision_item.data_content_type 
_pdbx_audit_revision_item.item 
1 4 'Structure model' '_citation.page_last'                 
2 4 'Structure model' '_citation.pdbx_database_id_DOI'      
3 4 'Structure model' '_citation.pdbx_database_id_PubMed'   
4 4 'Structure model' '_citation.title'                     
5 5 'Structure model' '_database_2.pdbx_DOI'                
6 5 'Structure model' '_database_2.pdbx_database_accession' 
# 
_pdbx_database_status.status_code                     REL 
_pdbx_database_status.entry_id                        1QGV 
_pdbx_database_status.recvd_initial_deposition_date   1999-05-06 
_pdbx_database_status.deposit_site                    PDBE 
_pdbx_database_status.process_site                    RCSB 
_pdbx_database_status.status_code_sf                  REL 
_pdbx_database_status.SG_entry                        . 
_pdbx_database_status.pdb_format_compatible           Y 
_pdbx_database_status.status_code_mr                  ? 
_pdbx_database_status.status_code_cs                  ? 
_pdbx_database_status.methods_development_category    ? 
_pdbx_database_status.status_code_nmr_data            ? 
# 
loop_
_audit_author.name 
_audit_author.pdbx_ordinal 
'Reuter, K.'    1 
'Nottrott, S.'  2 
'Fabrizio, P.'  3 
'Luehrmann, R.' 4 
'Ficner, R.'    5 
# 
loop_
_citation.id 
_citation.title 
_citation.journal_abbrev 
_citation.journal_volume 
_citation.page_first 
_citation.page_last 
_citation.year 
_citation.journal_id_ASTM 
_citation.country 
_citation.journal_id_ISSN 
_citation.journal_id_CSD 
_citation.book_publisher 
_citation.pdbx_database_id_PubMed 
_citation.pdbx_database_id_DOI 
primary 
'Identification, characterization and crystal structure analysis of the human spliceosomal U5 snRNP-specific 15 kD protein.' 
J.Mol.Biol.                294 515 525 1999 JMOBAK UK 0022-2836 0070 ? 10610776 10.1006/jmbi.1999.3258    
1       
'Overproduction, purification, crystallization and preliminary x-ray diffraction studies of the human spliceosomal protein U5-15kD.' 
'Acta Crystallogr.,Sect.D' 55  888 890 1999 ABCRE6 DK 0907-4449 0766 ? 10089325 10.1107/s0907444998016151 
# 
loop_
_citation_author.citation_id 
_citation_author.name 
_citation_author.ordinal 
_citation_author.identifier_ORCID 
primary 'Reuter, K.'   1 ? 
primary 'Nottrott, S.' 2 ? 
primary 'Fabrizio, P.' 3 ? 
primary 'Luhrmann, R.' 4 ? 
primary 'Ficner, R.'   5 ? 
1       'Reuter, K.'   6 ? 
1       'Ficner, R.'   7 ? 
# 
loop_
_entity.id 
_entity.type 
_entity.src_method 
_entity.pdbx_description 
_entity.formula_weight 
_entity.pdbx_number_of_molecules 
_entity.pdbx_ec 
_entity.pdbx_mutation 
_entity.pdbx_fragment 
_entity.details 
1 polymer man 'SPLICEOSOMAL PROTEIN U5-15KD' 16807.346 1   ? ? FULL-LENGTH ? 
2 water   nat water                          18.015    144 ? ? ?           ? 
# 
_entity_poly.entity_id                      1 
_entity_poly.type                           'polypeptide(L)' 
_entity_poly.nstd_linkage                   no 
_entity_poly.nstd_monomer                   no 
_entity_poly.pdbx_seq_one_letter_code       
;MSYMLPHLHNGWQVDQAILSEEDRVVVIRFGHDWDPTCMKMDEVLYSIAEKVKNFAVIYLVDITEVPDFNKMYELYDPCT
VMFFFRNKHIMIDLGTGNNNKINWAMEDKQEMVDIIETVYRGARKGRGLVVSPKDYSTKYRY
;
_entity_poly.pdbx_seq_one_letter_code_can   
;MSYMLPHLHNGWQVDQAILSEEDRVVVIRFGHDWDPTCMKMDEVLYSIAEKVKNFAVIYLVDITEVPDFNKMYELYDPCT
VMFFFRNKHIMIDLGTGNNNKINWAMEDKQEMVDIIETVYRGARKGRGLVVSPKDYSTKYRY
;
_entity_poly.pdbx_strand_id                 A 
_entity_poly.pdbx_target_identifier         ? 
# 
_pdbx_entity_nonpoly.entity_id   2 
_pdbx_entity_nonpoly.name        water 
_pdbx_entity_nonpoly.comp_id     HOH 
# 
loop_
_entity_poly_seq.entity_id 
_entity_poly_seq.num 
_entity_poly_seq.mon_id 
_entity_poly_seq.hetero 
1 1   MET n 
1 2   SER n 
1 3   TYR n 
1 4   MET n 
1 5   LEU n 
1 6   PRO n 
1 7   HIS n 
1 8   LEU n 
1 9   HIS n 
1 10  ASN n 
1 11  GLY n 
1 12  TRP n 
1 13  GLN n 
1 14  VAL n 
1 15  ASP n 
1 16  GLN n 
1 17  ALA n 
1 18  ILE n 
1 19  LEU n 
1 20  SER n 
1 21  GLU n 
1 22  GLU n 
1 23  ASP n 
1 24  ARG n 
1 25  VAL n 
1 26  VAL n 
1 27  VAL n 
1 28  ILE n 
1 29  ARG n 
1 30  PHE n 
1 31  GLY n 
1 32  HIS n 
1 33  ASP n 
1 34  TRP n 
1 35  ASP n 
1 36  PRO n 
1 37  THR n 
1 38  CYS n 
1 39  MET n 
1 40  LYS n 
1 41  MET n 
1 42  ASP n 
1 43  GLU n 
1 44  VAL n 
1 45  LEU n 
1 46  TYR n 
1 47  SER n 
1 48  ILE n 
1 49  ALA n 
1 50  GLU n 
1 51  LYS n 
1 52  VAL n 
1 53  LYS n 
1 54  ASN n 
1 55  PHE n 
1 56  ALA n 
1 57  VAL n 
1 58  ILE n 
1 59  TYR n 
1 60  LEU n 
1 61  VAL n 
1 62  ASP n 
1 63  ILE n 
1 64  THR n 
1 65  GLU n 
1 66  VAL n 
1 67  PRO n 
1 68  ASP n 
1 69  PHE n 
1 70  ASN n 
1 71  LYS n 
1 72  MET n 
1 73  TYR n 
1 74  GLU n 
1 75  LEU n 
1 76  TYR n 
1 77  ASP n 
1 78  PRO n 
1 79  CYS n 
1 80  THR n 
1 81  VAL n 
1 82  MET n 
1 83  PHE n 
1 84  PHE n 
1 85  PHE n 
1 86  ARG n 
1 87  ASN n 
1 88  LYS n 
1 89  HIS n 
1 90  ILE n 
1 91  MET n 
1 92  ILE n 
1 93  ASP n 
1 94  LEU n 
1 95  GLY n 
1 96  THR n 
1 97  GLY n 
1 98  ASN n 
1 99  ASN n 
1 100 ASN n 
1 101 LYS n 
1 102 ILE n 
1 103 ASN n 
1 104 TRP n 
1 105 ALA n 
1 106 MET n 
1 107 GLU n 
1 108 ASP n 
1 109 LYS n 
1 110 GLN n 
1 111 GLU n 
1 112 MET n 
1 113 VAL n 
1 114 ASP n 
1 115 ILE n 
1 116 ILE n 
1 117 GLU n 
1 118 THR n 
1 119 VAL n 
1 120 TYR n 
1 121 ARG n 
1 122 GLY n 
1 123 ALA n 
1 124 ARG n 
1 125 LYS n 
1 126 GLY n 
1 127 ARG n 
1 128 GLY n 
1 129 LEU n 
1 130 VAL n 
1 131 VAL n 
1 132 SER n 
1 133 PRO n 
1 134 LYS n 
1 135 ASP n 
1 136 TYR n 
1 137 SER n 
1 138 THR n 
1 139 LYS n 
1 140 TYR n 
1 141 ARG n 
1 142 TYR n 
# 
_entity_src_gen.entity_id                          1 
_entity_src_gen.pdbx_src_id                        1 
_entity_src_gen.pdbx_alt_source_flag               sample 
_entity_src_gen.pdbx_seq_type                      ? 
_entity_src_gen.pdbx_beg_seq_num                   ? 
_entity_src_gen.pdbx_end_seq_num                   ? 
_entity_src_gen.gene_src_common_name               human 
_entity_src_gen.gene_src_genus                     Homo 
_entity_src_gen.pdbx_gene_src_gene                 U5-15KD 
_entity_src_gen.gene_src_species                   ? 
_entity_src_gen.gene_src_strain                    ? 
_entity_src_gen.gene_src_tissue                    ? 
_entity_src_gen.gene_src_tissue_fraction           ? 
_entity_src_gen.gene_src_details                   ? 
_entity_src_gen.pdbx_gene_src_fragment             ? 
_entity_src_gen.pdbx_gene_src_scientific_name      'Homo sapiens' 
_entity_src_gen.pdbx_gene_src_ncbi_taxonomy_id     9606 
_entity_src_gen.pdbx_gene_src_variant              ? 
_entity_src_gen.pdbx_gene_src_cell_line            HELA 
_entity_src_gen.pdbx_gene_src_atcc                 ? 
_entity_src_gen.pdbx_gene_src_organ                ? 
_entity_src_gen.pdbx_gene_src_organelle            ? 
_entity_src_gen.pdbx_gene_src_cell                 ? 
_entity_src_gen.pdbx_gene_src_cellular_location    NUCLEUS 
_entity_src_gen.host_org_common_name               ? 
_entity_src_gen.pdbx_host_org_scientific_name      'Escherichia coli' 
_entity_src_gen.pdbx_host_org_ncbi_taxonomy_id     562 
_entity_src_gen.host_org_genus                     Escherichia 
_entity_src_gen.pdbx_host_org_gene                 U5-15KD 
_entity_src_gen.pdbx_host_org_organ                ? 
_entity_src_gen.host_org_species                   ? 
_entity_src_gen.pdbx_host_org_tissue               ? 
_entity_src_gen.pdbx_host_org_tissue_fraction      ? 
_entity_src_gen.pdbx_host_org_strain               TAP106 
_entity_src_gen.pdbx_host_org_variant              ? 
_entity_src_gen.pdbx_host_org_cell_line            ? 
_entity_src_gen.pdbx_host_org_atcc                 ? 
_entity_src_gen.pdbx_host_org_culture_collection   ? 
_entity_src_gen.pdbx_host_org_cell                 ? 
_entity_src_gen.pdbx_host_org_organelle            ? 
_entity_src_gen.pdbx_host_org_cellular_location    CYTOPLASM 
_entity_src_gen.pdbx_host_org_vector_type          PLASMID 
_entity_src_gen.pdbx_host_org_vector               PXC35 
_entity_src_gen.host_org_details                   ? 
_entity_src_gen.expression_system_id               ? 
_entity_src_gen.plasmid_name                       PXC35-15K 
_entity_src_gen.plasmid_details                    ? 
_entity_src_gen.pdbx_description                   ? 
# 
loop_
_chem_comp.id 
_chem_comp.type 
_chem_comp.mon_nstd_flag 
_chem_comp.name 
_chem_comp.pdbx_synonyms 
_chem_comp.formula 
_chem_comp.formula_weight 
ALA 'L-peptide linking' y ALANINE         ? 'C3 H7 N O2'     89.093  
ARG 'L-peptide linking' y ARGININE        ? 'C6 H15 N4 O2 1' 175.209 
ASN 'L-peptide linking' y ASPARAGINE      ? 'C4 H8 N2 O3'    132.118 
ASP 'L-peptide linking' y 'ASPARTIC ACID' ? 'C4 H7 N O4'     133.103 
CYS 'L-peptide linking' y CYSTEINE        ? 'C3 H7 N O2 S'   121.158 
GLN 'L-peptide linking' y GLUTAMINE       ? 'C5 H10 N2 O3'   146.144 
GLU 'L-peptide linking' y 'GLUTAMIC ACID' ? 'C5 H9 N O4'     147.129 
GLY 'peptide linking'   y GLYCINE         ? 'C2 H5 N O2'     75.067  
HIS 'L-peptide linking' y HISTIDINE       ? 'C6 H10 N3 O2 1' 156.162 
HOH non-polymer         . WATER           ? 'H2 O'           18.015  
ILE 'L-peptide linking' y ISOLEUCINE      ? 'C6 H13 N O2'    131.173 
LEU 'L-peptide linking' y LEUCINE         ? 'C6 H13 N O2'    131.173 
LYS 'L-peptide linking' y LYSINE          ? 'C6 H15 N2 O2 1' 147.195 
MET 'L-peptide linking' y METHIONINE      ? 'C5 H11 N O2 S'  149.211 
PHE 'L-peptide linking' y PHENYLALANINE   ? 'C9 H11 N O2'    165.189 
PRO 'L-peptide linking' y PROLINE         ? 'C5 H9 N O2'     115.130 
SER 'L-peptide linking' y SERINE          ? 'C3 H7 N O3'     105.093 
THR 'L-peptide linking' y THREONINE       ? 'C4 H9 N O3'     119.119 
TRP 'L-peptide linking' y TRYPTOPHAN      ? 'C11 H12 N2 O2'  204.225 
TYR 'L-peptide linking' y TYROSINE        ? 'C9 H11 N O3'    181.189 
VAL 'L-peptide linking' y VALINE          ? 'C5 H11 N O2'    117.146 
# 
loop_
_pdbx_poly_seq_scheme.asym_id 
_pdbx_poly_seq_scheme.entity_id 
_pdbx_poly_seq_scheme.seq_id 
_pdbx_poly_seq_scheme.mon_id 
_pdbx_poly_seq_scheme.ndb_seq_num 
_pdbx_poly_seq_scheme.pdb_seq_num 
_pdbx_poly_seq_scheme.auth_seq_num 
_pdbx_poly_seq_scheme.pdb_mon_id 
_pdbx_poly_seq_scheme.auth_mon_id 
_pdbx_poly_seq_scheme.pdb_strand_id 
_pdbx_poly_seq_scheme.pdb_ins_code 
_pdbx_poly_seq_scheme.hetero 
A 1 1   MET 1   1   ?   ?   ?   A . n 
A 1 2   SER 2   2   2   SER ALA A . n 
A 1 3   TYR 3   3   3   TYR ALA A . n 
A 1 4   MET 4   4   4   MET MET A . n 
A 1 5   LEU 5   5   5   LEU LEU A . n 
A 1 6   PRO 6   6   6   PRO PRO A . n 
A 1 7   HIS 7   7   7   HIS HIS A . n 
A 1 8   LEU 8   8   8   LEU LEU A . n 
A 1 9   HIS 9   9   9   HIS HIS A . n 
A 1 10  ASN 10  10  10  ASN ASN A . n 
A 1 11  GLY 11  11  11  GLY GLY A . n 
A 1 12  TRP 12  12  12  TRP TRP A . n 
A 1 13  GLN 13  13  13  GLN GLN A . n 
A 1 14  VAL 14  14  14  VAL VAL A . n 
A 1 15  ASP 15  15  15  ASP ASP A . n 
A 1 16  GLN 16  16  16  GLN GLN A . n 
A 1 17  ALA 17  17  17  ALA ALA A . n 
A 1 18  ILE 18  18  18  ILE ILE A . n 
A 1 19  LEU 19  19  19  LEU LEU A . n 
A 1 20  SER 20  20  20  SER SER A . n 
A 1 21  GLU 21  21  21  GLU GLU A . n 
A 1 22  GLU 22  22  22  GLU GLU A . n 
A 1 23  ASP 23  23  23  ASP ASP A . n 
A 1 24  ARG 24  24  24  ARG ARG A . n 
A 1 25  VAL 25  25  25  VAL VAL A . n 
A 1 26  VAL 26  26  26  VAL VAL A . n 
A 1 27  VAL 27  27  27  VAL VAL A . n 
A 1 28  ILE 28  28  28  ILE ILE A . n 
A 1 29  ARG 29  29  29  ARG ARG A . n 
A 1 30  PHE 30  30  30  PHE PHE A . n 
A 1 31  GLY 31  31  31  GLY GLY A . n 
A 1 32  HIS 32  32  32  HIS HIS A . n 
A 1 33  ASP 33  33  33  ASP ASP A . n 
A 1 34  TRP 34  34  34  TRP TRP A . n 
A 1 35  ASP 35  35  35  ASP ASP A . n 
A 1 36  PRO 36  36  36  PRO PRO A . n 
A 1 37  THR 37  37  37  THR THR A . n 
A 1 38  CYS 38  38  38  CYS CYS A . n 
A 1 39  MET 39  39  39  MET MET A . n 
A 1 40  LYS 40  40  40  LYS LYS A . n 
A 1 41  MET 41  41  41  MET MET A . n 
A 1 42  ASP 42  42  42  ASP ASP A . n 
A 1 43  GLU 43  43  43  GLU GLU A . n 
A 1 44  VAL 44  44  44  VAL VAL A . n 
A 1 45  LEU 45  45  45  LEU LEU A . n 
A 1 46  TYR 46  46  46  TYR TYR A . n 
A 1 47  SER 47  47  47  SER SER A . n 
A 1 48  ILE 48  48  48  ILE ILE A . n 
A 1 49  ALA 49  49  49  ALA ALA A . n 
A 1 50  GLU 50  50  50  GLU GLU A . n 
A 1 51  LYS 51  51  51  LYS LYS A . n 
A 1 52  VAL 52  52  52  VAL VAL A . n 
A 1 53  LYS 53  53  53  LYS LYS A . n 
A 1 54  ASN 54  54  54  ASN ASN A . n 
A 1 55  PHE 55  55  55  PHE PHE A . n 
A 1 56  ALA 56  56  56  ALA ALA A . n 
A 1 57  VAL 57  57  57  VAL VAL A . n 
A 1 58  ILE 58  58  58  ILE ILE A . n 
A 1 59  TYR 59  59  59  TYR TYR A . n 
A 1 60  LEU 60  60  60  LEU LEU A . n 
A 1 61  VAL 61  61  61  VAL VAL A . n 
A 1 62  ASP 62  62  62  ASP ASP A . n 
A 1 63  ILE 63  63  63  ILE ILE A . n 
A 1 64  THR 64  64  64  THR THR A . n 
A 1 65  GLU 65  65  65  GLU GLU A . n 
A 1 66  VAL 66  66  66  VAL VAL A . n 
A 1 67  PRO 67  67  67  PRO PRO A . n 
A 1 68  ASP 68  68  68  ASP ASP A . n 
A 1 69  PHE 69  69  69  PHE PHE A . n 
A 1 70  ASN 70  70  70  ASN ASN A . n 
A 1 71  LYS 71  71  71  LYS LYS A . n 
A 1 72  MET 72  72  72  MET MET A . n 
A 1 73  TYR 73  73  73  TYR TYR A . n 
A 1 74  GLU 74  74  74  GLU GLY A . n 
A 1 75  LEU 75  75  75  LEU LEU A . n 
A 1 76  TYR 76  76  76  TYR GLY A . n 
A 1 77  ASP 77  77  77  ASP GLY A . n 
A 1 78  PRO 78  78  78  PRO PRO A . n 
A 1 79  CYS 79  79  79  CYS CYS A . n 
A 1 80  THR 80  80  80  THR THR A . n 
A 1 81  VAL 81  81  81  VAL VAL A . n 
A 1 82  MET 82  82  82  MET MET A . n 
A 1 83  PHE 83  83  83  PHE PHE A . n 
A 1 84  PHE 84  84  84  PHE PHE A . n 
A 1 85  PHE 85  85  85  PHE PHE A . n 
A 1 86  ARG 86  86  86  ARG ARG A . n 
A 1 87  ASN 87  87  87  ASN ASN A . n 
A 1 88  LYS 88  88  88  LYS LYS A . n 
A 1 89  HIS 89  89  89  HIS HIS A . n 
A 1 90  ILE 90  90  90  ILE ILE A . n 
A 1 91  MET 91  91  91  MET MET A . n 
A 1 92  ILE 92  92  92  ILE ILE A . n 
A 1 93  ASP 93  93  93  ASP ASP A . n 
A 1 94  LEU 94  94  94  LEU LEU A . n 
A 1 95  GLY 95  95  95  GLY GLY A . n 
A 1 96  THR 96  96  ?   ?   ?   A . n 
A 1 97  GLY 97  97  ?   ?   ?   A . n 
A 1 98  ASN 98  98  ?   ?   ?   A . n 
A 1 99  ASN 99  99  ?   ?   ?   A . n 
A 1 100 ASN 100 100 ?   ?   ?   A . n 
A 1 101 LYS 101 101 ?   ?   ?   A . n 
A 1 102 ILE 102 102 102 ILE ILE A . n 
A 1 103 ASN 103 103 103 ASN ASN A . n 
A 1 104 TRP 104 104 104 TRP TRP A . n 
A 1 105 ALA 105 105 105 ALA ALA A . n 
A 1 106 MET 106 106 106 MET MET A . n 
A 1 107 GLU 107 107 107 GLU GLU A . n 
A 1 108 ASP 108 108 108 ASP ASP A . n 
A 1 109 LYS 109 109 109 LYS LYS A . n 
A 1 110 GLN 110 110 110 GLN GLN A . n 
A 1 111 GLU 111 111 111 GLU GLU A . n 
A 1 112 MET 112 112 112 MET MET A . n 
A 1 113 VAL 113 113 113 VAL VAL A . n 
A 1 114 ASP 114 114 114 ASP ASP A . n 
A 1 115 ILE 115 115 115 ILE ILE A . n 
A 1 116 ILE 116 116 116 ILE ILE A . n 
A 1 117 GLU 117 117 117 GLU GLU A . n 
A 1 118 THR 118 118 118 THR THR A . n 
A 1 119 VAL 119 119 119 VAL VAL A . n 
A 1 120 TYR 120 120 120 TYR TYR A . n 
A 1 121 ARG 121 121 121 ARG ARG A . n 
A 1 122 GLY 122 122 122 GLY GLY A . n 
A 1 123 ALA 123 123 123 ALA ALA A . n 
A 1 124 ARG 124 124 124 ARG ARG A . n 
A 1 125 LYS 125 125 125 LYS LYS A . n 
A 1 126 GLY 126 126 126 GLY GLY A . n 
A 1 127 ARG 127 127 127 ARG ARG A . n 
A 1 128 GLY 128 128 128 GLY GLY A . n 
A 1 129 LEU 129 129 129 LEU LEU A . n 
A 1 130 VAL 130 130 130 VAL VAL A . n 
A 1 131 VAL 131 131 131 VAL VAL A . n 
A 1 132 SER 132 132 132 SER SER A . n 
A 1 133 PRO 133 133 133 PRO PRO A . n 
A 1 134 LYS 134 134 134 LYS LYS A . n 
A 1 135 ASP 135 135 135 ASP ASP A . n 
A 1 136 TYR 136 136 136 TYR TYR A . n 
A 1 137 SER 137 137 137 SER SER A . n 
A 1 138 THR 138 138 137 THR SER A . n 
A 1 139 LYS 139 139 ?   ?   ?   A . n 
A 1 140 TYR 140 140 ?   ?   ?   A . n 
A 1 141 ARG 141 141 ?   ?   ?   A . n 
A 1 142 TYR 142 142 ?   ?   ?   A . n 
# 
loop_
_pdbx_nonpoly_scheme.asym_id 
_pdbx_nonpoly_scheme.entity_id 
_pdbx_nonpoly_scheme.mon_id 
_pdbx_nonpoly_scheme.ndb_seq_num 
_pdbx_nonpoly_scheme.pdb_seq_num 
_pdbx_nonpoly_scheme.auth_seq_num 
_pdbx_nonpoly_scheme.pdb_mon_id 
_pdbx_nonpoly_scheme.auth_mon_id 
_pdbx_nonpoly_scheme.pdb_strand_id 
_pdbx_nonpoly_scheme.pdb_ins_code 
B 2 HOH 1   143 1   HOH HOH A . 
B 2 HOH 2   144 2   HOH HOH A . 
B 2 HOH 3   145 3   HOH HOH A . 
B 2 HOH 4   146 4   HOH HOH A . 
B 2 HOH 5   147 5   HOH HOH A . 
B 2 HOH 6   148 6   HOH HOH A . 
B 2 HOH 7   149 7   HOH HOH A . 
B 2 HOH 8   150 8   HOH HOH A . 
B 2 HOH 9   151 9   HOH HOH A . 
B 2 HOH 10  152 10  HOH HOH A . 
B 2 HOH 11  153 11  HOH HOH A . 
B 2 HOH 12  154 12  HOH HOH A . 
B 2 HOH 13  155 13  HOH HOH A . 
B 2 HOH 14  156 14  HOH HOH A . 
B 2 HOH 15  157 15  HOH HOH A . 
B 2 HOH 16  158 16  HOH HOH A . 
B 2 HOH 17  159 17  HOH HOH A . 
B 2 HOH 18  160 18  HOH HOH A . 
B 2 HOH 19  161 19  HOH HOH A . 
B 2 HOH 20  162 20  HOH HOH A . 
B 2 HOH 21  163 21  HOH HOH A . 
B 2 HOH 22  164 22  HOH HOH A . 
B 2 HOH 23  165 23  HOH HOH A . 
B 2 HOH 24  166 24  HOH HOH A . 
B 2 HOH 25  167 25  HOH HOH A . 
B 2 HOH 26  168 26  HOH HOH A . 
B 2 HOH 27  169 27  HOH HOH A . 
B 2 HOH 28  170 28  HOH HOH A . 
B 2 HOH 29  171 29  HOH HOH A . 
B 2 HOH 30  172 30  HOH HOH A . 
B 2 HOH 31  173 31  HOH HOH A . 
B 2 HOH 32  174 32  HOH HOH A . 
B 2 HOH 33  175 33  HOH HOH A . 
B 2 HOH 34  176 34  HOH HOH A . 
B 2 HOH 35  177 35  HOH HOH A . 
B 2 HOH 36  178 36  HOH HOH A . 
B 2 HOH 37  179 37  HOH HOH A . 
B 2 HOH 38  180 38  HOH HOH A . 
B 2 HOH 39  181 39  HOH HOH A . 
B 2 HOH 40  182 40  HOH HOH A . 
B 2 HOH 41  183 41  HOH HOH A . 
B 2 HOH 42  184 42  HOH HOH A . 
B 2 HOH 43  185 43  HOH HOH A . 
B 2 HOH 44  186 44  HOH HOH A . 
B 2 HOH 45  187 45  HOH HOH A . 
B 2 HOH 46  188 46  HOH HOH A . 
B 2 HOH 47  189 47  HOH HOH A . 
B 2 HOH 48  190 48  HOH HOH A . 
B 2 HOH 49  191 49  HOH HOH A . 
B 2 HOH 50  192 50  HOH HOH A . 
B 2 HOH 51  193 51  HOH HOH A . 
B 2 HOH 52  194 52  HOH HOH A . 
B 2 HOH 53  195 53  HOH HOH A . 
B 2 HOH 54  196 54  HOH HOH A . 
B 2 HOH 55  197 55  HOH HOH A . 
B 2 HOH 56  198 56  HOH HOH A . 
B 2 HOH 57  199 57  HOH HOH A . 
B 2 HOH 58  200 58  HOH HOH A . 
B 2 HOH 59  201 59  HOH HOH A . 
B 2 HOH 60  202 60  HOH HOH A . 
B 2 HOH 61  203 61  HOH HOH A . 
B 2 HOH 62  204 62  HOH HOH A . 
B 2 HOH 63  205 63  HOH HOH A . 
B 2 HOH 64  206 64  HOH HOH A . 
B 2 HOH 65  207 65  HOH HOH A . 
B 2 HOH 66  208 66  HOH HOH A . 
B 2 HOH 67  209 67  HOH HOH A . 
B 2 HOH 68  210 68  HOH HOH A . 
B 2 HOH 69  211 69  HOH HOH A . 
B 2 HOH 70  212 70  HOH HOH A . 
B 2 HOH 71  213 71  HOH HOH A . 
B 2 HOH 72  214 72  HOH HOH A . 
B 2 HOH 73  215 73  HOH HOH A . 
B 2 HOH 74  216 74  HOH HOH A . 
B 2 HOH 75  217 75  HOH HOH A . 
B 2 HOH 76  218 76  HOH HOH A . 
B 2 HOH 77  219 77  HOH HOH A . 
B 2 HOH 78  220 78  HOH HOH A . 
B 2 HOH 79  221 79  HOH HOH A . 
B 2 HOH 80  222 80  HOH HOH A . 
B 2 HOH 81  223 81  HOH HOH A . 
B 2 HOH 82  224 82  HOH HOH A . 
B 2 HOH 83  225 83  HOH HOH A . 
B 2 HOH 84  226 84  HOH HOH A . 
B 2 HOH 85  227 85  HOH HOH A . 
B 2 HOH 86  228 86  HOH HOH A . 
B 2 HOH 87  229 87  HOH HOH A . 
B 2 HOH 88  230 88  HOH HOH A . 
B 2 HOH 89  231 89  HOH HOH A . 
B 2 HOH 90  232 90  HOH HOH A . 
B 2 HOH 91  233 91  HOH HOH A . 
B 2 HOH 92  234 92  HOH HOH A . 
B 2 HOH 93  235 93  HOH HOH A . 
B 2 HOH 94  236 94  HOH HOH A . 
B 2 HOH 95  237 95  HOH HOH A . 
B 2 HOH 96  238 96  HOH HOH A . 
B 2 HOH 97  239 97  HOH HOH A . 
B 2 HOH 98  240 98  HOH HOH A . 
B 2 HOH 99  241 99  HOH HOH A . 
B 2 HOH 100 242 100 HOH HOH A . 
B 2 HOH 101 243 101 HOH HOH A . 
B 2 HOH 102 244 102 HOH HOH A . 
B 2 HOH 103 245 103 HOH HOH A . 
B 2 HOH 104 246 104 HOH HOH A . 
B 2 HOH 105 247 105 HOH HOH A . 
B 2 HOH 106 248 106 HOH HOH A . 
B 2 HOH 107 249 107 HOH HOH A . 
B 2 HOH 108 250 108 HOH HOH A . 
B 2 HOH 109 251 109 HOH HOH A . 
B 2 HOH 110 252 110 HOH HOH A . 
B 2 HOH 111 253 111 HOH HOH A . 
B 2 HOH 112 254 112 HOH HOH A . 
B 2 HOH 113 255 113 HOH HOH A . 
B 2 HOH 114 256 114 HOH HOH A . 
B 2 HOH 115 257 115 HOH HOH A . 
B 2 HOH 116 258 116 HOH HOH A . 
B 2 HOH 117 259 117 HOH HOH A . 
B 2 HOH 118 260 118 HOH HOH A . 
B 2 HOH 119 261 119 HOH HOH A . 
B 2 HOH 120 262 120 HOH HOH A . 
B 2 HOH 121 263 121 HOH HOH A . 
B 2 HOH 122 264 122 HOH HOH A . 
B 2 HOH 123 265 123 HOH HOH A . 
B 2 HOH 124 266 124 HOH HOH A . 
B 2 HOH 125 267 125 HOH HOH A . 
B 2 HOH 126 268 126 HOH HOH A . 
B 2 HOH 127 269 127 HOH HOH A . 
B 2 HOH 128 270 128 HOH HOH A . 
B 2 HOH 129 271 129 HOH HOH A . 
B 2 HOH 130 272 130 HOH HOH A . 
B 2 HOH 131 273 131 HOH HOH A . 
B 2 HOH 132 274 132 HOH HOH A . 
B 2 HOH 133 275 133 HOH HOH A . 
B 2 HOH 134 276 134 HOH HOH A . 
B 2 HOH 135 277 135 HOH HOH A . 
B 2 HOH 136 278 136 HOH HOH A . 
B 2 HOH 137 279 137 HOH HOH A . 
B 2 HOH 138 280 138 HOH HOH A . 
B 2 HOH 139 281 139 HOH HOH A . 
B 2 HOH 140 282 140 HOH HOH A . 
B 2 HOH 141 283 141 HOH HOH A . 
B 2 HOH 142 284 142 HOH HOH A . 
B 2 HOH 143 285 143 HOH HOH A . 
B 2 HOH 144 286 144 HOH HOH A . 
# 
loop_
_pdbx_unobs_or_zero_occ_atoms.id 
_pdbx_unobs_or_zero_occ_atoms.PDB_model_num 
_pdbx_unobs_or_zero_occ_atoms.polymer_flag 
_pdbx_unobs_or_zero_occ_atoms.occupancy_flag 
_pdbx_unobs_or_zero_occ_atoms.auth_asym_id 
_pdbx_unobs_or_zero_occ_atoms.auth_comp_id 
_pdbx_unobs_or_zero_occ_atoms.auth_seq_id 
_pdbx_unobs_or_zero_occ_atoms.PDB_ins_code 
_pdbx_unobs_or_zero_occ_atoms.auth_atom_id 
_pdbx_unobs_or_zero_occ_atoms.label_alt_id 
_pdbx_unobs_or_zero_occ_atoms.label_asym_id 
_pdbx_unobs_or_zero_occ_atoms.label_comp_id 
_pdbx_unobs_or_zero_occ_atoms.label_seq_id 
_pdbx_unobs_or_zero_occ_atoms.label_atom_id 
1  1 Y 1 A SER 2   ? OG  ? A SER 2   OG  
2  1 Y 1 A TYR 3   ? CG  ? A TYR 3   CG  
3  1 Y 1 A TYR 3   ? CD1 ? A TYR 3   CD1 
4  1 Y 1 A TYR 3   ? CD2 ? A TYR 3   CD2 
5  1 Y 1 A TYR 3   ? CE1 ? A TYR 3   CE1 
6  1 Y 1 A TYR 3   ? CE2 ? A TYR 3   CE2 
7  1 Y 1 A TYR 3   ? CZ  ? A TYR 3   CZ  
8  1 Y 1 A TYR 3   ? OH  ? A TYR 3   OH  
9  1 Y 1 A GLU 74  ? CB  ? A GLU 74  CB  
10 1 Y 1 A GLU 74  ? CG  ? A GLU 74  CG  
11 1 Y 1 A GLU 74  ? CD  ? A GLU 74  CD  
12 1 Y 1 A GLU 74  ? OE1 ? A GLU 74  OE1 
13 1 Y 1 A GLU 74  ? OE2 ? A GLU 74  OE2 
14 1 Y 1 A TYR 76  ? CB  ? A TYR 76  CB  
15 1 Y 1 A TYR 76  ? CG  ? A TYR 76  CG  
16 1 Y 1 A TYR 76  ? CD1 ? A TYR 76  CD1 
17 1 Y 1 A TYR 76  ? CD2 ? A TYR 76  CD2 
18 1 Y 1 A TYR 76  ? CE1 ? A TYR 76  CE1 
19 1 Y 1 A TYR 76  ? CE2 ? A TYR 76  CE2 
20 1 Y 1 A TYR 76  ? CZ  ? A TYR 76  CZ  
21 1 Y 1 A TYR 76  ? OH  ? A TYR 76  OH  
22 1 Y 1 A ASP 77  ? CB  ? A ASP 77  CB  
23 1 Y 1 A ASP 77  ? CG  ? A ASP 77  CG  
24 1 Y 1 A ASP 77  ? OD1 ? A ASP 77  OD1 
25 1 Y 1 A ASP 77  ? OD2 ? A ASP 77  OD2 
26 1 Y 1 A THR 138 ? CA  ? A THR 138 CA  
27 1 Y 1 A THR 138 ? C   ? A THR 138 C   
28 1 Y 1 A THR 138 ? O   ? A THR 138 O   
29 1 Y 1 A THR 138 ? CB  ? A THR 138 CB  
30 1 Y 1 A THR 138 ? OG1 ? A THR 138 OG1 
31 1 Y 1 A THR 138 ? CG2 ? A THR 138 CG2 
# 
loop_
_software.name 
_software.classification 
_software.version 
_software.citation_id 
_software.pdbx_ordinal 
DENZO     'data reduction' .     ? 1 
SCALEPACK 'data scaling'   .     ? 2 
MLPHARE   phasing          .     ? 3 
SHARP     phasing          .     ? 4 
X-PLOR    refinement       3.851 ? 5 
# 
_cell.entry_id           1QGV 
_cell.length_a           61.225 
_cell.length_b           65.092 
_cell.length_c           36.275 
_cell.angle_alpha        90.00 
_cell.angle_beta         90.00 
_cell.angle_gamma        90.00 
_cell.Z_PDB              4 
_cell.pdbx_unique_axis   ? 
# 
_symmetry.entry_id                         1QGV 
_symmetry.space_group_name_H-M             'P 21 21 2' 
_symmetry.pdbx_full_space_group_name_H-M   ? 
_symmetry.cell_setting                     orthorhombic 
_symmetry.Int_Tables_number                18 
# 
_exptl.entry_id          1QGV 
_exptl.method            'X-RAY DIFFRACTION' 
_exptl.crystals_number   1 
# 
_exptl_crystal.id                    1 
_exptl_crystal.density_meas          ? 
_exptl_crystal.density_Matthews      2.2 
_exptl_crystal.density_percent_sol   44 
_exptl_crystal.description           ? 
# 
_exptl_crystal_grow.crystal_id      1 
_exptl_crystal_grow.method          'VAPOR DIFFUSION, HANGING DROP' 
_exptl_crystal_grow.temp            294 
_exptl_crystal_grow.temp_details    ? 
_exptl_crystal_grow.pH              7.6 
_exptl_crystal_grow.pdbx_details    '1.0 M AMMONIUM SULPHATE 0.2 M HEPES/NAOH, PH 7.6 AT 294 K, VAPOR DIFFUSION, HANGING DROP' 
_exptl_crystal_grow.pdbx_pH_range   ? 
# 
_diffrn.id                     1 
_diffrn.ambient_temp           120 
_diffrn.ambient_temp_details   ? 
_diffrn.crystal_id             1 
# 
_diffrn_detector.diffrn_id              1 
_diffrn_detector.detector               'IMAGE PLATE' 
_diffrn_detector.type                   MARRESEARCH 
_diffrn_detector.pdbx_collection_date   1997-12-15 
_diffrn_detector.details                ? 
# 
_diffrn_radiation.diffrn_id                        1 
_diffrn_radiation.wavelength_id                    1 
_diffrn_radiation.pdbx_monochromatic_or_laue_m_l   M 
_diffrn_radiation.monochromator                    ? 
_diffrn_radiation.pdbx_diffrn_protocol             'SINGLE WAVELENGTH' 
_diffrn_radiation.pdbx_scattering_type             x-ray 
# 
_diffrn_radiation_wavelength.id           1 
_diffrn_radiation_wavelength.wavelength   0.8856 
_diffrn_radiation_wavelength.wt           1.0 
# 
_diffrn_source.diffrn_id                   1 
_diffrn_source.source                      SYNCHROTRON 
_diffrn_source.type                        'ESRF BEAMLINE BM14' 
_diffrn_source.pdbx_synchrotron_site       ESRF 
_diffrn_source.pdbx_synchrotron_beamline   BM14 
_diffrn_source.pdbx_wavelength             0.8856 
_diffrn_source.pdbx_wavelength_list        ? 
# 
_reflns.entry_id                     1QGV 
_reflns.observed_criterion_sigma_I   ? 
_reflns.observed_criterion_sigma_F   ? 
_reflns.d_resolution_low             30.0 
_reflns.d_resolution_high            1.40 
_reflns.number_obs                   28054 
_reflns.number_all                   ? 
_reflns.percent_possible_obs         95.2 
_reflns.pdbx_Rmerge_I_obs            ? 
_reflns.pdbx_Rsym_value              0.029 
_reflns.pdbx_netI_over_sigmaI        ? 
_reflns.B_iso_Wilson_estimate        ? 
_reflns.pdbx_redundancy              13.6 
_reflns.R_free_details               ? 
_reflns.limit_h_max                  ? 
_reflns.limit_h_min                  ? 
_reflns.limit_k_max                  ? 
_reflns.limit_k_min                  ? 
_reflns.limit_l_max                  ? 
_reflns.limit_l_min                  ? 
_reflns.observed_criterion_F_max     ? 
_reflns.observed_criterion_F_min     ? 
_reflns.pdbx_diffrn_id               1 
_reflns.pdbx_ordinal                 1 
# 
_reflns_shell.d_res_high             1.40 
_reflns_shell.d_res_low              1.43 
_reflns_shell.percent_possible_all   86.1 
_reflns_shell.Rmerge_I_obs           ? 
_reflns_shell.pdbx_Rsym_value        0.265 
_reflns_shell.meanI_over_sigI_obs    ? 
_reflns_shell.pdbx_redundancy        ? 
_reflns_shell.percent_possible_obs   ? 
_reflns_shell.number_unique_all      ? 
_reflns_shell.pdbx_diffrn_id         ? 
_reflns_shell.pdbx_ordinal           1 
# 
_refine.entry_id                                 1QGV 
_refine.ls_number_reflns_obs                     27623 
_refine.ls_number_reflns_all                     ? 
_refine.pdbx_ls_sigma_I                          ? 
_refine.pdbx_ls_sigma_F                          2.0 
_refine.pdbx_data_cutoff_high_absF               1000000 
_refine.pdbx_data_cutoff_low_absF                0.001 
_refine.pdbx_data_cutoff_high_rms_absF           ? 
_refine.ls_d_res_low                             20.0 
_refine.ls_d_res_high                            1.40 
_refine.ls_percent_reflns_obs                    94.4 
_refine.ls_R_factor_obs                          ? 
_refine.ls_R_factor_all                          ? 
_refine.ls_R_factor_R_work                       0.216 
_refine.ls_R_factor_R_free                       0.269 
_refine.ls_R_factor_R_free_error                 ? 
_refine.ls_R_factor_R_free_error_details         ? 
_refine.ls_percent_reflns_R_free                 4.57 
_refine.ls_number_reflns_R_free                  ? 
_refine.ls_number_parameters                     ? 
_refine.ls_number_restraints                     ? 
_refine.occupancy_min                            ? 
_refine.occupancy_max                            ? 
_refine.B_iso_mean                               27.9 
_refine.aniso_B[1][1]                            ? 
_refine.aniso_B[2][2]                            ? 
_refine.aniso_B[3][3]                            ? 
_refine.aniso_B[1][2]                            ? 
_refine.aniso_B[1][3]                            ? 
_refine.aniso_B[2][3]                            ? 
_refine.solvent_model_details                    ? 
_refine.solvent_model_param_ksol                 ? 
_refine.solvent_model_param_bsol                 ? 
_refine.pdbx_ls_cross_valid_method               THROUGHOUT 
_refine.details                                  ? 
_refine.pdbx_starting_model                      ? 
_refine.pdbx_method_to_determine_struct          MAD 
_refine.pdbx_isotropic_thermal_model             RESTRAINED 
_refine.pdbx_stereochemistry_target_values       ? 
_refine.pdbx_stereochem_target_val_spec_case     ? 
_refine.pdbx_R_Free_selection_details            RANDOM 
_refine.pdbx_overall_ESU_R                       ? 
_refine.pdbx_overall_ESU_R_Free                  ? 
_refine.overall_SU_ML                            ? 
_refine.overall_SU_B                             ? 
_refine.ls_redundancy_reflns_obs                 ? 
_refine.B_iso_min                                ? 
_refine.B_iso_max                                ? 
_refine.pdbx_refine_id                           'X-RAY DIFFRACTION' 
_refine.pdbx_diffrn_id                           1 
_refine.pdbx_TLS_residual_ADP_flag               ? 
_refine.correlation_coeff_Fo_to_Fc               ? 
_refine.correlation_coeff_Fo_to_Fc_free          ? 
_refine.pdbx_solvent_vdw_probe_radii             ? 
_refine.pdbx_solvent_ion_probe_radii             ? 
_refine.pdbx_solvent_shrinkage_radii             ? 
_refine.pdbx_overall_phase_error                 ? 
_refine.overall_SU_R_Cruickshank_DPI             ? 
_refine.pdbx_overall_SU_R_free_Cruickshank_DPI   ? 
_refine.pdbx_overall_SU_R_Blow_DPI               ? 
_refine.pdbx_overall_SU_R_free_Blow_DPI          ? 
# 
_refine_hist.pdbx_refine_id                   'X-RAY DIFFRACTION' 
_refine_hist.cycle_id                         LAST 
_refine_hist.pdbx_number_atoms_protein        1050 
_refine_hist.pdbx_number_atoms_nucleic_acid   0 
_refine_hist.pdbx_number_atoms_ligand         0 
_refine_hist.number_atoms_solvent             144 
_refine_hist.number_atoms_total               1194 
_refine_hist.d_res_high                       1.40 
_refine_hist.d_res_low                        20.0 
# 
loop_
_refine_ls_restr.type 
_refine_ls_restr.dev_ideal 
_refine_ls_restr.dev_ideal_target 
_refine_ls_restr.weight 
_refine_ls_restr.number 
_refine_ls_restr.pdbx_refine_id 
_refine_ls_restr.pdbx_restraint_function 
x_bond_d                0.013 ?    ? ? 'X-RAY DIFFRACTION' ? 
x_bond_d_na             ?     ?    ? ? 'X-RAY DIFFRACTION' ? 
x_bond_d_prot           ?     ?    ? ? 'X-RAY DIFFRACTION' ? 
x_angle_d               ?     ?    ? ? 'X-RAY DIFFRACTION' ? 
x_angle_d_na            ?     ?    ? ? 'X-RAY DIFFRACTION' ? 
x_angle_d_prot          ?     ?    ? ? 'X-RAY DIFFRACTION' ? 
x_angle_deg             1.63  ?    ? ? 'X-RAY DIFFRACTION' ? 
x_angle_deg_na          ?     ?    ? ? 'X-RAY DIFFRACTION' ? 
x_angle_deg_prot        ?     ?    ? ? 'X-RAY DIFFRACTION' ? 
x_dihedral_angle_d      26.7  ?    ? ? 'X-RAY DIFFRACTION' ? 
x_dihedral_angle_d_na   ?     ?    ? ? 'X-RAY DIFFRACTION' ? 
x_dihedral_angle_d_prot ?     ?    ? ? 'X-RAY DIFFRACTION' ? 
x_improper_angle_d      0.839 ?    ? ? 'X-RAY DIFFRACTION' ? 
x_improper_angle_d_na   ?     ?    ? ? 'X-RAY DIFFRACTION' ? 
x_improper_angle_d_prot ?     ?    ? ? 'X-RAY DIFFRACTION' ? 
x_mcbond_it             1.76  1.50 ? ? 'X-RAY DIFFRACTION' ? 
x_mcangle_it            3.87  2.00 ? ? 'X-RAY DIFFRACTION' ? 
x_scbond_it             2.96  2.00 ? ? 'X-RAY DIFFRACTION' ? 
x_scangle_it            4.89  2.50 ? ? 'X-RAY DIFFRACTION' ? 
# 
_refine_ls_shell.pdbx_total_number_of_bins_used   8 
_refine_ls_shell.d_res_high                       1.40 
_refine_ls_shell.d_res_low                        1.46 
_refine_ls_shell.number_reflns_R_work             2997 
_refine_ls_shell.R_factor_R_work                  0.324 
_refine_ls_shell.percent_reflns_obs               87.3 
_refine_ls_shell.R_factor_R_free                  0.307 
_refine_ls_shell.R_factor_R_free_error            ? 
_refine_ls_shell.percent_reflns_R_free            3.84 
_refine_ls_shell.number_reflns_R_free             138 
_refine_ls_shell.redundancy_reflns_obs            ? 
_refine_ls_shell.number_reflns_all                ? 
_refine_ls_shell.number_reflns_obs                ? 
_refine_ls_shell.pdbx_refine_id                   'X-RAY DIFFRACTION' 
_refine_ls_shell.R_factor_all                     ? 
# 
_pdbx_xplor_file.serial_no        1 
_pdbx_xplor_file.param_file       PROTEIN_REP.PARAM 
_pdbx_xplor_file.topol_file       TOPHCSDX.PRO 
_pdbx_xplor_file.pdbx_refine_id   'X-RAY DIFFRACTION' 
# 
_struct.entry_id                  1QGV 
_struct.title                     'HUMAN SPLICEOSOMAL PROTEIN U5-15KD' 
_struct.pdbx_model_details        ? 
_struct.pdbx_CASP_flag            ? 
_struct.pdbx_model_type_details   ? 
# 
_struct_keywords.entry_id        1QGV 
_struct_keywords.pdbx_keywords   TRANSCRIPTION 
_struct_keywords.text            'SPLICEOSOMAL PROTEIN, SNRNP, THIOREDOXIN, TRANSCRIPTION' 
# 
loop_
_struct_asym.id 
_struct_asym.pdbx_blank_PDB_chainid_flag 
_struct_asym.pdbx_modified 
_struct_asym.entity_id 
_struct_asym.details 
A N N 1 ? 
B N N 2 ? 
# 
_struct_ref.id                         1 
_struct_ref.db_name                    UNP 
_struct_ref.db_code                    TXN4A_HUMAN 
_struct_ref.entity_id                  1 
_struct_ref.pdbx_db_accession          P83876 
_struct_ref.pdbx_align_begin           ? 
_struct_ref.pdbx_seq_one_letter_code   ? 
_struct_ref.pdbx_db_isoform            ? 
# 
_struct_ref_seq.align_id                      1 
_struct_ref_seq.ref_id                        1 
_struct_ref_seq.pdbx_PDB_id_code              1QGV 
_struct_ref_seq.pdbx_strand_id                A 
_struct_ref_seq.seq_align_beg                 1 
_struct_ref_seq.pdbx_seq_align_beg_ins_code   ? 
_struct_ref_seq.seq_align_end                 142 
_struct_ref_seq.pdbx_seq_align_end_ins_code   ? 
_struct_ref_seq.pdbx_db_accession             P83876 
_struct_ref_seq.db_align_beg                  1 
_struct_ref_seq.pdbx_db_align_beg_ins_code    ? 
_struct_ref_seq.db_align_end                  142 
_struct_ref_seq.pdbx_db_align_end_ins_code    ? 
_struct_ref_seq.pdbx_auth_seq_align_beg       1 
_struct_ref_seq.pdbx_auth_seq_align_end       142 
# 
_pdbx_struct_assembly.id                   1 
_pdbx_struct_assembly.details              author_defined_assembly 
_pdbx_struct_assembly.method_details       ? 
_pdbx_struct_assembly.oligomeric_details   monomeric 
_pdbx_struct_assembly.oligomeric_count     1 
# 
_pdbx_struct_assembly_gen.assembly_id       1 
_pdbx_struct_assembly_gen.oper_expression   1 
_pdbx_struct_assembly_gen.asym_id_list      A,B 
# 
_pdbx_struct_oper_list.id                   1 
_pdbx_struct_oper_list.type                 'identity operation' 
_pdbx_struct_oper_list.name                 1_555 
_pdbx_struct_oper_list.symmetry_operation   x,y,z 
_pdbx_struct_oper_list.matrix[1][1]         1.0000000000 
_pdbx_struct_oper_list.matrix[1][2]         0.0000000000 
_pdbx_struct_oper_list.matrix[1][3]         0.0000000000 
_pdbx_struct_oper_list.vector[1]            0.0000000000 
_pdbx_struct_oper_list.matrix[2][1]         0.0000000000 
_pdbx_struct_oper_list.matrix[2][2]         1.0000000000 
_pdbx_struct_oper_list.matrix[2][3]         0.0000000000 
_pdbx_struct_oper_list.vector[2]            0.0000000000 
_pdbx_struct_oper_list.matrix[3][1]         0.0000000000 
_pdbx_struct_oper_list.matrix[3][2]         0.0000000000 
_pdbx_struct_oper_list.matrix[3][3]         1.0000000000 
_pdbx_struct_oper_list.vector[3]            0.0000000000 
# 
_struct_biol.id   1 
# 
loop_
_struct_conf.conf_type_id 
_struct_conf.id 
_struct_conf.pdbx_PDB_helix_id 
_struct_conf.beg_label_comp_id 
_struct_conf.beg_label_asym_id 
_struct_conf.beg_label_seq_id 
_struct_conf.pdbx_beg_PDB_ins_code 
_struct_conf.end_label_comp_id 
_struct_conf.end_label_asym_id 
_struct_conf.end_label_seq_id 
_struct_conf.pdbx_end_PDB_ins_code 
_struct_conf.beg_auth_comp_id 
_struct_conf.beg_auth_asym_id 
_struct_conf.beg_auth_seq_id 
_struct_conf.end_auth_comp_id 
_struct_conf.end_auth_asym_id 
_struct_conf.end_auth_seq_id 
_struct_conf.pdbx_PDB_helix_class 
_struct_conf.details 
_struct_conf.pdbx_PDB_helix_length 
HELX_P HELX_P1 1 GLY A 11  ? LEU A 19  ? GLY A 11  LEU A 19  1 ? 9  
HELX_P HELX_P2 2 PRO A 36  ? ILE A 48  ? PRO A 36  ILE A 48  1 ? 13 
HELX_P HELX_P3 3 LYS A 109 ? LYS A 125 ? LYS A 109 LYS A 125 1 ? 17 
# 
_struct_conf_type.id          HELX_P 
_struct_conf_type.criteria    ? 
_struct_conf_type.reference   ? 
# 
_struct_conn.id                            disulf1 
_struct_conn.conn_type_id                  disulf 
_struct_conn.pdbx_leaving_atom_flag        ? 
_struct_conn.pdbx_PDB_id                   ? 
_struct_conn.ptnr1_label_asym_id           A 
_struct_conn.ptnr1_label_comp_id           CYS 
_struct_conn.ptnr1_label_seq_id            38 
_struct_conn.ptnr1_label_atom_id           SG 
_struct_conn.pdbx_ptnr1_label_alt_id       ? 
_struct_conn.pdbx_ptnr1_PDB_ins_code       ? 
_struct_conn.pdbx_ptnr1_standard_comp_id   ? 
_struct_conn.ptnr1_symmetry                1_555 
_struct_conn.ptnr2_label_asym_id           A 
_struct_conn.ptnr2_label_comp_id           CYS 
_struct_conn.ptnr2_label_seq_id            79 
_struct_conn.ptnr2_label_atom_id           SG 
_struct_conn.pdbx_ptnr2_label_alt_id       ? 
_struct_conn.pdbx_ptnr2_PDB_ins_code       ? 
_struct_conn.ptnr1_auth_asym_id            A 
_struct_conn.ptnr1_auth_comp_id            CYS 
_struct_conn.ptnr1_auth_seq_id             38 
_struct_conn.ptnr2_auth_asym_id            A 
_struct_conn.ptnr2_auth_comp_id            CYS 
_struct_conn.ptnr2_auth_seq_id             79 
_struct_conn.ptnr2_symmetry                1_555 
_struct_conn.pdbx_ptnr3_label_atom_id      ? 
_struct_conn.pdbx_ptnr3_label_seq_id       ? 
_struct_conn.pdbx_ptnr3_label_comp_id      ? 
_struct_conn.pdbx_ptnr3_label_asym_id      ? 
_struct_conn.pdbx_ptnr3_label_alt_id       ? 
_struct_conn.pdbx_ptnr3_PDB_ins_code       ? 
_struct_conn.details                       ? 
_struct_conn.pdbx_dist_value               2.052 
_struct_conn.pdbx_value_order              ? 
_struct_conn.pdbx_role                     ? 
# 
_struct_conn_type.id          disulf 
_struct_conn_type.criteria    ? 
_struct_conn_type.reference   ? 
# 
_pdbx_modification_feature.ordinal                            1 
_pdbx_modification_feature.label_comp_id                      CYS 
_pdbx_modification_feature.label_asym_id                      A 
_pdbx_modification_feature.label_seq_id                       38 
_pdbx_modification_feature.label_alt_id                       ? 
_pdbx_modification_feature.modified_residue_label_comp_id     CYS 
_pdbx_modification_feature.modified_residue_label_asym_id     A 
_pdbx_modification_feature.modified_residue_label_seq_id      79 
_pdbx_modification_feature.modified_residue_label_alt_id      ? 
_pdbx_modification_feature.auth_comp_id                       CYS 
_pdbx_modification_feature.auth_asym_id                       A 
_pdbx_modification_feature.auth_seq_id                        38 
_pdbx_modification_feature.PDB_ins_code                       ? 
_pdbx_modification_feature.symmetry                           1_555 
_pdbx_modification_feature.modified_residue_auth_comp_id      CYS 
_pdbx_modification_feature.modified_residue_auth_asym_id      A 
_pdbx_modification_feature.modified_residue_auth_seq_id       79 
_pdbx_modification_feature.modified_residue_PDB_ins_code      ? 
_pdbx_modification_feature.modified_residue_symmetry          1_555 
_pdbx_modification_feature.comp_id_linking_atom               SG 
_pdbx_modification_feature.modified_residue_id_linking_atom   SG 
_pdbx_modification_feature.modified_residue_id                . 
_pdbx_modification_feature.ref_pcm_id                         . 
_pdbx_modification_feature.ref_comp_id                        . 
_pdbx_modification_feature.type                               None 
_pdbx_modification_feature.category                           'Disulfide bridge' 
# 
loop_
_struct_sheet.id 
_struct_sheet.type 
_struct_sheet.number_strands 
_struct_sheet.details 
A ? 4 ? 
B ? 2 ? 
# 
loop_
_struct_sheet_order.sheet_id 
_struct_sheet_order.range_id_1 
_struct_sheet_order.range_id_2 
_struct_sheet_order.offset 
_struct_sheet_order.sense 
A 1 2 ? parallel      
A 2 3 ? anti-parallel 
A 3 4 ? anti-parallel 
B 1 2 ? parallel      
# 
loop_
_struct_sheet_range.sheet_id 
_struct_sheet_range.id 
_struct_sheet_range.beg_label_comp_id 
_struct_sheet_range.beg_label_asym_id 
_struct_sheet_range.beg_label_seq_id 
_struct_sheet_range.pdbx_beg_PDB_ins_code 
_struct_sheet_range.end_label_comp_id 
_struct_sheet_range.end_label_asym_id 
_struct_sheet_range.end_label_seq_id 
_struct_sheet_range.pdbx_end_PDB_ins_code 
_struct_sheet_range.beg_auth_comp_id 
_struct_sheet_range.beg_auth_asym_id 
_struct_sheet_range.beg_auth_seq_id 
_struct_sheet_range.end_auth_comp_id 
_struct_sheet_range.end_auth_asym_id 
_struct_sheet_range.end_auth_seq_id 
A 1 ALA A 56  ? ASP A 62  ? ALA A 56  ASP A 62  
A 2 VAL A 25  ? GLY A 31  ? VAL A 25  GLY A 31  
A 3 THR A 80  ? PHE A 85  ? THR A 80  PHE A 85  
A 4 LYS A 88  ? ILE A 90  ? LYS A 88  ILE A 90  
B 1 MET A 91  ? ASP A 93  ? MET A 91  ASP A 93  
B 2 LEU A 129 ? VAL A 131 ? LEU A 129 VAL A 131 
# 
loop_
_pdbx_struct_sheet_hbond.sheet_id 
_pdbx_struct_sheet_hbond.range_id_1 
_pdbx_struct_sheet_hbond.range_id_2 
_pdbx_struct_sheet_hbond.range_1_label_atom_id 
_pdbx_struct_sheet_hbond.range_1_label_comp_id 
_pdbx_struct_sheet_hbond.range_1_label_asym_id 
_pdbx_struct_sheet_hbond.range_1_label_seq_id 
_pdbx_struct_sheet_hbond.range_1_PDB_ins_code 
_pdbx_struct_sheet_hbond.range_1_auth_atom_id 
_pdbx_struct_sheet_hbond.range_1_auth_comp_id 
_pdbx_struct_sheet_hbond.range_1_auth_asym_id 
_pdbx_struct_sheet_hbond.range_1_auth_seq_id 
_pdbx_struct_sheet_hbond.range_2_label_atom_id 
_pdbx_struct_sheet_hbond.range_2_label_comp_id 
_pdbx_struct_sheet_hbond.range_2_label_asym_id 
_pdbx_struct_sheet_hbond.range_2_label_seq_id 
_pdbx_struct_sheet_hbond.range_2_PDB_ins_code 
_pdbx_struct_sheet_hbond.range_2_auth_atom_id 
_pdbx_struct_sheet_hbond.range_2_auth_comp_id 
_pdbx_struct_sheet_hbond.range_2_auth_asym_id 
_pdbx_struct_sheet_hbond.range_2_auth_seq_id 
A 1 2 O VAL A 57 ? O VAL A 57 N VAL A 25  ? N VAL A 25  
A 2 3 O VAL A 26 ? O VAL A 26 N PHE A 84  ? N PHE A 84  
A 3 4 O PHE A 83 ? O PHE A 83 N ILE A 90  ? N ILE A 90  
B 1 2 O MET A 91 ? O MET A 91 N VAL A 130 ? N VAL A 130 
# 
_pdbx_entry_details.entry_id                   1QGV 
_pdbx_entry_details.compound_details           ? 
_pdbx_entry_details.source_details             ? 
_pdbx_entry_details.nonpolymer_details         ? 
_pdbx_entry_details.sequence_details           ? 
_pdbx_entry_details.has_ligand_of_interest     ? 
_pdbx_entry_details.has_protein_modification   Y 
# 
loop_
_pdbx_validate_close_contact.id 
_pdbx_validate_close_contact.PDB_model_num 
_pdbx_validate_close_contact.auth_atom_id_1 
_pdbx_validate_close_contact.auth_asym_id_1 
_pdbx_validate_close_contact.auth_comp_id_1 
_pdbx_validate_close_contact.auth_seq_id_1 
_pdbx_validate_close_contact.PDB_ins_code_1 
_pdbx_validate_close_contact.label_alt_id_1 
_pdbx_validate_close_contact.auth_atom_id_2 
_pdbx_validate_close_contact.auth_asym_id_2 
_pdbx_validate_close_contact.auth_comp_id_2 
_pdbx_validate_close_contact.auth_seq_id_2 
_pdbx_validate_close_contact.PDB_ins_code_2 
_pdbx_validate_close_contact.label_alt_id_2 
_pdbx_validate_close_contact.dist 
1 1 O A HOH 183 ? ? O A HOH 218 ? ? 1.98 
2 1 O A HOH 158 ? ? O A HOH 254 ? ? 2.13 
3 1 O A ASP 77  ? ? O A HOH 278 ? ? 2.18 
4 1 O A HOH 158 ? ? O A HOH 192 ? ? 2.19 
# 
_pdbx_validate_symm_contact.id                1 
_pdbx_validate_symm_contact.PDB_model_num     1 
_pdbx_validate_symm_contact.auth_atom_id_1    O 
_pdbx_validate_symm_contact.auth_asym_id_1    A 
_pdbx_validate_symm_contact.auth_comp_id_1    HOH 
_pdbx_validate_symm_contact.auth_seq_id_1     148 
_pdbx_validate_symm_contact.PDB_ins_code_1    ? 
_pdbx_validate_symm_contact.label_alt_id_1    ? 
_pdbx_validate_symm_contact.site_symmetry_1   1_555 
_pdbx_validate_symm_contact.auth_atom_id_2    O 
_pdbx_validate_symm_contact.auth_asym_id_2    A 
_pdbx_validate_symm_contact.auth_comp_id_2    HOH 
_pdbx_validate_symm_contact.auth_seq_id_2     244 
_pdbx_validate_symm_contact.PDB_ins_code_2    ? 
_pdbx_validate_symm_contact.label_alt_id_2    ? 
_pdbx_validate_symm_contact.site_symmetry_2   2_555 
_pdbx_validate_symm_contact.dist              1.58 
# 
loop_
_pdbx_validate_torsion.id 
_pdbx_validate_torsion.PDB_model_num 
_pdbx_validate_torsion.auth_comp_id 
_pdbx_validate_torsion.auth_asym_id 
_pdbx_validate_torsion.auth_seq_id 
_pdbx_validate_torsion.PDB_ins_code 
_pdbx_validate_torsion.label_alt_id 
_pdbx_validate_torsion.phi 
_pdbx_validate_torsion.psi 
1 1 TYR A 3   ? ? 178.94  137.26 
2 1 TYR A 76  ? ? -19.77  -63.09 
3 1 ASP A 77  ? ? 129.88  -74.74 
4 1 PRO A 133 ? ? -52.74  90.64  
5 1 ASP A 135 ? ? -108.32 60.87  
6 1 SER A 137 ? ? 144.66  -32.21 
# 
loop_
_pdbx_unobs_or_zero_occ_residues.id 
_pdbx_unobs_or_zero_occ_residues.PDB_model_num 
_pdbx_unobs_or_zero_occ_residues.polymer_flag 
_pdbx_unobs_or_zero_occ_residues.occupancy_flag 
_pdbx_unobs_or_zero_occ_residues.auth_asym_id 
_pdbx_unobs_or_zero_occ_residues.auth_comp_id 
_pdbx_unobs_or_zero_occ_residues.auth_seq_id 
_pdbx_unobs_or_zero_occ_residues.PDB_ins_code 
_pdbx_unobs_or_zero_occ_residues.label_asym_id 
_pdbx_unobs_or_zero_occ_residues.label_comp_id 
_pdbx_unobs_or_zero_occ_residues.label_seq_id 
1  1 Y 1 A MET 1   ? A MET 1   
2  1 Y 1 A THR 96  ? A THR 96  
3  1 Y 1 A GLY 97  ? A GLY 97  
4  1 Y 1 A ASN 98  ? A ASN 98  
5  1 Y 1 A ASN 99  ? A ASN 99  
6  1 Y 1 A ASN 100 ? A ASN 100 
7  1 Y 1 A LYS 101 ? A LYS 101 
8  1 Y 1 A LYS 139 ? A LYS 139 
9  1 Y 1 A TYR 140 ? A TYR 140 
10 1 Y 1 A ARG 141 ? A ARG 141 
11 1 Y 1 A TYR 142 ? A TYR 142 
# 
loop_
_chem_comp_atom.comp_id 
_chem_comp_atom.atom_id 
_chem_comp_atom.type_symbol 
_chem_comp_atom.pdbx_aromatic_flag 
_chem_comp_atom.pdbx_stereo_config 
_chem_comp_atom.pdbx_ordinal 
ALA N    N N N 1   
ALA CA   C N S 2   
ALA C    C N N 3   
ALA O    O N N 4   
ALA CB   C N N 5   
ALA OXT  O N N 6   
ALA H    H N N 7   
ALA H2   H N N 8   
ALA HA   H N N 9   
ALA HB1  H N N 10  
ALA HB2  H N N 11  
ALA HB3  H N N 12  
ALA HXT  H N N 13  
ARG N    N N N 14  
ARG CA   C N S 15  
ARG C    C N N 16  
ARG O    O N N 17  
ARG CB   C N N 18  
ARG CG   C N N 19  
ARG CD   C N N 20  
ARG NE   N N N 21  
ARG CZ   C N N 22  
ARG NH1  N N N 23  
ARG NH2  N N N 24  
ARG OXT  O N N 25  
ARG H    H N N 26  
ARG H2   H N N 27  
ARG HA   H N N 28  
ARG HB2  H N N 29  
ARG HB3  H N N 30  
ARG HG2  H N N 31  
ARG HG3  H N N 32  
ARG HD2  H N N 33  
ARG HD3  H N N 34  
ARG HE   H N N 35  
ARG HH11 H N N 36  
ARG HH12 H N N 37  
ARG HH21 H N N 38  
ARG HH22 H N N 39  
ARG HXT  H N N 40  
ASN N    N N N 41  
ASN CA   C N S 42  
ASN C    C N N 43  
ASN O    O N N 44  
ASN CB   C N N 45  
ASN CG   C N N 46  
ASN OD1  O N N 47  
ASN ND2  N N N 48  
ASN OXT  O N N 49  
ASN H    H N N 50  
ASN H2   H N N 51  
ASN HA   H N N 52  
ASN HB2  H N N 53  
ASN HB3  H N N 54  
ASN HD21 H N N 55  
ASN HD22 H N N 56  
ASN HXT  H N N 57  
ASP N    N N N 58  
ASP CA   C N S 59  
ASP C    C N N 60  
ASP O    O N N 61  
ASP CB   C N N 62  
ASP CG   C N N 63  
ASP OD1  O N N 64  
ASP OD2  O N N 65  
ASP OXT  O N N 66  
ASP H    H N N 67  
ASP H2   H N N 68  
ASP HA   H N N 69  
ASP HB2  H N N 70  
ASP HB3  H N N 71  
ASP HD2  H N N 72  
ASP HXT  H N N 73  
CYS N    N N N 74  
CYS CA   C N R 75  
CYS C    C N N 76  
CYS O    O N N 77  
CYS CB   C N N 78  
CYS SG   S N N 79  
CYS OXT  O N N 80  
CYS H    H N N 81  
CYS H2   H N N 82  
CYS HA   H N N 83  
CYS HB2  H N N 84  
CYS HB3  H N N 85  
CYS HG   H N N 86  
CYS HXT  H N N 87  
GLN N    N N N 88  
GLN CA   C N S 89  
GLN C    C N N 90  
GLN O    O N N 91  
GLN CB   C N N 92  
GLN CG   C N N 93  
GLN CD   C N N 94  
GLN OE1  O N N 95  
GLN NE2  N N N 96  
GLN OXT  O N N 97  
GLN H    H N N 98  
GLN H2   H N N 99  
GLN HA   H N N 100 
GLN HB2  H N N 101 
GLN HB3  H N N 102 
GLN HG2  H N N 103 
GLN HG3  H N N 104 
GLN HE21 H N N 105 
GLN HE22 H N N 106 
GLN HXT  H N N 107 
GLU N    N N N 108 
GLU CA   C N S 109 
GLU C    C N N 110 
GLU O    O N N 111 
GLU CB   C N N 112 
GLU CG   C N N 113 
GLU CD   C N N 114 
GLU OE1  O N N 115 
GLU OE2  O N N 116 
GLU OXT  O N N 117 
GLU H    H N N 118 
GLU H2   H N N 119 
GLU HA   H N N 120 
GLU HB2  H N N 121 
GLU HB3  H N N 122 
GLU HG2  H N N 123 
GLU HG3  H N N 124 
GLU HE2  H N N 125 
GLU HXT  H N N 126 
GLY N    N N N 127 
GLY CA   C N N 128 
GLY C    C N N 129 
GLY O    O N N 130 
GLY OXT  O N N 131 
GLY H    H N N 132 
GLY H2   H N N 133 
GLY HA2  H N N 134 
GLY HA3  H N N 135 
GLY HXT  H N N 136 
HIS N    N N N 137 
HIS CA   C N S 138 
HIS C    C N N 139 
HIS O    O N N 140 
HIS CB   C N N 141 
HIS CG   C Y N 142 
HIS ND1  N Y N 143 
HIS CD2  C Y N 144 
HIS CE1  C Y N 145 
HIS NE2  N Y N 146 
HIS OXT  O N N 147 
HIS H    H N N 148 
HIS H2   H N N 149 
HIS HA   H N N 150 
HIS HB2  H N N 151 
HIS HB3  H N N 152 
HIS HD1  H N N 153 
HIS HD2  H N N 154 
HIS HE1  H N N 155 
HIS HE2  H N N 156 
HIS HXT  H N N 157 
HOH O    O N N 158 
HOH H1   H N N 159 
HOH H2   H N N 160 
ILE N    N N N 161 
ILE CA   C N S 162 
ILE C    C N N 163 
ILE O    O N N 164 
ILE CB   C N S 165 
ILE CG1  C N N 166 
ILE CG2  C N N 167 
ILE CD1  C N N 168 
ILE OXT  O N N 169 
ILE H    H N N 170 
ILE H2   H N N 171 
ILE HA   H N N 172 
ILE HB   H N N 173 
ILE HG12 H N N 174 
ILE HG13 H N N 175 
ILE HG21 H N N 176 
ILE HG22 H N N 177 
ILE HG23 H N N 178 
ILE HD11 H N N 179 
ILE HD12 H N N 180 
ILE HD13 H N N 181 
ILE HXT  H N N 182 
LEU N    N N N 183 
LEU CA   C N S 184 
LEU C    C N N 185 
LEU O    O N N 186 
LEU CB   C N N 187 
LEU CG   C N N 188 
LEU CD1  C N N 189 
LEU CD2  C N N 190 
LEU OXT  O N N 191 
LEU H    H N N 192 
LEU H2   H N N 193 
LEU HA   H N N 194 
LEU HB2  H N N 195 
LEU HB3  H N N 196 
LEU HG   H N N 197 
LEU HD11 H N N 198 
LEU HD12 H N N 199 
LEU HD13 H N N 200 
LEU HD21 H N N 201 
LEU HD22 H N N 202 
LEU HD23 H N N 203 
LEU HXT  H N N 204 
LYS N    N N N 205 
LYS CA   C N S 206 
LYS C    C N N 207 
LYS O    O N N 208 
LYS CB   C N N 209 
LYS CG   C N N 210 
LYS CD   C N N 211 
LYS CE   C N N 212 
LYS NZ   N N N 213 
LYS OXT  O N N 214 
LYS H    H N N 215 
LYS H2   H N N 216 
LYS HA   H N N 217 
LYS HB2  H N N 218 
LYS HB3  H N N 219 
LYS HG2  H N N 220 
LYS HG3  H N N 221 
LYS HD2  H N N 222 
LYS HD3  H N N 223 
LYS HE2  H N N 224 
LYS HE3  H N N 225 
LYS HZ1  H N N 226 
LYS HZ2  H N N 227 
LYS HZ3  H N N 228 
LYS HXT  H N N 229 
MET N    N N N 230 
MET CA   C N S 231 
MET C    C N N 232 
MET O    O N N 233 
MET CB   C N N 234 
MET CG   C N N 235 
MET SD   S N N 236 
MET CE   C N N 237 
MET OXT  O N N 238 
MET H    H N N 239 
MET H2   H N N 240 
MET HA   H N N 241 
MET HB2  H N N 242 
MET HB3  H N N 243 
MET HG2  H N N 244 
MET HG3  H N N 245 
MET HE1  H N N 246 
MET HE2  H N N 247 
MET HE3  H N N 248 
MET HXT  H N N 249 
PHE N    N N N 250 
PHE CA   C N S 251 
PHE C    C N N 252 
PHE O    O N N 253 
PHE CB   C N N 254 
PHE CG   C Y N 255 
PHE CD1  C Y N 256 
PHE CD2  C Y N 257 
PHE CE1  C Y N 258 
PHE CE2  C Y N 259 
PHE CZ   C Y N 260 
PHE OXT  O N N 261 
PHE H    H N N 262 
PHE H2   H N N 263 
PHE HA   H N N 264 
PHE HB2  H N N 265 
PHE HB3  H N N 266 
PHE HD1  H N N 267 
PHE HD2  H N N 268 
PHE HE1  H N N 269 
PHE HE2  H N N 270 
PHE HZ   H N N 271 
PHE HXT  H N N 272 
PRO N    N N N 273 
PRO CA   C N S 274 
PRO C    C N N 275 
PRO O    O N N 276 
PRO CB   C N N 277 
PRO CG   C N N 278 
PRO CD   C N N 279 
PRO OXT  O N N 280 
PRO H    H N N 281 
PRO HA   H N N 282 
PRO HB2  H N N 283 
PRO HB3  H N N 284 
PRO HG2  H N N 285 
PRO HG3  H N N 286 
PRO HD2  H N N 287 
PRO HD3  H N N 288 
PRO HXT  H N N 289 
SER N    N N N 290 
SER CA   C N S 291 
SER C    C N N 292 
SER O    O N N 293 
SER CB   C N N 294 
SER OG   O N N 295 
SER OXT  O N N 296 
SER H    H N N 297 
SER H2   H N N 298 
SER HA   H N N 299 
SER HB2  H N N 300 
SER HB3  H N N 301 
SER HG   H N N 302 
SER HXT  H N N 303 
THR N    N N N 304 
THR CA   C N S 305 
THR C    C N N 306 
THR O    O N N 307 
THR CB   C N R 308 
THR OG1  O N N 309 
THR CG2  C N N 310 
THR OXT  O N N 311 
THR H    H N N 312 
THR H2   H N N 313 
THR HA   H N N 314 
THR HB   H N N 315 
THR HG1  H N N 316 
THR HG21 H N N 317 
THR HG22 H N N 318 
THR HG23 H N N 319 
THR HXT  H N N 320 
TRP N    N N N 321 
TRP CA   C N S 322 
TRP C    C N N 323 
TRP O    O N N 324 
TRP CB   C N N 325 
TRP CG   C Y N 326 
TRP CD1  C Y N 327 
TRP CD2  C Y N 328 
TRP NE1  N Y N 329 
TRP CE2  C Y N 330 
TRP CE3  C Y N 331 
TRP CZ2  C Y N 332 
TRP CZ3  C Y N 333 
TRP CH2  C Y N 334 
TRP OXT  O N N 335 
TRP H    H N N 336 
TRP H2   H N N 337 
TRP HA   H N N 338 
TRP HB2  H N N 339 
TRP HB3  H N N 340 
TRP HD1  H N N 341 
TRP HE1  H N N 342 
TRP HE3  H N N 343 
TRP HZ2  H N N 344 
TRP HZ3  H N N 345 
TRP HH2  H N N 346 
TRP HXT  H N N 347 
TYR N    N N N 348 
TYR CA   C N S 349 
TYR C    C N N 350 
TYR O    O N N 351 
TYR CB   C N N 352 
TYR CG   C Y N 353 
TYR CD1  C Y N 354 
TYR CD2  C Y N 355 
TYR CE1  C Y N 356 
TYR CE2  C Y N 357 
TYR CZ   C Y N 358 
TYR OH   O N N 359 
TYR OXT  O N N 360 
TYR H    H N N 361 
TYR H2   H N N 362 
TYR HA   H N N 363 
TYR HB2  H N N 364 
TYR HB3  H N N 365 
TYR HD1  H N N 366 
TYR HD2  H N N 367 
TYR HE1  H N N 368 
TYR HE2  H N N 369 
TYR HH   H N N 370 
TYR HXT  H N N 371 
VAL N    N N N 372 
VAL CA   C N S 373 
VAL C    C N N 374 
VAL O    O N N 375 
VAL CB   C N N 376 
VAL CG1  C N N 377 
VAL CG2  C N N 378 
VAL OXT  O N N 379 
VAL H    H N N 380 
VAL H2   H N N 381 
VAL HA   H N N 382 
VAL HB   H N N 383 
VAL HG11 H N N 384 
VAL HG12 H N N 385 
VAL HG13 H N N 386 
VAL HG21 H N N 387 
VAL HG22 H N N 388 
VAL HG23 H N N 389 
VAL HXT  H N N 390 
# 
loop_
_chem_comp_bond.comp_id 
_chem_comp_bond.atom_id_1 
_chem_comp_bond.atom_id_2 
_chem_comp_bond.value_order 
_chem_comp_bond.pdbx_aromatic_flag 
_chem_comp_bond.pdbx_stereo_config 
_chem_comp_bond.pdbx_ordinal 
ALA N   CA   sing N N 1   
ALA N   H    sing N N 2   
ALA N   H2   sing N N 3   
ALA CA  C    sing N N 4   
ALA CA  CB   sing N N 5   
ALA CA  HA   sing N N 6   
ALA C   O    doub N N 7   
ALA C   OXT  sing N N 8   
ALA CB  HB1  sing N N 9   
ALA CB  HB2  sing N N 10  
ALA CB  HB3  sing N N 11  
ALA OXT HXT  sing N N 12  
ARG N   CA   sing N N 13  
ARG N   H    sing N N 14  
ARG N   H2   sing N N 15  
ARG CA  C    sing N N 16  
ARG CA  CB   sing N N 17  
ARG CA  HA   sing N N 18  
ARG C   O    doub N N 19  
ARG C   OXT  sing N N 20  
ARG CB  CG   sing N N 21  
ARG CB  HB2  sing N N 22  
ARG CB  HB3  sing N N 23  
ARG CG  CD   sing N N 24  
ARG CG  HG2  sing N N 25  
ARG CG  HG3  sing N N 26  
ARG CD  NE   sing N N 27  
ARG CD  HD2  sing N N 28  
ARG CD  HD3  sing N N 29  
ARG NE  CZ   sing N N 30  
ARG NE  HE   sing N N 31  
ARG CZ  NH1  sing N N 32  
ARG CZ  NH2  doub N N 33  
ARG NH1 HH11 sing N N 34  
ARG NH1 HH12 sing N N 35  
ARG NH2 HH21 sing N N 36  
ARG NH2 HH22 sing N N 37  
ARG OXT HXT  sing N N 38  
ASN N   CA   sing N N 39  
ASN N   H    sing N N 40  
ASN N   H2   sing N N 41  
ASN CA  C    sing N N 42  
ASN CA  CB   sing N N 43  
ASN CA  HA   sing N N 44  
ASN C   O    doub N N 45  
ASN C   OXT  sing N N 46  
ASN CB  CG   sing N N 47  
ASN CB  HB2  sing N N 48  
ASN CB  HB3  sing N N 49  
ASN CG  OD1  doub N N 50  
ASN CG  ND2  sing N N 51  
ASN ND2 HD21 sing N N 52  
ASN ND2 HD22 sing N N 53  
ASN OXT HXT  sing N N 54  
ASP N   CA   sing N N 55  
ASP N   H    sing N N 56  
ASP N   H2   sing N N 57  
ASP CA  C    sing N N 58  
ASP CA  CB   sing N N 59  
ASP CA  HA   sing N N 60  
ASP C   O    doub N N 61  
ASP C   OXT  sing N N 62  
ASP CB  CG   sing N N 63  
ASP CB  HB2  sing N N 64  
ASP CB  HB3  sing N N 65  
ASP CG  OD1  doub N N 66  
ASP CG  OD2  sing N N 67  
ASP OD2 HD2  sing N N 68  
ASP OXT HXT  sing N N 69  
CYS N   CA   sing N N 70  
CYS N   H    sing N N 71  
CYS N   H2   sing N N 72  
CYS CA  C    sing N N 73  
CYS CA  CB   sing N N 74  
CYS CA  HA   sing N N 75  
CYS C   O    doub N N 76  
CYS C   OXT  sing N N 77  
CYS CB  SG   sing N N 78  
CYS CB  HB2  sing N N 79  
CYS CB  HB3  sing N N 80  
CYS SG  HG   sing N N 81  
CYS OXT HXT  sing N N 82  
GLN N   CA   sing N N 83  
GLN N   H    sing N N 84  
GLN N   H2   sing N N 85  
GLN CA  C    sing N N 86  
GLN CA  CB   sing N N 87  
GLN CA  HA   sing N N 88  
GLN C   O    doub N N 89  
GLN C   OXT  sing N N 90  
GLN CB  CG   sing N N 91  
GLN CB  HB2  sing N N 92  
GLN CB  HB3  sing N N 93  
GLN CG  CD   sing N N 94  
GLN CG  HG2  sing N N 95  
GLN CG  HG3  sing N N 96  
GLN CD  OE1  doub N N 97  
GLN CD  NE2  sing N N 98  
GLN NE2 HE21 sing N N 99  
GLN NE2 HE22 sing N N 100 
GLN OXT HXT  sing N N 101 
GLU N   CA   sing N N 102 
GLU N   H    sing N N 103 
GLU N   H2   sing N N 104 
GLU CA  C    sing N N 105 
GLU CA  CB   sing N N 106 
GLU CA  HA   sing N N 107 
GLU C   O    doub N N 108 
GLU C   OXT  sing N N 109 
GLU CB  CG   sing N N 110 
GLU CB  HB2  sing N N 111 
GLU CB  HB3  sing N N 112 
GLU CG  CD   sing N N 113 
GLU CG  HG2  sing N N 114 
GLU CG  HG3  sing N N 115 
GLU CD  OE1  doub N N 116 
GLU CD  OE2  sing N N 117 
GLU OE2 HE2  sing N N 118 
GLU OXT HXT  sing N N 119 
GLY N   CA   sing N N 120 
GLY N   H    sing N N 121 
GLY N   H2   sing N N 122 
GLY CA  C    sing N N 123 
GLY CA  HA2  sing N N 124 
GLY CA  HA3  sing N N 125 
GLY C   O    doub N N 126 
GLY C   OXT  sing N N 127 
GLY OXT HXT  sing N N 128 
HIS N   CA   sing N N 129 
HIS N   H    sing N N 130 
HIS N   H2   sing N N 131 
HIS CA  C    sing N N 132 
HIS CA  CB   sing N N 133 
HIS CA  HA   sing N N 134 
HIS C   O    doub N N 135 
HIS C   OXT  sing N N 136 
HIS CB  CG   sing N N 137 
HIS CB  HB2  sing N N 138 
HIS CB  HB3  sing N N 139 
HIS CG  ND1  sing Y N 140 
HIS CG  CD2  doub Y N 141 
HIS ND1 CE1  doub Y N 142 
HIS ND1 HD1  sing N N 143 
HIS CD2 NE2  sing Y N 144 
HIS CD2 HD2  sing N N 145 
HIS CE1 NE2  sing Y N 146 
HIS CE1 HE1  sing N N 147 
HIS NE2 HE2  sing N N 148 
HIS OXT HXT  sing N N 149 
HOH O   H1   sing N N 150 
HOH O   H2   sing N N 151 
ILE N   CA   sing N N 152 
ILE N   H    sing N N 153 
ILE N   H2   sing N N 154 
ILE CA  C    sing N N 155 
ILE CA  CB   sing N N 156 
ILE CA  HA   sing N N 157 
ILE C   O    doub N N 158 
ILE C   OXT  sing N N 159 
ILE CB  CG1  sing N N 160 
ILE CB  CG2  sing N N 161 
ILE CB  HB   sing N N 162 
ILE CG1 CD1  sing N N 163 
ILE CG1 HG12 sing N N 164 
ILE CG1 HG13 sing N N 165 
ILE CG2 HG21 sing N N 166 
ILE CG2 HG22 sing N N 167 
ILE CG2 HG23 sing N N 168 
ILE CD1 HD11 sing N N 169 
ILE CD1 HD12 sing N N 170 
ILE CD1 HD13 sing N N 171 
ILE OXT HXT  sing N N 172 
LEU N   CA   sing N N 173 
LEU N   H    sing N N 174 
LEU N   H2   sing N N 175 
LEU CA  C    sing N N 176 
LEU CA  CB   sing N N 177 
LEU CA  HA   sing N N 178 
LEU C   O    doub N N 179 
LEU C   OXT  sing N N 180 
LEU CB  CG   sing N N 181 
LEU CB  HB2  sing N N 182 
LEU CB  HB3  sing N N 183 
LEU CG  CD1  sing N N 184 
LEU CG  CD2  sing N N 185 
LEU CG  HG   sing N N 186 
LEU CD1 HD11 sing N N 187 
LEU CD1 HD12 sing N N 188 
LEU CD1 HD13 sing N N 189 
LEU CD2 HD21 sing N N 190 
LEU CD2 HD22 sing N N 191 
LEU CD2 HD23 sing N N 192 
LEU OXT HXT  sing N N 193 
LYS N   CA   sing N N 194 
LYS N   H    sing N N 195 
LYS N   H2   sing N N 196 
LYS CA  C    sing N N 197 
LYS CA  CB   sing N N 198 
LYS CA  HA   sing N N 199 
LYS C   O    doub N N 200 
LYS C   OXT  sing N N 201 
LYS CB  CG   sing N N 202 
LYS CB  HB2  sing N N 203 
LYS CB  HB3  sing N N 204 
LYS CG  CD   sing N N 205 
LYS CG  HG2  sing N N 206 
LYS CG  HG3  sing N N 207 
LYS CD  CE   sing N N 208 
LYS CD  HD2  sing N N 209 
LYS CD  HD3  sing N N 210 
LYS CE  NZ   sing N N 211 
LYS CE  HE2  sing N N 212 
LYS CE  HE3  sing N N 213 
LYS NZ  HZ1  sing N N 214 
LYS NZ  HZ2  sing N N 215 
LYS NZ  HZ3  sing N N 216 
LYS OXT HXT  sing N N 217 
MET N   CA   sing N N 218 
MET N   H    sing N N 219 
MET N   H2   sing N N 220 
MET CA  C    sing N N 221 
MET CA  CB   sing N N 222 
MET CA  HA   sing N N 223 
MET C   O    doub N N 224 
MET C   OXT  sing N N 225 
MET CB  CG   sing N N 226 
MET CB  HB2  sing N N 227 
MET CB  HB3  sing N N 228 
MET CG  SD   sing N N 229 
MET CG  HG2  sing N N 230 
MET CG  HG3  sing N N 231 
MET SD  CE   sing N N 232 
MET CE  HE1  sing N N 233 
MET CE  HE2  sing N N 234 
MET CE  HE3  sing N N 235 
MET OXT HXT  sing N N 236 
PHE N   CA   sing N N 237 
PHE N   H    sing N N 238 
PHE N   H2   sing N N 239 
PHE CA  C    sing N N 240 
PHE CA  CB   sing N N 241 
PHE CA  HA   sing N N 242 
PHE C   O    doub N N 243 
PHE C   OXT  sing N N 244 
PHE CB  CG   sing N N 245 
PHE CB  HB2  sing N N 246 
PHE CB  HB3  sing N N 247 
PHE CG  CD1  doub Y N 248 
PHE CG  CD2  sing Y N 249 
PHE CD1 CE1  sing Y N 250 
PHE CD1 HD1  sing N N 251 
PHE CD2 CE2  doub Y N 252 
PHE CD2 HD2  sing N N 253 
PHE CE1 CZ   doub Y N 254 
PHE CE1 HE1  sing N N 255 
PHE CE2 CZ   sing Y N 256 
PHE CE2 HE2  sing N N 257 
PHE CZ  HZ   sing N N 258 
PHE OXT HXT  sing N N 259 
PRO N   CA   sing N N 260 
PRO N   CD   sing N N 261 
PRO N   H    sing N N 262 
PRO CA  C    sing N N 263 
PRO CA  CB   sing N N 264 
PRO CA  HA   sing N N 265 
PRO C   O    doub N N 266 
PRO C   OXT  sing N N 267 
PRO CB  CG   sing N N 268 
PRO CB  HB2  sing N N 269 
PRO CB  HB3  sing N N 270 
PRO CG  CD   sing N N 271 
PRO CG  HG2  sing N N 272 
PRO CG  HG3  sing N N 273 
PRO CD  HD2  sing N N 274 
PRO CD  HD3  sing N N 275 
PRO OXT HXT  sing N N 276 
SER N   CA   sing N N 277 
SER N   H    sing N N 278 
SER N   H2   sing N N 279 
SER CA  C    sing N N 280 
SER CA  CB   sing N N 281 
SER CA  HA   sing N N 282 
SER C   O    doub N N 283 
SER C   OXT  sing N N 284 
SER CB  OG   sing N N 285 
SER CB  HB2  sing N N 286 
SER CB  HB3  sing N N 287 
SER OG  HG   sing N N 288 
SER OXT HXT  sing N N 289 
THR N   CA   sing N N 290 
THR N   H    sing N N 291 
THR N   H2   sing N N 292 
THR CA  C    sing N N 293 
THR CA  CB   sing N N 294 
THR CA  HA   sing N N 295 
THR C   O    doub N N 296 
THR C   OXT  sing N N 297 
THR CB  OG1  sing N N 298 
THR CB  CG2  sing N N 299 
THR CB  HB   sing N N 300 
THR OG1 HG1  sing N N 301 
THR CG2 HG21 sing N N 302 
THR CG2 HG22 sing N N 303 
THR CG2 HG23 sing N N 304 
THR OXT HXT  sing N N 305 
TRP N   CA   sing N N 306 
TRP N   H    sing N N 307 
TRP N   H2   sing N N 308 
TRP CA  C    sing N N 309 
TRP CA  CB   sing N N 310 
TRP CA  HA   sing N N 311 
TRP C   O    doub N N 312 
TRP C   OXT  sing N N 313 
TRP CB  CG   sing N N 314 
TRP CB  HB2  sing N N 315 
TRP CB  HB3  sing N N 316 
TRP CG  CD1  doub Y N 317 
TRP CG  CD2  sing Y N 318 
TRP CD1 NE1  sing Y N 319 
TRP CD1 HD1  sing N N 320 
TRP CD2 CE2  doub Y N 321 
TRP CD2 CE3  sing Y N 322 
TRP NE1 CE2  sing Y N 323 
TRP NE1 HE1  sing N N 324 
TRP CE2 CZ2  sing Y N 325 
TRP CE3 CZ3  doub Y N 326 
TRP CE3 HE3  sing N N 327 
TRP CZ2 CH2  doub Y N 328 
TRP CZ2 HZ2  sing N N 329 
TRP CZ3 CH2  sing Y N 330 
TRP CZ3 HZ3  sing N N 331 
TRP CH2 HH2  sing N N 332 
TRP OXT HXT  sing N N 333 
TYR N   CA   sing N N 334 
TYR N   H    sing N N 335 
TYR N   H2   sing N N 336 
TYR CA  C    sing N N 337 
TYR CA  CB   sing N N 338 
TYR CA  HA   sing N N 339 
TYR C   O    doub N N 340 
TYR C   OXT  sing N N 341 
TYR CB  CG   sing N N 342 
TYR CB  HB2  sing N N 343 
TYR CB  HB3  sing N N 344 
TYR CG  CD1  doub Y N 345 
TYR CG  CD2  sing Y N 346 
TYR CD1 CE1  sing Y N 347 
TYR CD1 HD1  sing N N 348 
TYR CD2 CE2  doub Y N 349 
TYR CD2 HD2  sing N N 350 
TYR CE1 CZ   doub Y N 351 
TYR CE1 HE1  sing N N 352 
TYR CE2 CZ   sing Y N 353 
TYR CE2 HE2  sing N N 354 
TYR CZ  OH   sing N N 355 
TYR OH  HH   sing N N 356 
TYR OXT HXT  sing N N 357 
VAL N   CA   sing N N 358 
VAL N   H    sing N N 359 
VAL N   H2   sing N N 360 
VAL CA  C    sing N N 361 
VAL CA  CB   sing N N 362 
VAL CA  HA   sing N N 363 
VAL C   O    doub N N 364 
VAL C   OXT  sing N N 365 
VAL CB  CG1  sing N N 366 
VAL CB  CG2  sing N N 367 
VAL CB  HB   sing N N 368 
VAL CG1 HG11 sing N N 369 
VAL CG1 HG12 sing N N 370 
VAL CG1 HG13 sing N N 371 
VAL CG2 HG21 sing N N 372 
VAL CG2 HG22 sing N N 373 
VAL CG2 HG23 sing N N 374 
VAL OXT HXT  sing N N 375 
# 
_atom_sites.entry_id                    1QGV 
_atom_sites.fract_transf_matrix[1][1]   -0.00871215 
_atom_sites.fract_transf_matrix[1][2]   0.00790656 
_atom_sites.fract_transf_matrix[1][3]   0.01132924 
_atom_sites.fract_transf_matrix[2][1]   0.00897540 
_atom_sites.fract_transf_matrix[2][2]   -0.00587135 
_atom_sites.fract_transf_matrix[2][3]   0.01099960 
_atom_sites.fract_transf_matrix[3][1]   0.01686239 
_atom_sites.fract_transf_matrix[3][2]   0.02169935 
_atom_sites.fract_transf_matrix[3][3]   -0.00217664 
_atom_sites.fract_transf_vector[1]      -0.187168 
_atom_sites.fract_transf_vector[2]      0.249668 
_atom_sites.fract_transf_vector[3]      0.088518 
# 
loop_
_atom_type.symbol 
C 
N 
O 
S 
# 
loop_
_atom_site.group_PDB 
_atom_site.id 
_atom_site.type_symbol 
_atom_site.label_atom_id 
_atom_site.label_alt_id 
_atom_site.label_comp_id 
_atom_site.label_asym_id 
_atom_site.label_entity_id 
_atom_site.label_seq_id 
_atom_site.pdbx_PDB_ins_code 
_atom_site.Cartn_x 
_atom_site.Cartn_y 
_atom_site.Cartn_z 
_atom_site.occupancy 
_atom_site.B_iso_or_equiv 
_atom_site.pdbx_formal_charge 
_atom_site.auth_seq_id 
_atom_site.auth_comp_id 
_atom_site.auth_asym_id 
_atom_site.auth_atom_id 
_atom_site.pdbx_PDB_model_num 
ATOM   1    N N   . SER A 1 2   ? 8.546   2.848   -15.744 1.00 52.80 ? 2   SER A N   1 
ATOM   2    C CA  . SER A 1 2   ? 9.934   2.397   -15.869 1.00 52.85 ? 2   SER A CA  1 
ATOM   3    C C   . SER A 1 2   ? 10.234  1.121   -15.049 1.00 51.57 ? 2   SER A C   1 
ATOM   4    O O   . SER A 1 2   ? 11.377  0.650   -15.011 1.00 57.29 ? 2   SER A O   1 
ATOM   5    C CB  . SER A 1 2   ? 10.892  3.533   -15.459 1.00 54.82 ? 2   SER A CB  1 
ATOM   6    N N   . TYR A 1 3   ? 9.207   0.587   -14.391 1.00 45.13 ? 3   TYR A N   1 
ATOM   7    C CA  . TYR A 1 3   ? 9.259   -0.639  -13.578 1.00 37.11 ? 3   TYR A CA  1 
ATOM   8    C C   . TYR A 1 3   ? 7.831   -0.710  -13.084 1.00 31.22 ? 3   TYR A C   1 
ATOM   9    O O   . TYR A 1 3   ? 7.256   0.306   -12.736 1.00 27.12 ? 3   TYR A O   1 
ATOM   10   C CB  . TYR A 1 3   ? 10.211  -0.499  -12.405 1.00 37.36 ? 3   TYR A CB  1 
ATOM   11   N N   . MET A 1 4   ? 7.244   -1.894  -13.093 1.00 26.45 ? 4   MET A N   1 
ATOM   12   C CA  . MET A 1 4   ? 5.870   -2.033  -12.657 1.00 24.51 ? 4   MET A CA  1 
ATOM   13   C C   . MET A 1 4   ? 5.612   -1.444  -11.264 1.00 22.25 ? 4   MET A C   1 
ATOM   14   O O   . MET A 1 4   ? 4.602   -0.781  -11.031 1.00 19.83 ? 4   MET A O   1 
ATOM   15   C CB  . MET A 1 4   ? 5.488   -3.514  -12.677 1.00 29.10 ? 4   MET A CB  1 
ATOM   16   C CG  . MET A 1 4   ? 4.006   -3.767  -12.597 1.00 32.10 ? 4   MET A CG  1 
ATOM   17   S SD  . MET A 1 4   ? 3.227   -3.427  -14.182 1.00 42.14 ? 4   MET A SD  1 
ATOM   18   C CE  . MET A 1 4   ? 3.341   -5.185  -14.974 1.00 40.91 ? 4   MET A CE  1 
ATOM   19   N N   . LEU A 1 5   ? 6.526   -1.707  -10.336 1.00 19.97 ? 5   LEU A N   1 
ATOM   20   C CA  . LEU A 1 5   ? 6.411   -1.241  -8.953  1.00 20.56 ? 5   LEU A CA  1 
ATOM   21   C C   . LEU A 1 5   ? 7.712   -0.524  -8.656  1.00 19.44 ? 5   LEU A C   1 
ATOM   22   O O   . LEU A 1 5   ? 8.663   -1.137  -8.170  1.00 20.68 ? 5   LEU A O   1 
ATOM   23   C CB  . LEU A 1 5   ? 6.289   -2.430  -8.001  1.00 21.87 ? 5   LEU A CB  1 
ATOM   24   C CG  . LEU A 1 5   ? 4.973   -3.147  -7.676  1.00 27.15 ? 5   LEU A CG  1 
ATOM   25   C CD1 . LEU A 1 5   ? 3.893   -2.896  -8.680  1.00 25.08 ? 5   LEU A CD1 1 
ATOM   26   C CD2 . LEU A 1 5   ? 5.290   -4.627  -7.553  1.00 26.83 ? 5   LEU A CD2 1 
ATOM   27   N N   . PRO A 1 6   ? 7.775   0.786   -8.922  1.00 19.00 ? 6   PRO A N   1 
ATOM   28   C CA  . PRO A 1 6   ? 9.030   1.502   -8.654  1.00 18.14 ? 6   PRO A CA  1 
ATOM   29   C C   . PRO A 1 6   ? 9.364   1.606   -7.179  1.00 17.37 ? 6   PRO A C   1 
ATOM   30   O O   . PRO A 1 6   ? 8.469   1.659   -6.335  1.00 15.77 ? 6   PRO A O   1 
ATOM   31   C CB  . PRO A 1 6   ? 8.805   2.892   -9.265  1.00 18.88 ? 6   PRO A CB  1 
ATOM   32   C CG  . PRO A 1 6   ? 7.524   2.777   -10.100 1.00 18.59 ? 6   PRO A CG  1 
ATOM   33   C CD  . PRO A 1 6   ? 6.726   1.674   -9.458  1.00 18.71 ? 6   PRO A CD  1 
ATOM   34   N N   . HIS A 1 7   ? 10.657  1.639   -6.884  1.00 19.56 ? 7   HIS A N   1 
ATOM   35   C CA  . HIS A 1 7   ? 11.150  1.819   -5.510  1.00 21.26 ? 7   HIS A CA  1 
ATOM   36   C C   . HIS A 1 7   ? 11.304  3.333   -5.281  1.00 22.86 ? 7   HIS A C   1 
ATOM   37   O O   . HIS A 1 7   ? 11.747  4.059   -6.188  1.00 24.34 ? 7   HIS A O   1 
ATOM   38   C CB  . HIS A 1 7   ? 12.525  1.169   -5.327  1.00 21.28 ? 7   HIS A CB  1 
ATOM   39   C CG  . HIS A 1 7   ? 12.466  -0.232  -4.815  1.00 22.77 ? 7   HIS A CG  1 
ATOM   40   N ND1 . HIS A 1 7   ? 12.590  -0.542  -3.475  1.00 26.00 ? 7   HIS A ND1 1 
ATOM   41   C CD2 . HIS A 1 7   ? 12.315  -1.409  -5.465  1.00 21.72 ? 7   HIS A CD2 1 
ATOM   42   C CE1 . HIS A 1 7   ? 12.522  -1.851  -3.322  1.00 23.74 ? 7   HIS A CE1 1 
ATOM   43   N NE2 . HIS A 1 7   ? 12.356  -2.401  -4.515  1.00 26.04 ? 7   HIS A NE2 1 
ATOM   44   N N   . LEU A 1 8   ? 10.906  3.804   -4.098  1.00 21.52 ? 8   LEU A N   1 
ATOM   45   C CA  . LEU A 1 8   ? 11.037  5.214   -3.717  1.00 20.90 ? 8   LEU A CA  1 
ATOM   46   C C   . LEU A 1 8   ? 12.249  5.174   -2.789  1.00 22.77 ? 8   LEU A C   1 
ATOM   47   O O   . LEU A 1 8   ? 12.252  4.477   -1.767  1.00 23.47 ? 8   LEU A O   1 
ATOM   48   C CB  . LEU A 1 8   ? 9.772   5.720   -3.012  1.00 18.46 ? 8   LEU A CB  1 
ATOM   49   C CG  . LEU A 1 8   ? 8.572   5.692   -3.980  1.00 19.14 ? 8   LEU A CG  1 
ATOM   50   C CD1 . LEU A 1 8   ? 7.321   6.177   -3.295  1.00 18.78 ? 8   LEU A CD1 1 
ATOM   51   C CD2 . LEU A 1 8   ? 8.861   6.559   -5.192  1.00 20.57 ? 8   LEU A CD2 1 
ATOM   52   N N   . HIS A 1 9   ? 13.277  5.921   -3.165  1.00 22.81 ? 9   HIS A N   1 
ATOM   53   C CA  . HIS A 1 9   ? 14.534  5.879   -2.459  1.00 24.06 ? 9   HIS A CA  1 
ATOM   54   C C   . HIS A 1 9   ? 14.830  6.793   -1.265  1.00 26.60 ? 9   HIS A C   1 
ATOM   55   O O   . HIS A 1 9   ? 15.858  6.623   -0.605  1.00 27.51 ? 9   HIS A O   1 
ATOM   56   C CB  . HIS A 1 9   ? 15.643  5.941   -3.517  1.00 23.79 ? 9   HIS A CB  1 
ATOM   57   C CG  . HIS A 1 9   ? 15.598  4.793   -4.484  1.00 22.25 ? 9   HIS A CG  1 
ATOM   58   N ND1 . HIS A 1 9   ? 15.884  3.495   -4.110  1.00 26.34 ? 9   HIS A ND1 1 
ATOM   59   C CD2 . HIS A 1 9   ? 15.233  4.734   -5.786  1.00 22.64 ? 9   HIS A CD2 1 
ATOM   60   C CE1 . HIS A 1 9   ? 15.695  2.688   -5.141  1.00 25.07 ? 9   HIS A CE1 1 
ATOM   61   N NE2 . HIS A 1 9   ? 15.300  3.415   -6.170  1.00 25.06 ? 9   HIS A NE2 1 
ATOM   62   N N   . ASN A 1 10  ? 13.949  7.740   -0.962  1.00 25.16 ? 10  ASN A N   1 
ATOM   63   C CA  . ASN A 1 10  ? 14.160  8.603   0.204   1.00 24.36 ? 10  ASN A CA  1 
ATOM   64   C C   . ASN A 1 10  ? 12.830  9.217   0.587   1.00 23.79 ? 10  ASN A C   1 
ATOM   65   O O   . ASN A 1 10  ? 11.827  8.986   -0.093  1.00 22.17 ? 10  ASN A O   1 
ATOM   66   C CB  . ASN A 1 10  ? 15.218  9.692   -0.070  1.00 22.69 ? 10  ASN A CB  1 
ATOM   67   C CG  . ASN A 1 10  ? 14.962  10.457  -1.341  1.00 21.95 ? 10  ASN A CG  1 
ATOM   68   O OD1 . ASN A 1 10  ? 13.879  10.958  -1.561  1.00 22.41 ? 10  ASN A OD1 1 
ATOM   69   N ND2 . ASN A 1 10  ? 15.970  10.550  -2.187  1.00 24.74 ? 10  ASN A ND2 1 
ATOM   70   N N   . GLY A 1 11  ? 12.815  9.970   1.682   1.00 22.39 ? 11  GLY A N   1 
ATOM   71   C CA  . GLY A 1 11  ? 11.588  10.593  2.129   1.00 21.74 ? 11  GLY A CA  1 
ATOM   72   C C   . GLY A 1 11  ? 11.005  11.548  1.102   1.00 21.17 ? 11  GLY A C   1 
ATOM   73   O O   . GLY A 1 11  ? 9.787   11.623  0.919   1.00 21.47 ? 11  GLY A O   1 
ATOM   74   N N   . TRP A 1 12  ? 11.862  12.298  0.419   1.00 21.97 ? 12  TRP A N   1 
ATOM   75   C CA  . TRP A 1 12  ? 11.351  13.239  -0.572  1.00 22.07 ? 12  TRP A CA  1 
ATOM   76   C C   . TRP A 1 12  ? 10.569  12.527  -1.685  1.00 19.14 ? 12  TRP A C   1 
ATOM   77   O O   . TRP A 1 12  ? 9.504   12.983  -2.091  1.00 20.32 ? 12  TRP A O   1 
ATOM   78   C CB  . TRP A 1 12  ? 12.491  14.070  -1.176  1.00 22.51 ? 12  TRP A CB  1 
ATOM   79   C CG  . TRP A 1 12  ? 11.973  15.134  -2.078  1.00 23.13 ? 12  TRP A CG  1 
ATOM   80   C CD1 . TRP A 1 12  ? 11.407  16.320  -1.699  1.00 23.37 ? 12  TRP A CD1 1 
ATOM   81   C CD2 . TRP A 1 12  ? 11.885  15.084  -3.499  1.00 22.67 ? 12  TRP A CD2 1 
ATOM   82   N NE1 . TRP A 1 12  ? 10.965  17.009  -2.797  1.00 23.40 ? 12  TRP A NE1 1 
ATOM   83   C CE2 . TRP A 1 12  ? 11.246  16.276  -3.919  1.00 23.45 ? 12  TRP A CE2 1 
ATOM   84   C CE3 . TRP A 1 12  ? 12.279  14.144  -4.464  1.00 24.16 ? 12  TRP A CE3 1 
ATOM   85   C CZ2 . TRP A 1 12  ? 10.995  16.561  -5.263  1.00 22.65 ? 12  TRP A CZ2 1 
ATOM   86   C CZ3 . TRP A 1 12  ? 12.025  14.426  -5.805  1.00 24.19 ? 12  TRP A CZ3 1 
ATOM   87   C CH2 . TRP A 1 12  ? 11.389  15.629  -6.187  1.00 26.00 ? 12  TRP A CH2 1 
ATOM   88   N N   . GLN A 1 13  ? 11.100  11.417  -2.184  1.00 19.12 ? 13  GLN A N   1 
ATOM   89   C CA  . GLN A 1 13  ? 10.425  10.647  -3.237  1.00 20.24 ? 13  GLN A CA  1 
ATOM   90   C C   . GLN A 1 13  ? 9.058   10.068  -2.769  1.00 18.47 ? 13  GLN A C   1 
ATOM   91   O O   . GLN A 1 13  ? 8.094   10.036  -3.536  1.00 18.44 ? 13  GLN A O   1 
ATOM   92   C CB  . GLN A 1 13  ? 11.324  9.510   -3.728  1.00 20.11 ? 13  GLN A CB  1 
ATOM   93   C CG  . GLN A 1 13  ? 12.363  9.932   -4.753  1.00 20.50 ? 13  GLN A CG  1 
ATOM   94   C CD  . GLN A 1 13  ? 13.281  8.776   -5.125  1.00 25.20 ? 13  GLN A CD  1 
ATOM   95   O OE1 . GLN A 1 13  ? 12.908  7.604   -5.017  1.00 26.10 ? 13  GLN A OE1 1 
ATOM   96   N NE2 . GLN A 1 13  ? 14.492  9.099   -5.556  1.00 27.59 ? 13  GLN A NE2 1 
ATOM   97   N N   . VAL A 1 14  ? 8.989   9.610   -1.527  1.00 16.80 ? 14  VAL A N   1 
ATOM   98   C CA  . VAL A 1 14  ? 7.739   9.083   -1.004  1.00 18.34 ? 14  VAL A CA  1 
ATOM   99   C C   . VAL A 1 14  ? 6.734   10.239  -0.963  1.00 19.65 ? 14  VAL A C   1 
ATOM   100  O O   . VAL A 1 14  ? 5.597   10.129  -1.435  1.00 18.17 ? 14  VAL A O   1 
ATOM   101  C CB  . VAL A 1 14  ? 7.937   8.492   0.415   1.00 17.73 ? 14  VAL A CB  1 
ATOM   102  C CG1 . VAL A 1 14  ? 6.615   8.088   0.996   1.00 18.91 ? 14  VAL A CG1 1 
ATOM   103  C CG2 . VAL A 1 14  ? 8.839   7.280   0.348   1.00 17.36 ? 14  VAL A CG2 1 
ATOM   104  N N   . ASP A 1 15  ? 7.168   11.366  -0.411  1.00 21.69 ? 15  ASP A N   1 
ATOM   105  C CA  . ASP A 1 15  ? 6.296   12.524  -0.333  1.00 23.36 ? 15  ASP A CA  1 
ATOM   106  C C   . ASP A 1 15  ? 5.807   12.942  -1.715  1.00 22.22 ? 15  ASP A C   1 
ATOM   107  O O   . ASP A 1 15  ? 4.633   13.275  -1.915  1.00 22.24 ? 15  ASP A O   1 
ATOM   108  C CB  . ASP A 1 15  ? 7.018   13.699  0.317   1.00 27.71 ? 15  ASP A CB  1 
ATOM   109  C CG  . ASP A 1 15  ? 6.077   14.835  0.626   1.00 33.75 ? 15  ASP A CG  1 
ATOM   110  O OD1 . ASP A 1 15  ? 5.179   14.624  1.474   1.00 36.70 ? 15  ASP A OD1 1 
ATOM   111  O OD2 . ASP A 1 15  ? 6.207   15.920  0.011   1.00 36.10 ? 15  ASP A OD2 1 
ATOM   112  N N   . GLN A 1 16  ? 6.703   12.930  -2.685  1.00 22.68 ? 16  GLN A N   1 
ATOM   113  C CA  . GLN A 1 16  ? 6.300   13.336  -4.019  1.00 22.75 ? 16  GLN A CA  1 
ATOM   114  C C   . GLN A 1 16  ? 5.328   12.338  -4.663  1.00 21.88 ? 16  GLN A C   1 
ATOM   115  O O   . GLN A 1 16  ? 4.433   12.731  -5.422  1.00 20.20 ? 16  GLN A O   1 
ATOM   116  C CB  . GLN A 1 16  ? 7.538   13.538  -4.885  1.00 22.68 ? 16  GLN A CB  1 
ATOM   117  C CG  . GLN A 1 16  ? 8.351   14.725  -4.421  1.00 28.41 ? 16  GLN A CG  1 
ATOM   118  C CD  . GLN A 1 16  ? 7.634   16.063  -4.639  1.00 31.50 ? 16  GLN A CD  1 
ATOM   119  O OE1 . GLN A 1 16  ? 7.379   16.446  -5.777  1.00 33.98 ? 16  GLN A OE1 1 
ATOM   120  N NE2 . GLN A 1 16  ? 7.310   16.769  -3.552  1.00 30.89 ? 16  GLN A NE2 1 
ATOM   121  N N   . ALA A 1 17  ? 5.491   11.052  -4.340  1.00 20.71 ? 17  ALA A N   1 
ATOM   122  C CA  . ALA A 1 17  ? 4.625   10.013  -4.902  1.00 19.70 ? 17  ALA A CA  1 
ATOM   123  C C   . ALA A 1 17  ? 3.211   10.238  -4.417  1.00 19.66 ? 17  ALA A C   1 
ATOM   124  O O   . ALA A 1 17  ? 2.256   10.073  -5.163  1.00 19.55 ? 17  ALA A O   1 
ATOM   125  C CB  . ALA A 1 17  ? 5.108   8.627   -4.470  1.00 19.23 ? 17  ALA A CB  1 
ATOM   126  N N   . ILE A 1 18  ? 3.098   10.632  -3.157  1.00 20.13 ? 18  ILE A N   1 
ATOM   127  C CA  . ILE A 1 18  ? 1.811   10.879  -2.539  1.00 20.79 ? 18  ILE A CA  1 
ATOM   128  C C   . ILE A 1 18  ? 1.186   12.159  -3.038  1.00 21.95 ? 18  ILE A C   1 
ATOM   129  O O   . ILE A 1 18  ? 0.006   12.180  -3.361  1.00 24.02 ? 18  ILE A O   1 
ATOM   130  C CB  . ILE A 1 18  ? 1.948   10.940  -1.003  1.00 20.09 ? 18  ILE A CB  1 
ATOM   131  C CG1 . ILE A 1 18  ? 2.429   9.577   -0.471  1.00 18.28 ? 18  ILE A CG1 1 
ATOM   132  C CG2 . ILE A 1 18  ? 0.607   11.372  -0.372  1.00 22.00 ? 18  ILE A CG2 1 
ATOM   133  C CD1 . ILE A 1 18  ? 2.769   9.563   0.990   1.00 16.46 ? 18  ILE A CD1 1 
ATOM   134  N N   . LEU A 1 19  ? 1.968   13.229  -3.098  1.00 25.22 ? 19  LEU A N   1 
ATOM   135  C CA  . LEU A 1 19  ? 1.460   14.514  -3.582  1.00 28.04 ? 19  LEU A CA  1 
ATOM   136  C C   . LEU A 1 19  ? 1.165   14.477  -5.077  1.00 28.20 ? 19  LEU A C   1 
ATOM   137  O O   . LEU A 1 19  ? 0.338   15.224  -5.566  1.00 31.34 ? 19  LEU A O   1 
ATOM   138  C CB  . LEU A 1 19  ? 2.480   15.620  -3.347  1.00 31.76 ? 19  LEU A CB  1 
ATOM   139  C CG  . LEU A 1 19  ? 3.074   15.745  -1.954  1.00 36.02 ? 19  LEU A CG  1 
ATOM   140  C CD1 . LEU A 1 19  ? 4.311   16.653  -1.986  1.00 35.13 ? 19  LEU A CD1 1 
ATOM   141  C CD2 . LEU A 1 19  ? 2.011   16.292  -1.035  1.00 38.46 ? 19  LEU A CD2 1 
ATOM   142  N N   . SER A 1 20  ? 1.834   13.610  -5.812  1.00 28.39 ? 20  SER A N   1 
ATOM   143  C CA  . SER A 1 20  ? 1.622   13.551  -7.255  1.00 31.62 ? 20  SER A CA  1 
ATOM   144  C C   . SER A 1 20  ? 0.313   12.920  -7.799  1.00 30.73 ? 20  SER A C   1 
ATOM   145  O O   . SER A 1 20  ? -0.021  13.102  -8.975  1.00 31.93 ? 20  SER A O   1 
ATOM   146  C CB  . SER A 1 20  ? 2.840   12.881  -7.910  1.00 33.66 ? 20  SER A CB  1 
ATOM   147  O OG  . SER A 1 20  ? 2.768   11.466  -7.833  1.00 39.71 ? 20  SER A OG  1 
ATOM   148  N N   . GLU A 1 21  ? -0.434  12.193  -6.971  1.00 27.34 ? 21  GLU A N   1 
ATOM   149  C CA  . GLU A 1 21  ? -1.668  11.584  -7.444  1.00 26.02 ? 21  GLU A CA  1 
ATOM   150  C C   . GLU A 1 21  ? -2.892  12.326  -6.959  1.00 24.89 ? 21  GLU A C   1 
ATOM   151  O O   . GLU A 1 21  ? -3.145  12.396  -5.766  1.00 22.98 ? 21  GLU A O   1 
ATOM   152  C CB  . GLU A 1 21  ? -1.788  10.132  -6.977  1.00 26.56 ? 21  GLU A CB  1 
ATOM   153  C CG  . GLU A 1 21  ? -0.783  9.224   -7.575  1.00 27.21 ? 21  GLU A CG  1 
ATOM   154  C CD  . GLU A 1 21  ? -0.989  9.032   -9.054  1.00 26.05 ? 21  GLU A CD  1 
ATOM   155  O OE1 . GLU A 1 21  ? -2.135  9.169   -9.519  1.00 27.66 ? 21  GLU A OE1 1 
ATOM   156  O OE2 . GLU A 1 21  ? -0.001  8.728   -9.750  1.00 27.88 ? 21  GLU A OE2 1 
ATOM   157  N N   . GLU A 1 22  ? -3.680  12.840  -7.889  1.00 25.19 ? 22  GLU A N   1 
ATOM   158  C CA  . GLU A 1 22  ? -4.878  13.557  -7.517  1.00 27.47 ? 22  GLU A CA  1 
ATOM   159  C C   . GLU A 1 22  ? -6.121  12.663  -7.514  1.00 24.97 ? 22  GLU A C   1 
ATOM   160  O O   . GLU A 1 22  ? -7.046  12.898  -6.741  1.00 23.60 ? 22  GLU A O   1 
ATOM   161  C CB  . GLU A 1 22  ? -5.081  14.750  -8.468  1.00 32.17 ? 22  GLU A CB  1 
ATOM   162  C CG  . GLU A 1 22  ? -4.279  16.010  -8.077  1.00 43.61 ? 22  GLU A CG  1 
ATOM   163  C CD  . GLU A 1 22  ? -3.155  16.386  -9.073  1.00 50.70 ? 22  GLU A CD  1 
ATOM   164  O OE1 . GLU A 1 22  ? -3.323  16.165  -10.304 1.00 54.37 ? 22  GLU A OE1 1 
ATOM   165  O OE2 . GLU A 1 22  ? -2.098  16.913  -8.616  1.00 53.42 ? 22  GLU A OE2 1 
ATOM   166  N N   . ASP A 1 23  ? -6.119  11.628  -8.355  1.00 23.23 ? 23  ASP A N   1 
ATOM   167  C CA  . ASP A 1 23  ? -7.278  10.737  -8.515  1.00 24.08 ? 23  ASP A CA  1 
ATOM   168  C C   . ASP A 1 23  ? -7.133  9.238   -8.251  1.00 21.98 ? 23  ASP A C   1 
ATOM   169  O O   . ASP A 1 23  ? -8.067  8.487   -8.489  1.00 23.83 ? 23  ASP A O   1 
ATOM   170  C CB  . ASP A 1 23  ? -7.838  10.888  -9.929  1.00 25.94 ? 23  ASP A CB  1 
ATOM   171  C CG  . ASP A 1 23  ? -8.276  12.298  -10.222 1.00 31.50 ? 23  ASP A CG  1 
ATOM   172  O OD1 . ASP A 1 23  ? -9.020  12.871  -9.397  1.00 32.94 ? 23  ASP A OD1 1 
ATOM   173  O OD2 . ASP A 1 23  ? -7.865  12.833  -11.271 1.00 34.63 ? 23  ASP A OD2 1 
ATOM   174  N N   . ARG A 1 24  ? -5.975  8.790   -7.791  1.00 20.43 ? 24  ARG A N   1 
ATOM   175  C CA  . ARG A 1 24  ? -5.768  7.365   -7.536  1.00 16.37 ? 24  ARG A CA  1 
ATOM   176  C C   . ARG A 1 24  ? -5.219  7.187   -6.136  1.00 15.00 ? 24  ARG A C   1 
ATOM   177  O O   . ARG A 1 24  ? -4.540  8.077   -5.617  1.00 15.01 ? 24  ARG A O   1 
ATOM   178  C CB  . ARG A 1 24  ? -4.747  6.787   -8.538  1.00 15.73 ? 24  ARG A CB  1 
ATOM   179  C CG  . ARG A 1 24  ? -5.217  6.819   -9.982  1.00 16.65 ? 24  ARG A CG  1 
ATOM   180  C CD  . ARG A 1 24  ? -4.296  6.043   -10.912 1.00 16.21 ? 24  ARG A CD  1 
ATOM   181  N NE  . ARG A 1 24  ? -2.972  6.645   -10.976 1.00 18.88 ? 24  ARG A NE  1 
ATOM   182  C CZ  . ARG A 1 24  ? -1.946  6.107   -11.634 1.00 19.73 ? 24  ARG A CZ  1 
ATOM   183  N NH1 . ARG A 1 24  ? -2.101  4.962   -12.283 1.00 20.59 ? 24  ARG A NH1 1 
ATOM   184  N NH2 . ARG A 1 24  ? -0.756  6.688   -11.610 1.00 22.82 ? 24  ARG A NH2 1 
ATOM   185  N N   . VAL A 1 25  ? -5.510  6.034   -5.525  1.00 15.22 ? 25  VAL A N   1 
ATOM   186  C CA  . VAL A 1 25  ? -4.947  5.752   -4.212  1.00 15.42 ? 25  VAL A CA  1 
ATOM   187  C C   . VAL A 1 25  ? -3.482  5.404   -4.458  1.00 14.66 ? 25  VAL A C   1 
ATOM   188  O O   . VAL A 1 25  ? -3.143  4.757   -5.458  1.00 14.61 ? 25  VAL A O   1 
ATOM   189  C CB  . VAL A 1 25  ? -5.599  4.526   -3.516  1.00 18.21 ? 25  VAL A CB  1 
ATOM   190  C CG1 . VAL A 1 25  ? -7.057  4.770   -3.261  1.00 22.19 ? 25  VAL A CG1 1 
ATOM   191  C CG2 . VAL A 1 25  ? -5.435  3.299   -4.365  1.00 23.87 ? 25  VAL A CG2 1 
ATOM   192  N N   . VAL A 1 26  ? -2.620  5.861   -3.557  1.00 13.39 ? 26  VAL A N   1 
ATOM   193  C CA  . VAL A 1 26  ? -1.210  5.575   -3.649  1.00 13.48 ? 26  VAL A CA  1 
ATOM   194  C C   . VAL A 1 26  ? -0.995  4.467   -2.626  1.00 13.88 ? 26  VAL A C   1 
ATOM   195  O O   . VAL A 1 26  ? -1.212  4.653   -1.418  1.00 13.45 ? 26  VAL A O   1 
ATOM   196  C CB  . VAL A 1 26  ? -0.380  6.830   -3.320  1.00 13.69 ? 26  VAL A CB  1 
ATOM   197  C CG1 . VAL A 1 26  ? 1.118   6.492   -3.320  1.00 12.99 ? 26  VAL A CG1 1 
ATOM   198  C CG2 . VAL A 1 26  ? -0.716  7.936   -4.349  1.00 14.22 ? 26  VAL A CG2 1 
ATOM   199  N N   . VAL A 1 27  ? -0.600  3.307   -3.137  1.00 12.26 ? 27  VAL A N   1 
ATOM   200  C CA  . VAL A 1 27  ? -0.383  2.117   -2.343  1.00 12.95 ? 27  VAL A CA  1 
ATOM   201  C C   . VAL A 1 27  ? 1.107   1.992   -2.130  1.00 14.09 ? 27  VAL A C   1 
ATOM   202  O O   . VAL A 1 27  ? 1.854   1.888   -3.085  1.00 14.86 ? 27  VAL A O   1 
ATOM   203  C CB  . VAL A 1 27  ? -0.877  0.896   -3.116  1.00 14.68 ? 27  VAL A CB  1 
ATOM   204  C CG1 . VAL A 1 27  ? -0.637  -0.360  -2.285  1.00 14.48 ? 27  VAL A CG1 1 
ATOM   205  C CG2 . VAL A 1 27  ? -2.364  1.095   -3.542  1.00 13.05 ? 27  VAL A CG2 1 
ATOM   206  N N   . ILE A 1 28  ? 1.554   1.993   -0.884  1.00 13.92 ? 28  ILE A N   1 
ATOM   207  C CA  . ILE A 1 28  ? 2.989   1.910   -0.610  1.00 14.46 ? 28  ILE A CA  1 
ATOM   208  C C   . ILE A 1 28  ? 3.340   0.753   0.323   1.00 14.14 ? 28  ILE A C   1 
ATOM   209  O O   . ILE A 1 28  ? 2.822   0.655   1.421   1.00 13.11 ? 28  ILE A O   1 
ATOM   210  C CB  . ILE A 1 28  ? 3.518   3.217   0.053   1.00 16.16 ? 28  ILE A CB  1 
ATOM   211  C CG1 . ILE A 1 28  ? 3.240   4.437   -0.850  1.00 16.48 ? 28  ILE A CG1 1 
ATOM   212  C CG2 . ILE A 1 28  ? 5.036   3.104   0.296   1.00 18.84 ? 28  ILE A CG2 1 
ATOM   213  C CD1 . ILE A 1 28  ? 3.824   5.712   -0.265  1.00 18.59 ? 28  ILE A CD1 1 
ATOM   214  N N   . ARG A 1 29  ? 4.217   -0.128  -0.146  1.00 14.93 ? 29  ARG A N   1 
ATOM   215  C CA  . ARG A 1 29  ? 4.676   -1.252  0.640   1.00 13.79 ? 29  ARG A CA  1 
ATOM   216  C C   . ARG A 1 29  ? 5.914   -0.781  1.413   1.00 15.65 ? 29  ARG A C   1 
ATOM   217  O O   . ARG A 1 29  ? 6.896   -0.332  0.825   1.00 18.07 ? 29  ARG A O   1 
ATOM   218  C CB  . ARG A 1 29  ? 5.050   -2.426  -0.273  1.00 13.58 ? 29  ARG A CB  1 
ATOM   219  C CG  . ARG A 1 29  ? 5.688   -3.595  0.496   1.00 16.79 ? 29  ARG A CG  1 
ATOM   220  C CD  . ARG A 1 29  ? 7.180   -3.377  0.748   1.00 16.68 ? 29  ARG A CD  1 
ATOM   221  N NE  . ARG A 1 29  ? 7.973   -4.028  -0.279  1.00 15.52 ? 29  ARG A NE  1 
ATOM   222  C CZ  . ARG A 1 29  ? 9.269   -3.815  -0.463  1.00 16.74 ? 29  ARG A CZ  1 
ATOM   223  N NH1 . ARG A 1 29  ? 9.885   -2.959  0.328   1.00 18.28 ? 29  ARG A NH1 1 
ATOM   224  N NH2 . ARG A 1 29  ? 9.954   -4.478  -1.403  1.00 14.21 ? 29  ARG A NH2 1 
ATOM   225  N N   . PHE A 1 30  ? 5.863   -0.876  2.732   1.00 15.73 ? 30  PHE A N   1 
ATOM   226  C CA  . PHE A 1 30  ? 6.994   -0.478  3.556   1.00 15.98 ? 30  PHE A CA  1 
ATOM   227  C C   . PHE A 1 30  ? 7.530   -1.769  4.217   1.00 16.84 ? 30  PHE A C   1 
ATOM   228  O O   . PHE A 1 30  ? 6.773   -2.515  4.858   1.00 17.10 ? 30  PHE A O   1 
ATOM   229  C CB  . PHE A 1 30  ? 6.529   0.495   4.649   1.00 16.22 ? 30  PHE A CB  1 
ATOM   230  C CG  . PHE A 1 30  ? 6.286   1.897   4.170   1.00 15.75 ? 30  PHE A CG  1 
ATOM   231  C CD1 . PHE A 1 30  ? 5.004   2.317   3.856   1.00 17.15 ? 30  PHE A CD1 1 
ATOM   232  C CD2 . PHE A 1 30  ? 7.328   2.813   4.095   1.00 17.01 ? 30  PHE A CD2 1 
ATOM   233  C CE1 . PHE A 1 30  ? 4.766   3.628   3.481   1.00 16.80 ? 30  PHE A CE1 1 
ATOM   234  C CE2 . PHE A 1 30  ? 7.100   4.123   3.725   1.00 17.21 ? 30  PHE A CE2 1 
ATOM   235  C CZ  . PHE A 1 30  ? 5.818   4.538   3.416   1.00 17.06 ? 30  PHE A CZ  1 
ATOM   236  N N   . GLY A 1 31  ? 8.817   -2.046  4.050   1.00 16.20 ? 31  GLY A N   1 
ATOM   237  C CA  . GLY A 1 31  ? 9.367   -3.229  4.673   1.00 16.60 ? 31  GLY A CA  1 
ATOM   238  C C   . GLY A 1 31  ? 10.796  -3.403  4.242   1.00 16.36 ? 31  GLY A C   1 
ATOM   239  O O   . GLY A 1 31  ? 11.377  -2.501  3.672   1.00 19.08 ? 31  GLY A O   1 
ATOM   240  N N   . HIS A 1 32  ? 11.365  -4.563  4.534   1.00 17.19 ? 32  HIS A N   1 
ATOM   241  C CA  . HIS A 1 32  ? 12.734  -4.881  4.141   1.00 17.64 ? 32  HIS A CA  1 
ATOM   242  C C   . HIS A 1 32  ? 12.644  -5.690  2.874   1.00 17.01 ? 32  HIS A C   1 
ATOM   243  O O   . HIS A 1 32  ? 11.951  -6.705  2.841   1.00 15.99 ? 32  HIS A O   1 
ATOM   244  C CB  . HIS A 1 32  ? 13.394  -5.704  5.231   1.00 18.94 ? 32  HIS A CB  1 
ATOM   245  C CG  . HIS A 1 32  ? 13.604  -4.928  6.483   1.00 23.95 ? 32  HIS A CG  1 
ATOM   246  N ND1 . HIS A 1 32  ? 14.492  -3.877  6.556   1.00 25.69 ? 32  HIS A ND1 1 
ATOM   247  C CD2 . HIS A 1 32  ? 12.976  -4.981  7.680   1.00 25.88 ? 32  HIS A CD2 1 
ATOM   248  C CE1 . HIS A 1 32  ? 14.403  -3.312  7.744   1.00 26.70 ? 32  HIS A CE1 1 
ATOM   249  N NE2 . HIS A 1 32  ? 13.490  -3.963  8.445   1.00 29.87 ? 32  HIS A NE2 1 
ATOM   250  N N   . ASP A 1 33  ? 13.335  -5.266  1.826   1.00 17.89 ? 33  ASP A N   1 
ATOM   251  C CA  . ASP A 1 33  ? 13.249  -5.973  0.554   1.00 18.81 ? 33  ASP A CA  1 
ATOM   252  C C   . ASP A 1 33  ? 13.528  -7.477  0.582   1.00 15.98 ? 33  ASP A C   1 
ATOM   253  O O   . ASP A 1 33  ? 12.940  -8.251  -0.184  1.00 16.33 ? 33  ASP A O   1 
ATOM   254  C CB  . ASP A 1 33  ? 14.161  -5.303  -0.484  1.00 21.69 ? 33  ASP A CB  1 
ATOM   255  C CG  . ASP A 1 33  ? 13.704  -3.882  -0.852  1.00 25.30 ? 33  ASP A CG  1 
ATOM   256  O OD1 . ASP A 1 33  ? 12.502  -3.534  -0.717  1.00 22.71 ? 33  ASP A OD1 1 
ATOM   257  O OD2 . ASP A 1 33  ? 14.578  -3.095  -1.289  1.00 31.66 ? 33  ASP A OD2 1 
ATOM   258  N N   . TRP A 1 34  ? 14.423  -7.885  1.468   1.00 15.96 ? 34  TRP A N   1 
ATOM   259  C CA  . TRP A 1 34  ? 14.813  -9.306  1.580   1.00 15.87 ? 34  TRP A CA  1 
ATOM   260  C C   . TRP A 1 34  ? 13.867  -10.180 2.406   1.00 15.83 ? 34  TRP A C   1 
ATOM   261  O O   . TRP A 1 34  ? 13.945  -11.414 2.343   1.00 16.79 ? 34  TRP A O   1 
ATOM   262  C CB  . TRP A 1 34  ? 16.212  -9.414  2.212   1.00 14.27 ? 34  TRP A CB  1 
ATOM   263  C CG  . TRP A 1 34  ? 16.282  -8.851  3.600   1.00 14.77 ? 34  TRP A CG  1 
ATOM   264  C CD1 . TRP A 1 34  ? 16.620  -7.582  3.949   1.00 14.40 ? 34  TRP A CD1 1 
ATOM   265  C CD2 . TRP A 1 34  ? 16.057  -9.557  4.823   1.00 15.42 ? 34  TRP A CD2 1 
ATOM   266  N NE1 . TRP A 1 34  ? 16.626  -7.449  5.312   1.00 15.33 ? 34  TRP A NE1 1 
ATOM   267  C CE2 . TRP A 1 34  ? 16.285  -8.650  5.877   1.00 15.14 ? 34  TRP A CE2 1 
ATOM   268  C CE3 . TRP A 1 34  ? 15.681  -10.874 5.134   1.00 17.75 ? 34  TRP A CE3 1 
ATOM   269  C CZ2 . TRP A 1 34  ? 16.157  -9.011  7.236   1.00 16.13 ? 34  TRP A CZ2 1 
ATOM   270  C CZ3 . TRP A 1 34  ? 15.550  -11.242 6.497   1.00 18.86 ? 34  TRP A CZ3 1 
ATOM   271  C CH2 . TRP A 1 34  ? 15.793  -10.301 7.523   1.00 16.18 ? 34  TRP A CH2 1 
ATOM   272  N N   . ASP A 1 35  ? 12.999  -9.539  3.193   1.00 14.41 ? 35  ASP A N   1 
ATOM   273  C CA  . ASP A 1 35  ? 12.091  -10.231 4.092   1.00 15.04 ? 35  ASP A CA  1 
ATOM   274  C C   . ASP A 1 35  ? 11.131  -11.126 3.330   1.00 14.91 ? 35  ASP A C   1 
ATOM   275  O O   . ASP A 1 35  ? 10.570  -10.727 2.307   1.00 14.20 ? 35  ASP A O   1 
ATOM   276  C CB  . ASP A 1 35  ? 11.337  -9.188  4.929   1.00 17.46 ? 35  ASP A CB  1 
ATOM   277  C CG  . ASP A 1 35  ? 10.395  -9.814  5.945   1.00 21.06 ? 35  ASP A CG  1 
ATOM   278  O OD1 . ASP A 1 35  ? 9.302   -10.268 5.555   1.00 24.61 ? 35  ASP A OD1 1 
ATOM   279  O OD2 . ASP A 1 35  ? 10.742  -9.827  7.144   1.00 28.83 ? 35  ASP A OD2 1 
ATOM   280  N N   . PRO A 1 36  ? 10.902  -12.351 3.834   1.00 13.25 ? 36  PRO A N   1 
ATOM   281  C CA  . PRO A 1 36  ? 9.995   -13.280 3.145   1.00 13.16 ? 36  PRO A CA  1 
ATOM   282  C C   . PRO A 1 36  ? 8.589   -12.763 2.937   1.00 13.92 ? 36  PRO A C   1 
ATOM   283  O O   . PRO A 1 36  ? 7.929   -13.128 1.965   1.00 14.37 ? 36  PRO A O   1 
ATOM   284  C CB  . PRO A 1 36  ? 10.012  -14.529 4.033   1.00 15.77 ? 36  PRO A CB  1 
ATOM   285  C CG  . PRO A 1 36  ? 10.507  -14.030 5.394   1.00 13.62 ? 36  PRO A CG  1 
ATOM   286  C CD  . PRO A 1 36  ? 11.439  -12.912 5.096   1.00 12.37 ? 36  PRO A CD  1 
ATOM   287  N N   . THR A 1 37  ? 8.117   -11.933 3.874   1.00 14.87 ? 37  THR A N   1 
ATOM   288  C CA  . THR A 1 37  ? 6.776   -11.381 3.772   1.00 17.81 ? 37  THR A CA  1 
ATOM   289  C C   . THR A 1 37  ? 6.725   -10.334 2.664   1.00 15.94 ? 37  THR A C   1 
ATOM   290  O O   . THR A 1 37  ? 5.734   -10.260 1.928   1.00 16.73 ? 37  THR A O   1 
ATOM   291  C CB  . THR A 1 37  ? 6.292   -10.768 5.106   1.00 18.83 ? 37  THR A CB  1 
ATOM   292  O OG1 . THR A 1 37  ? 6.311   -11.780 6.125   1.00 22.25 ? 37  THR A OG1 1 
ATOM   293  C CG2 . THR A 1 37  ? 4.835   -10.267 4.946   1.00 25.59 ? 37  THR A CG2 1 
ATOM   294  N N   . CYS A 1 38  ? 7.785   -9.538  2.539   1.00 13.72 ? 38  CYS A N   1 
ATOM   295  C CA  . CYS A 1 38  ? 7.846   -8.553  1.464   1.00 14.21 ? 38  CYS A CA  1 
ATOM   296  C C   . CYS A 1 38  ? 7.928   -9.250  0.106   1.00 14.72 ? 38  CYS A C   1 
ATOM   297  O O   . CYS A 1 38  ? 7.364   -8.767  -0.859  1.00 15.92 ? 38  CYS A O   1 
ATOM   298  C CB  . CYS A 1 38  ? 9.029   -7.593  1.637   1.00 16.34 ? 38  CYS A CB  1 
ATOM   299  S SG  . CYS A 1 38  ? 8.777   -6.411  2.995   1.00 20.53 ? 38  CYS A SG  1 
ATOM   300  N N   . MET A 1 39  ? 8.626   -10.381 0.006   1.00 14.70 ? 39  MET A N   1 
ATOM   301  C CA  . MET A 1 39  ? 8.709   -11.081 -1.283  1.00 13.42 ? 39  MET A CA  1 
ATOM   302  C C   . MET A 1 39  ? 7.323   -11.490 -1.752  1.00 14.50 ? 39  MET A C   1 
ATOM   303  O O   . MET A 1 39  ? 6.964   -11.306 -2.913  1.00 14.68 ? 39  MET A O   1 
ATOM   304  C CB  . MET A 1 39  ? 9.580   -12.330 -1.153  1.00 13.34 ? 39  MET A CB  1 
ATOM   305  C CG  . MET A 1 39  ? 11.042  -12.015 -0.905  1.00 13.08 ? 39  MET A CG  1 
ATOM   306  S SD  . MET A 1 39  ? 12.003  -13.543 -0.917  1.00 15.72 ? 39  MET A SD  1 
ATOM   307  C CE  . MET A 1 39  ? 13.682  -12.855 -0.858  1.00 16.77 ? 39  MET A CE  1 
ATOM   308  N N   . LYS A 1 40  ? 6.553   -12.059 -0.834  1.00 15.16 ? 40  LYS A N   1 
ATOM   309  C CA  . LYS A 1 40  ? 5.198   -12.503 -1.122  1.00 15.51 ? 40  LYS A CA  1 
ATOM   310  C C   . LYS A 1 40  ? 4.297   -11.313 -1.417  1.00 16.26 ? 40  LYS A C   1 
ATOM   311  O O   . LYS A 1 40  ? 3.487   -11.365 -2.325  1.00 16.34 ? 40  LYS A O   1 
ATOM   312  C CB  . LYS A 1 40  ? 4.647   -13.305 0.058   1.00 18.31 ? 40  LYS A CB  1 
ATOM   313  C CG  . LYS A 1 40  ? 5.477   -14.544 0.348   1.00 24.80 ? 40  LYS A CG  1 
ATOM   314  C CD  . LYS A 1 40  ? 4.955   -15.325 1.544   1.00 29.59 ? 40  LYS A CD  1 
ATOM   315  C CE  . LYS A 1 40  ? 5.381   -16.790 1.472   1.00 32.79 ? 40  LYS A CE  1 
ATOM   316  N NZ  . LYS A 1 40  ? 4.416   -17.692 2.185   1.00 37.84 ? 40  LYS A NZ  1 
ATOM   317  N N   . MET A 1 41  ? 4.442   -10.234 -0.653  1.00 17.01 ? 41  MET A N   1 
ATOM   318  C CA  . MET A 1 41  ? 3.629   -9.048  -0.882  1.00 17.84 ? 41  MET A CA  1 
ATOM   319  C C   . MET A 1 41  ? 3.961   -8.426  -2.248  1.00 15.80 ? 41  MET A C   1 
ATOM   320  O O   . MET A 1 41  ? 3.078   -8.051  -3.006  1.00 15.29 ? 41  MET A O   1 
ATOM   321  C CB  . MET A 1 41  ? 3.877   -8.040  0.240   1.00 21.06 ? 41  MET A CB  1 
ATOM   322  C CG  . MET A 1 41  ? 3.104   -6.753  0.093   1.00 28.23 ? 41  MET A CG  1 
ATOM   323  S SD  . MET A 1 41  ? 1.307   -6.933  0.382   1.00 40.24 ? 41  MET A SD  1 
ATOM   324  C CE  . MET A 1 41  ? 1.081   -8.683  0.968   1.00 39.35 ? 41  MET A CE  1 
ATOM   325  N N   . ASP A 1 42  ? 5.237   -8.340  -2.577  1.00 14.36 ? 42  ASP A N   1 
ATOM   326  C CA  . ASP A 1 42  ? 5.652   -7.741  -3.847  1.00 14.06 ? 42  ASP A CA  1 
ATOM   327  C C   . ASP A 1 42  ? 5.141   -8.537  -5.037  1.00 13.48 ? 42  ASP A C   1 
ATOM   328  O O   . ASP A 1 42  ? 4.745   -7.967  -6.056  1.00 13.76 ? 42  ASP A O   1 
ATOM   329  C CB  . ASP A 1 42  ? 7.198   -7.633  -3.902  1.00 15.16 ? 42  ASP A CB  1 
ATOM   330  C CG  . ASP A 1 42  ? 7.767   -6.606  -2.888  1.00 15.58 ? 42  ASP A CG  1 
ATOM   331  O OD1 . ASP A 1 42  ? 6.972   -5.919  -2.203  1.00 14.22 ? 42  ASP A OD1 1 
ATOM   332  O OD2 . ASP A 1 42  ? 9.011   -6.489  -2.788  1.00 16.80 ? 42  ASP A OD2 1 
ATOM   333  N N   . GLU A 1 43  ? 5.151   -9.862  -4.893  1.00 14.91 ? 43  GLU A N   1 
ATOM   334  C CA  . GLU A 1 43  ? 4.694   -10.765 -5.954  1.00 17.34 ? 43  GLU A CA  1 
ATOM   335  C C   . GLU A 1 43  ? 3.214   -10.515 -6.270  1.00 16.46 ? 43  GLU A C   1 
ATOM   336  O O   . GLU A 1 43  ? 2.814   -10.393 -7.431  1.00 15.52 ? 43  GLU A O   1 
ATOM   337  C CB  . GLU A 1 43  ? 4.896   -12.208 -5.498  1.00 21.87 ? 43  GLU A CB  1 
ATOM   338  C CG  . GLU A 1 43  ? 4.423   -13.238 -6.490  1.00 28.75 ? 43  GLU A CG  1 
ATOM   339  C CD  . GLU A 1 43  ? 4.792   -14.648 -6.064  1.00 32.11 ? 43  GLU A CD  1 
ATOM   340  O OE1 . GLU A 1 43  ? 4.174   -15.593 -6.604  1.00 37.58 ? 43  GLU A OE1 1 
ATOM   341  O OE2 . GLU A 1 43  ? 5.693   -14.802 -5.205  1.00 32.02 ? 43  GLU A OE2 1 
ATOM   342  N N   . VAL A 1 44  ? 2.406   -10.418 -5.221  1.00 14.85 ? 44  VAL A N   1 
ATOM   343  C CA  . VAL A 1 44  ? 0.984   -10.167 -5.402  1.00 15.17 ? 44  VAL A CA  1 
ATOM   344  C C   . VAL A 1 44  ? 0.755   -8.782  -6.011  1.00 15.00 ? 44  VAL A C   1 
ATOM   345  O O   . VAL A 1 44  ? 0.010   -8.630  -6.984  1.00 14.84 ? 44  VAL A O   1 
ATOM   346  C CB  . VAL A 1 44  ? 0.245   -10.275 -4.059  1.00 16.86 ? 44  VAL A CB  1 
ATOM   347  C CG1 . VAL A 1 44  ? -1.143  -9.625  -4.165  1.00 18.93 ? 44  VAL A CG1 1 
ATOM   348  C CG2 . VAL A 1 44  ? 0.116   -11.745 -3.678  1.00 18.65 ? 44  VAL A CG2 1 
ATOM   349  N N   . LEU A 1 45  ? 1.402   -7.767  -5.439  1.00 13.31 ? 45  LEU A N   1 
ATOM   350  C CA  . LEU A 1 45  ? 1.251   -6.409  -5.934  1.00 12.85 ? 45  LEU A CA  1 
ATOM   351  C C   . LEU A 1 45  ? 1.644   -6.309  -7.401  1.00 13.07 ? 45  LEU A C   1 
ATOM   352  O O   . LEU A 1 45  ? 0.970   -5.659  -8.188  1.00 14.35 ? 45  LEU A O   1 
ATOM   353  C CB  . LEU A 1 45  ? 2.097   -5.439  -5.103  1.00 12.45 ? 45  LEU A CB  1 
ATOM   354  C CG  . LEU A 1 45  ? 1.597   -5.187  -3.684  1.00 12.32 ? 45  LEU A CG  1 
ATOM   355  C CD1 . LEU A 1 45  ? 2.677   -4.441  -2.915  1.00 13.06 ? 45  LEU A CD1 1 
ATOM   356  C CD2 . LEU A 1 45  ? 0.257   -4.396  -3.700  1.00 11.58 ? 45  LEU A CD2 1 
ATOM   357  N N   . TYR A 1 46  ? 2.740   -6.950  -7.785  1.00 13.11 ? 46  TYR A N   1 
ATOM   358  C CA  . TYR A 1 46  ? 3.151   -6.854  -9.177  1.00 13.94 ? 46  TYR A CA  1 
ATOM   359  C C   . TYR A 1 46  ? 2.113   -7.513  -10.097 1.00 14.19 ? 46  TYR A C   1 
ATOM   360  O O   . TYR A 1 46  ? 1.805   -6.990  -11.171 1.00 13.85 ? 46  TYR A O   1 
ATOM   361  C CB  . TYR A 1 46  ? 4.534   -7.492  -9.348  1.00 14.90 ? 46  TYR A CB  1 
ATOM   362  C CG  . TYR A 1 46  ? 4.974   -7.602  -10.773 1.00 14.69 ? 46  TYR A CG  1 
ATOM   363  C CD1 . TYR A 1 46  ? 5.817   -6.636  -11.349 1.00 16.85 ? 46  TYR A CD1 1 
ATOM   364  C CD2 . TYR A 1 46  ? 4.539   -8.664  -11.557 1.00 15.40 ? 46  TYR A CD2 1 
ATOM   365  C CE1 . TYR A 1 46  ? 6.207   -6.741  -12.683 1.00 17.47 ? 46  TYR A CE1 1 
ATOM   366  C CE2 . TYR A 1 46  ? 4.921   -8.778  -12.882 1.00 19.54 ? 46  TYR A CE2 1 
ATOM   367  C CZ  . TYR A 1 46  ? 5.748   -7.824  -13.441 1.00 20.33 ? 46  TYR A CZ  1 
ATOM   368  O OH  . TYR A 1 46  ? 6.100   -7.986  -14.764 1.00 25.50 ? 46  TYR A OH  1 
ATOM   369  N N   . SER A 1 47  ? 1.549   -8.628  -9.648  1.00 14.39 ? 47  SER A N   1 
ATOM   370  C CA  . SER A 1 47  ? 0.563   -9.365  -10.424 1.00 17.48 ? 47  SER A CA  1 
ATOM   371  C C   . SER A 1 47  ? -0.808  -8.639  -10.592 1.00 18.37 ? 47  SER A C   1 
ATOM   372  O O   . SER A 1 47  ? -1.593  -8.998  -11.477 1.00 20.50 ? 47  SER A O   1 
ATOM   373  C CB  . SER A 1 47  ? 0.382   -10.746 -9.798  1.00 18.95 ? 47  SER A CB  1 
ATOM   374  O OG  . SER A 1 47  ? -0.284  -10.626 -8.551  1.00 24.94 ? 47  SER A OG  1 
ATOM   375  N N   . ILE A 1 48  ? -1.104  -7.631  -9.762  1.00 15.38 ? 48  ILE A N   1 
ATOM   376  C CA  . ILE A 1 48  ? -2.371  -6.898  -9.896  1.00 14.69 ? 48  ILE A CA  1 
ATOM   377  C C   . ILE A 1 48  ? -2.186  -5.409  -10.241 1.00 16.28 ? 48  ILE A C   1 
ATOM   378  O O   . ILE A 1 48  ? -3.168  -4.664  -10.405 1.00 15.29 ? 48  ILE A O   1 
ATOM   379  C CB  . ILE A 1 48  ? -3.258  -7.059  -8.628  1.00 14.66 ? 48  ILE A CB  1 
ATOM   380  C CG1 . ILE A 1 48  ? -2.527  -6.607  -7.361  1.00 18.22 ? 48  ILE A CG1 1 
ATOM   381  C CG2 . ILE A 1 48  ? -3.622  -8.523  -8.466  1.00 15.58 ? 48  ILE A CG2 1 
ATOM   382  C CD1 . ILE A 1 48  ? -2.772  -5.209  -6.878  1.00 18.99 ? 48  ILE A CD1 1 
ATOM   383  N N   . ALA A 1 49  ? -0.933  -4.978  -10.415 1.00 16.39 ? 49  ALA A N   1 
ATOM   384  C CA  . ALA A 1 49  ? -0.654  -3.571  -10.707 1.00 17.60 ? 49  ALA A CA  1 
ATOM   385  C C   . ALA A 1 49  ? -1.408  -3.063  -11.947 1.00 19.73 ? 49  ALA A C   1 
ATOM   386  O O   . ALA A 1 49  ? -1.972  -1.955  -11.933 1.00 17.99 ? 49  ALA A O   1 
ATOM   387  C CB  . ALA A 1 49  ? 0.873   -3.328  -10.862 1.00 15.34 ? 49  ALA A CB  1 
ATOM   388  N N   . GLU A 1 50  ? -1.426  -3.854  -13.017 1.00 19.79 ? 50  GLU A N   1 
ATOM   389  C CA  . GLU A 1 50  ? -2.133  -3.408  -14.210 1.00 22.27 ? 50  GLU A CA  1 
ATOM   390  C C   . GLU A 1 50  ? -3.619  -3.321  -13.969 1.00 20.44 ? 50  GLU A C   1 
ATOM   391  O O   . GLU A 1 50  ? -4.260  -2.352  -14.348 1.00 22.27 ? 50  GLU A O   1 
ATOM   392  C CB  . GLU A 1 50  ? -1.898  -4.366  -15.365 1.00 26.03 ? 50  GLU A CB  1 
ATOM   393  C CG  . GLU A 1 50  ? -0.475  -4.527  -15.693 1.00 38.15 ? 50  GLU A CG  1 
ATOM   394  C CD  . GLU A 1 50  ? -0.121  -3.739  -16.913 1.00 45.01 ? 50  GLU A CD  1 
ATOM   395  O OE1 . GLU A 1 50  ? -0.699  -2.624  -17.074 1.00 42.89 ? 50  GLU A OE1 1 
ATOM   396  O OE2 . GLU A 1 50  ? 0.731   -4.254  -17.699 1.00 49.92 ? 50  GLU A OE2 1 
ATOM   397  N N   . LYS A 1 51  ? -4.151  -4.363  -13.351 1.00 19.83 ? 51  LYS A N   1 
ATOM   398  C CA  . LYS A 1 51  ? -5.571  -4.490  -13.048 1.00 20.62 ? 51  LYS A CA  1 
ATOM   399  C C   . LYS A 1 51  ? -6.158  -3.285  -12.306 1.00 20.37 ? 51  LYS A C   1 
ATOM   400  O O   . LYS A 1 51  ? -7.262  -2.822  -12.626 1.00 21.56 ? 51  LYS A O   1 
ATOM   401  C CB  . LYS A 1 51  ? -5.769  -5.761  -12.231 1.00 21.43 ? 51  LYS A CB  1 
ATOM   402  C CG  . LYS A 1 51  ? -7.189  -6.161  -12.009 1.00 31.02 ? 51  LYS A CG  1 
ATOM   403  C CD  . LYS A 1 51  ? -7.295  -7.679  -11.801 1.00 36.67 ? 51  LYS A CD  1 
ATOM   404  C CE  . LYS A 1 51  ? -8.769  -8.128  -11.813 1.00 42.87 ? 51  LYS A CE  1 
ATOM   405  N NZ  . LYS A 1 51  ? -9.331  -8.434  -10.453 1.00 45.69 ? 51  LYS A NZ  1 
ATOM   406  N N   . VAL A 1 52  ? -5.413  -2.754  -11.339 1.00 18.35 ? 52  VAL A N   1 
ATOM   407  C CA  . VAL A 1 52  ? -5.893  -1.637  -10.527 1.00 15.33 ? 52  VAL A CA  1 
ATOM   408  C C   . VAL A 1 52  ? -5.453  -0.267  -10.993 1.00 15.81 ? 52  VAL A C   1 
ATOM   409  O O   . VAL A 1 52  ? -5.776  0.744   -10.379 1.00 15.78 ? 52  VAL A O   1 
ATOM   410  C CB  . VAL A 1 52  ? -5.443  -1.816  -9.073  1.00 14.44 ? 52  VAL A CB  1 
ATOM   411  C CG1 . VAL A 1 52  ? -5.924  -3.161  -8.552  1.00 15.03 ? 52  VAL A CG1 1 
ATOM   412  C CG2 . VAL A 1 52  ? -3.915  -1.713  -8.983  1.00 14.00 ? 52  VAL A CG2 1 
ATOM   413  N N   . LYS A 1 53  ? -4.735  -0.235  -12.103 1.00 17.34 ? 53  LYS A N   1 
ATOM   414  C CA  . LYS A 1 53  ? -4.175  0.998   -12.656 1.00 18.93 ? 53  LYS A CA  1 
ATOM   415  C C   . LYS A 1 53  ? -5.084  2.229   -12.788 1.00 16.43 ? 53  LYS A C   1 
ATOM   416  O O   . LYS A 1 53  ? -4.624  3.353   -12.612 1.00 17.85 ? 53  LYS A O   1 
ATOM   417  C CB  . LYS A 1 53  ? -3.544  0.671   -14.019 1.00 22.34 ? 53  LYS A CB  1 
ATOM   418  C CG  . LYS A 1 53  ? -2.475  1.612   -14.459 1.00 29.48 ? 53  LYS A CG  1 
ATOM   419  C CD  . LYS A 1 53  ? -1.713  1.017   -15.637 1.00 37.15 ? 53  LYS A CD  1 
ATOM   420  C CE  . LYS A 1 53  ? -0.525  0.166   -15.174 1.00 41.83 ? 53  LYS A CE  1 
ATOM   421  N NZ  . LYS A 1 53  ? 0.267   -0.376  -16.329 1.00 45.24 ? 53  LYS A NZ  1 
ATOM   422  N N   . ASN A 1 54  ? -6.360  2.021   -13.105 1.00 17.60 ? 54  ASN A N   1 
ATOM   423  C CA  . ASN A 1 54  ? -7.289  3.151   -13.272 1.00 20.69 ? 54  ASN A CA  1 
ATOM   424  C C   . ASN A 1 54  ? -7.509  3.909   -11.956 1.00 19.51 ? 54  ASN A C   1 
ATOM   425  O O   . ASN A 1 54  ? -7.837  5.089   -11.959 1.00 19.80 ? 54  ASN A O   1 
ATOM   426  C CB  . ASN A 1 54  ? -8.672  2.665   -13.762 1.00 23.34 ? 54  ASN A CB  1 
ATOM   427  C CG  . ASN A 1 54  ? -8.653  2.135   -15.190 1.00 29.75 ? 54  ASN A CG  1 
ATOM   428  O OD1 . ASN A 1 54  ? -7.748  2.452   -15.974 1.00 29.52 ? 54  ASN A OD1 1 
ATOM   429  N ND2 . ASN A 1 54  ? -9.658  1.313   -15.537 1.00 31.63 ? 54  ASN A ND2 1 
ATOM   430  N N   . PHE A 1 55  ? -7.314  3.237   -10.830 1.00 17.13 ? 55  PHE A N   1 
ATOM   431  C CA  . PHE A 1 55  ? -7.607  3.879   -9.554  1.00 15.73 ? 55  PHE A CA  1 
ATOM   432  C C   . PHE A 1 55  ? -6.550  3.729   -8.476  1.00 15.23 ? 55  PHE A C   1 
ATOM   433  O O   . PHE A 1 55  ? -6.747  4.185   -7.354  1.00 14.61 ? 55  PHE A O   1 
ATOM   434  C CB  . PHE A 1 55  ? -8.945  3.337   -9.032  1.00 15.15 ? 55  PHE A CB  1 
ATOM   435  C CG  . PHE A 1 55  ? -8.999  1.827   -8.919  1.00 15.02 ? 55  PHE A CG  1 
ATOM   436  C CD1 . PHE A 1 55  ? -8.667  1.191   -7.710  1.00 15.33 ? 55  PHE A CD1 1 
ATOM   437  C CD2 . PHE A 1 55  ? -9.380  1.042   -10.007 1.00 14.78 ? 55  PHE A CD2 1 
ATOM   438  C CE1 . PHE A 1 55  ? -8.717  -0.186  -7.588  1.00 15.29 ? 55  PHE A CE1 1 
ATOM   439  C CE2 . PHE A 1 55  ? -9.431  -0.348  -9.898  1.00 16.38 ? 55  PHE A CE2 1 
ATOM   440  C CZ  . PHE A 1 55  ? -9.098  -0.963  -8.686  1.00 18.44 ? 55  PHE A CZ  1 
ATOM   441  N N   . ALA A 1 56  ? -5.430  3.088   -8.797  1.00 14.18 ? 56  ALA A N   1 
ATOM   442  C CA  . ALA A 1 56  ? -4.377  2.906   -7.801  1.00 12.28 ? 56  ALA A CA  1 
ATOM   443  C C   . ALA A 1 56  ? -3.034  2.797   -8.467  1.00 12.54 ? 56  ALA A C   1 
ATOM   444  O O   . ALA A 1 56  ? -2.916  2.263   -9.581  1.00 12.74 ? 56  ALA A O   1 
ATOM   445  C CB  . ALA A 1 56  ? -4.625  1.634   -7.010  1.00 14.35 ? 56  ALA A CB  1 
ATOM   446  N N   . VAL A 1 57  ? -2.028  3.308   -7.766  1.00 11.98 ? 57  VAL A N   1 
ATOM   447  C CA  . VAL A 1 57  ? -0.652  3.229   -8.220  1.00 13.32 ? 57  VAL A CA  1 
ATOM   448  C C   . VAL A 1 57  ? 0.159   2.663   -7.006  1.00 14.22 ? 57  VAL A C   1 
ATOM   449  O O   . VAL A 1 57  ? -0.054  3.067   -5.843  1.00 13.41 ? 57  VAL A O   1 
ATOM   450  C CB  . VAL A 1 57  ? -0.158  4.615   -8.711  1.00 13.57 ? 57  VAL A CB  1 
ATOM   451  C CG1 . VAL A 1 57  ? -0.172  5.609   -7.593  1.00 13.64 ? 57  VAL A CG1 1 
ATOM   452  C CG2 . VAL A 1 57  ? 1.223   4.474   -9.336  1.00 16.65 ? 57  VAL A CG2 1 
ATOM   453  N N   . ILE A 1 58  ? 1.066   1.718   -7.287  1.00 12.75 ? 58  ILE A N   1 
ATOM   454  C CA  . ILE A 1 58  ? 1.845   1.042   -6.262  1.00 12.14 ? 58  ILE A CA  1 
ATOM   455  C C   . ILE A 1 58  ? 3.342   1.338   -6.284  1.00 13.12 ? 58  ILE A C   1 
ATOM   456  O O   . ILE A 1 58  ? 3.973   1.371   -7.352  1.00 13.77 ? 58  ILE A O   1 
ATOM   457  C CB  . ILE A 1 58  ? 1.658   -0.481  -6.403  1.00 13.77 ? 58  ILE A CB  1 
ATOM   458  C CG1 . ILE A 1 58  ? 0.167   -0.834  -6.455  1.00 14.60 ? 58  ILE A CG1 1 
ATOM   459  C CG2 . ILE A 1 58  ? 2.369   -1.208  -5.277  1.00 12.96 ? 58  ILE A CG2 1 
ATOM   460  C CD1 . ILE A 1 58  ? -0.108  -2.188  -7.145  1.00 12.53 ? 58  ILE A CD1 1 
ATOM   461  N N   . TYR A 1 59  ? 3.897   1.538   -5.091  1.00 12.12 ? 59  TYR A N   1 
ATOM   462  C CA  . TYR A 1 59  ? 5.320   1.818   -4.899  1.00 13.03 ? 59  TYR A CA  1 
ATOM   463  C C   . TYR A 1 59  ? 5.869   0.966   -3.759  1.00 13.31 ? 59  TYR A C   1 
ATOM   464  O O   . TYR A 1 59  ? 5.126   0.542   -2.866  1.00 13.79 ? 59  TYR A O   1 
ATOM   465  C CB  . TYR A 1 59  ? 5.543   3.274   -4.541  1.00 13.41 ? 59  TYR A CB  1 
ATOM   466  C CG  . TYR A 1 59  ? 5.139   4.191   -5.642  1.00 14.34 ? 59  TYR A CG  1 
ATOM   467  C CD1 . TYR A 1 59  ? 3.963   4.928   -5.558  1.00 15.07 ? 59  TYR A CD1 1 
ATOM   468  C CD2 . TYR A 1 59  ? 5.951   4.358   -6.757  1.00 14.52 ? 59  TYR A CD2 1 
ATOM   469  C CE1 . TYR A 1 59  ? 3.616   5.818   -6.559  1.00 17.28 ? 59  TYR A CE1 1 
ATOM   470  C CE2 . TYR A 1 59  ? 5.615   5.242   -7.760  1.00 16.43 ? 59  TYR A CE2 1 
ATOM   471  C CZ  . TYR A 1 59  ? 4.450   5.972   -7.653  1.00 17.84 ? 59  TYR A CZ  1 
ATOM   472  O OH  . TYR A 1 59  ? 4.138   6.885   -8.628  1.00 21.05 ? 59  TYR A OH  1 
ATOM   473  N N   . LEU A 1 60  ? 7.181   0.732   -3.807  1.00 13.90 ? 60  LEU A N   1 
ATOM   474  C CA  . LEU A 1 60  ? 7.898   -0.056  -2.796  1.00 14.79 ? 60  LEU A CA  1 
ATOM   475  C C   . LEU A 1 60  ? 8.919   0.819   -2.063  1.00 15.87 ? 60  LEU A C   1 
ATOM   476  O O   . LEU A 1 60  ? 9.620   1.634   -2.663  1.00 16.33 ? 60  LEU A O   1 
ATOM   477  C CB  . LEU A 1 60  ? 8.628   -1.235  -3.471  1.00 15.70 ? 60  LEU A CB  1 
ATOM   478  C CG  . LEU A 1 60  ? 7.775   -2.103  -4.415  1.00 15.54 ? 60  LEU A CG  1 
ATOM   479  C CD1 . LEU A 1 60  ? 8.650   -3.173  -5.038  1.00 14.67 ? 60  LEU A CD1 1 
ATOM   480  C CD2 . LEU A 1 60  ? 6.565   -2.717  -3.652  1.00 14.05 ? 60  LEU A CD2 1 
ATOM   481  N N   . VAL A 1 61  ? 9.010   0.638   -0.759  1.00 16.25 ? 61  VAL A N   1 
ATOM   482  C CA  . VAL A 1 61  ? 9.949   1.420   0.019   1.00 16.52 ? 61  VAL A CA  1 
ATOM   483  C C   . VAL A 1 61  ? 10.675  0.484   0.968   1.00 16.86 ? 61  VAL A C   1 
ATOM   484  O O   . VAL A 1 61  ? 10.049  -0.312  1.682   1.00 17.88 ? 61  VAL A O   1 
ATOM   485  C CB  . VAL A 1 61  ? 9.219   2.516   0.847   1.00 17.49 ? 61  VAL A CB  1 
ATOM   486  C CG1 . VAL A 1 61  ? 10.186  3.155   1.862   1.00 17.18 ? 61  VAL A CG1 1 
ATOM   487  C CG2 . VAL A 1 61  ? 8.634   3.577   -0.088  1.00 16.45 ? 61  VAL A CG2 1 
ATOM   488  N N   . ASP A 1 62  ? 11.997  0.554   0.956   1.00 17.53 ? 62  ASP A N   1 
ATOM   489  C CA  . ASP A 1 62  ? 12.779  -0.256  1.884   1.00 19.91 ? 62  ASP A CA  1 
ATOM   490  C C   . ASP A 1 62  ? 12.964  0.607   3.145   1.00 20.89 ? 62  ASP A C   1 
ATOM   491  O O   . ASP A 1 62  ? 13.498  1.702   3.071   1.00 20.29 ? 62  ASP A O   1 
ATOM   492  C CB  . ASP A 1 62  ? 14.125  -0.605  1.271   1.00 22.72 ? 62  ASP A CB  1 
ATOM   493  C CG  . ASP A 1 62  ? 14.965  -1.423  2.203   1.00 23.62 ? 62  ASP A CG  1 
ATOM   494  O OD1 . ASP A 1 62  ? 14.897  -2.666  2.123   1.00 21.89 ? 62  ASP A OD1 1 
ATOM   495  O OD2 . ASP A 1 62  ? 15.669  -0.808  3.024   1.00 26.75 ? 62  ASP A OD2 1 
ATOM   496  N N   . ILE A 1 63  ? 12.530  0.114   4.302   1.00 22.21 ? 63  ILE A N   1 
ATOM   497  C CA  . ILE A 1 63  ? 12.609  0.933   5.496   1.00 23.91 ? 63  ILE A CA  1 
ATOM   498  C C   . ILE A 1 63  ? 13.998  1.084   6.101   1.00 26.74 ? 63  ILE A C   1 
ATOM   499  O O   . ILE A 1 63  ? 14.191  1.881   7.016   1.00 27.83 ? 63  ILE A O   1 
ATOM   500  C CB  . ILE A 1 63  ? 11.560  0.496   6.602   1.00 24.91 ? 63  ILE A CB  1 
ATOM   501  C CG1 . ILE A 1 63  ? 11.692  -0.974  6.969   1.00 25.25 ? 63  ILE A CG1 1 
ATOM   502  C CG2 . ILE A 1 63  ? 10.141  0.732   6.098   1.00 24.87 ? 63  ILE A CG2 1 
ATOM   503  C CD1 . ILE A 1 63  ? 10.622  -1.415  7.953   1.00 25.74 ? 63  ILE A CD1 1 
ATOM   504  N N   . THR A 1 64  ? 14.967  0.330   5.600   1.00 27.00 ? 64  THR A N   1 
ATOM   505  C CA  . THR A 1 64  ? 16.333  0.494   6.082   1.00 28.77 ? 64  THR A CA  1 
ATOM   506  C C   . THR A 1 64  ? 16.859  1.741   5.377   1.00 28.57 ? 64  THR A C   1 
ATOM   507  O O   . THR A 1 64  ? 17.464  2.623   5.982   1.00 30.23 ? 64  THR A O   1 
ATOM   508  C CB  . THR A 1 64  ? 17.226  -0.674  5.675   1.00 28.24 ? 64  THR A CB  1 
ATOM   509  O OG1 . THR A 1 64  ? 16.953  -1.786  6.532   1.00 32.75 ? 64  THR A OG1 1 
ATOM   510  C CG2 . THR A 1 64  ? 18.697  -0.291  5.794   1.00 29.12 ? 64  THR A CG2 1 
ATOM   511  N N   . GLU A 1 65  ? 16.597  1.796   4.079   1.00 27.57 ? 65  GLU A N   1 
ATOM   512  C CA  . GLU A 1 65  ? 17.022  2.888   3.233   1.00 27.16 ? 65  GLU A CA  1 
ATOM   513  C C   . GLU A 1 65  ? 16.189  4.143   3.481   1.00 27.30 ? 65  GLU A C   1 
ATOM   514  O O   . GLU A 1 65  ? 16.713  5.257   3.493   1.00 28.88 ? 65  GLU A O   1 
ATOM   515  C CB  . GLU A 1 65  ? 16.935  2.408   1.778   1.00 28.77 ? 65  GLU A CB  1 
ATOM   516  C CG  . GLU A 1 65  ? 16.799  3.476   0.721   1.00 33.76 ? 65  GLU A CG  1 
ATOM   517  C CD  . GLU A 1 65  ? 16.804  2.901   -0.692  1.00 36.85 ? 65  GLU A CD  1 
ATOM   518  O OE1 . GLU A 1 65  ? 17.764  3.208   -1.439  1.00 39.79 ? 65  GLU A OE1 1 
ATOM   519  O OE2 . GLU A 1 65  ? 15.859  2.156   -1.061  1.00 35.56 ? 65  GLU A OE2 1 
ATOM   520  N N   . VAL A 1 66  ? 14.891  3.968   3.688   1.00 26.15 ? 66  VAL A N   1 
ATOM   521  C CA  . VAL A 1 66  ? 14.018  5.106   3.927   1.00 27.07 ? 66  VAL A CA  1 
ATOM   522  C C   . VAL A 1 66  ? 13.334  4.948   5.268   1.00 29.58 ? 66  VAL A C   1 
ATOM   523  O O   . VAL A 1 66  ? 12.225  4.427   5.350   1.00 29.17 ? 66  VAL A O   1 
ATOM   524  C CB  . VAL A 1 66  ? 12.912  5.248   2.826   1.00 25.21 ? 66  VAL A CB  1 
ATOM   525  C CG1 . VAL A 1 66  ? 12.053  6.495   3.092   1.00 20.17 ? 66  VAL A CG1 1 
ATOM   526  C CG2 . VAL A 1 66  ? 13.551  5.300   1.438   1.00 21.67 ? 66  VAL A CG2 1 
ATOM   527  N N   . PRO A 1 67  ? 14.020  5.342   6.354   1.00 32.32 ? 67  PRO A N   1 
ATOM   528  C CA  . PRO A 1 67  ? 13.488  5.262   7.723   1.00 33.97 ? 67  PRO A CA  1 
ATOM   529  C C   . PRO A 1 67  ? 12.523  6.384   8.145   1.00 34.79 ? 67  PRO A C   1 
ATOM   530  O O   . PRO A 1 67  ? 11.842  6.283   9.169   1.00 35.65 ? 67  PRO A O   1 
ATOM   531  C CB  . PRO A 1 67  ? 14.744  5.220   8.591   1.00 33.36 ? 67  PRO A CB  1 
ATOM   532  C CG  . PRO A 1 67  ? 15.793  5.879   7.774   1.00 34.09 ? 67  PRO A CG  1 
ATOM   533  C CD  . PRO A 1 67  ? 15.427  5.776   6.325   1.00 32.41 ? 67  PRO A CD  1 
ATOM   534  N N   . ASP A 1 68  ? 12.439  7.439   7.350   1.00 37.47 ? 68  ASP A N   1 
ATOM   535  C CA  . ASP A 1 68  ? 11.561  8.567   7.663   1.00 42.64 ? 68  ASP A CA  1 
ATOM   536  C C   . ASP A 1 68  ? 10.156  8.289   8.259   1.00 45.26 ? 68  ASP A C   1 
ATOM   537  O O   . ASP A 1 68  ? 9.795   8.827   9.302   1.00 48.32 ? 68  ASP A O   1 
ATOM   538  C CB  . ASP A 1 68  ? 11.387  9.448   6.418   1.00 41.16 ? 68  ASP A CB  1 
ATOM   539  C CG  . ASP A 1 68  ? 12.697  9.753   5.736   1.00 42.64 ? 68  ASP A CG  1 
ATOM   540  O OD1 . ASP A 1 68  ? 12.895  10.914  5.316   1.00 45.90 ? 68  ASP A OD1 1 
ATOM   541  O OD2 . ASP A 1 68  ? 13.531  8.835   5.616   1.00 42.33 ? 68  ASP A OD2 1 
ATOM   542  N N   . PHE A 1 69  ? 9.365   7.456   7.605   1.00 45.50 ? 69  PHE A N   1 
ATOM   543  C CA  . PHE A 1 69  ? 8.005   7.203   8.051   1.00 45.31 ? 69  PHE A CA  1 
ATOM   544  C C   . PHE A 1 69  ? 7.829   6.059   9.029   1.00 46.73 ? 69  PHE A C   1 
ATOM   545  O O   . PHE A 1 69  ? 6.699   5.617   9.257   1.00 46.20 ? 69  PHE A O   1 
ATOM   546  C CB  . PHE A 1 69  ? 7.146   6.978   6.810   1.00 44.74 ? 69  PHE A CB  1 
ATOM   547  C CG  . PHE A 1 69  ? 7.566   7.826   5.639   1.00 44.11 ? 69  PHE A CG  1 
ATOM   548  C CD1 . PHE A 1 69  ? 8.707   7.499   4.900   1.00 44.38 ? 69  PHE A CD1 1 
ATOM   549  C CD2 . PHE A 1 69  ? 6.868   8.981   5.316   1.00 44.04 ? 69  PHE A CD2 1 
ATOM   550  C CE1 . PHE A 1 69  ? 9.149   8.311   3.867   1.00 44.51 ? 69  PHE A CE1 1 
ATOM   551  C CE2 . PHE A 1 69  ? 7.295   9.804   4.284   1.00 44.32 ? 69  PHE A CE2 1 
ATOM   552  C CZ  . PHE A 1 69  ? 8.441   9.469   3.557   1.00 44.80 ? 69  PHE A CZ  1 
ATOM   553  N N   . ASN A 1 70  ? 8.935   5.601   9.621   1.00 49.18 ? 70  ASN A N   1 
ATOM   554  C CA  . ASN A 1 70  ? 8.923   4.462   10.565  1.00 52.22 ? 70  ASN A CA  1 
ATOM   555  C C   . ASN A 1 70  ? 8.069   4.629   11.825  1.00 54.10 ? 70  ASN A C   1 
ATOM   556  O O   . ASN A 1 70  ? 7.981   3.716   12.642  1.00 53.91 ? 70  ASN A O   1 
ATOM   557  C CB  . ASN A 1 70  ? 10.356  4.075   10.960  1.00 50.64 ? 70  ASN A CB  1 
ATOM   558  C CG  . ASN A 1 70  ? 11.058  3.250   9.882   1.00 51.51 ? 70  ASN A CG  1 
ATOM   559  O OD1 . ASN A 1 70  ? 10.445  2.858   8.884   1.00 50.94 ? 70  ASN A OD1 1 
ATOM   560  N ND2 . ASN A 1 70  ? 12.349  2.986   10.077  1.00 51.43 ? 70  ASN A ND2 1 
ATOM   561  N N   . LYS A 1 71  ? 7.439   5.794   11.971  1.00 57.03 ? 71  LYS A N   1 
ATOM   562  C CA  . LYS A 1 71  ? 6.566   6.079   13.111  1.00 58.28 ? 71  LYS A CA  1 
ATOM   563  C C   . LYS A 1 71  ? 5.107   5.839   12.700  1.00 59.21 ? 71  LYS A C   1 
ATOM   564  O O   . LYS A 1 71  ? 4.213   5.863   13.540  1.00 60.10 ? 71  LYS A O   1 
ATOM   565  C CB  . LYS A 1 71  ? 6.720   7.531   13.551  1.00 56.89 ? 71  LYS A CB  1 
ATOM   566  C CG  . LYS A 1 71  ? 7.627   7.733   14.736  1.00 59.30 ? 71  LYS A CG  1 
ATOM   567  C CD  . LYS A 1 71  ? 7.932   9.227   14.914  1.00 62.12 ? 71  LYS A CD  1 
ATOM   568  C CE  . LYS A 1 71  ? 8.769   9.511   16.163  1.00 61.97 ? 71  LYS A CE  1 
ATOM   569  N NZ  . LYS A 1 71  ? 7.960   10.054  17.295  1.00 63.16 ? 71  LYS A NZ  1 
ATOM   570  N N   . MET A 1 72  ? 4.876   5.602   11.406  1.00 58.84 ? 72  MET A N   1 
ATOM   571  C CA  . MET A 1 72  ? 3.530   5.376   10.892  1.00 57.99 ? 72  MET A CA  1 
ATOM   572  C C   . MET A 1 72  ? 3.029   3.942   11.050  1.00 58.22 ? 72  MET A C   1 
ATOM   573  O O   . MET A 1 72  ? 1.822   3.690   11.042  1.00 58.46 ? 72  MET A O   1 
ATOM   574  C CB  . MET A 1 72  ? 3.459   5.812   9.430   1.00 56.91 ? 72  MET A CB  1 
ATOM   575  C CG  . MET A 1 72  ? 2.610   7.070   9.256   1.00 56.79 ? 72  MET A CG  1 
ATOM   576  S SD  . MET A 1 72  ? 2.931   8.022   7.767   1.00 56.44 ? 72  MET A SD  1 
ATOM   577  C CE  . MET A 1 72  ? 4.092   6.947   6.940   1.00 58.64 ? 72  MET A CE  1 
ATOM   578  N N   . TYR A 1 73  ? 3.963   3.013   11.204  1.00 58.67 ? 73  TYR A N   1 
ATOM   579  C CA  . TYR A 1 73  ? 3.664   1.590   11.390  1.00 59.12 ? 73  TYR A CA  1 
ATOM   580  C C   . TYR A 1 73  ? 4.647   1.146   12.478  1.00 61.57 ? 73  TYR A C   1 
ATOM   581  O O   . TYR A 1 73  ? 4.614   0.003   12.951  1.00 61.37 ? 73  TYR A O   1 
ATOM   582  C CB  . TYR A 1 73  ? 3.936   0.815   10.088  1.00 54.74 ? 73  TYR A CB  1 
ATOM   583  C CG  . TYR A 1 73  ? 5.131   1.344   9.303   1.00 49.61 ? 73  TYR A CG  1 
ATOM   584  C CD1 . TYR A 1 73  ? 6.441   0.951   9.620   1.00 46.43 ? 73  TYR A CD1 1 
ATOM   585  C CD2 . TYR A 1 73  ? 4.956   2.273   8.288   1.00 47.44 ? 73  TYR A CD2 1 
ATOM   586  C CE1 . TYR A 1 73  ? 7.532   1.475   8.952   1.00 43.23 ? 73  TYR A CE1 1 
ATOM   587  C CE2 . TYR A 1 73  ? 6.041   2.801   7.616   1.00 47.19 ? 73  TYR A CE2 1 
ATOM   588  C CZ  . TYR A 1 73  ? 7.321   2.403   7.951   1.00 44.92 ? 73  TYR A CZ  1 
ATOM   589  O OH  . TYR A 1 73  ? 8.369   2.971   7.275   1.00 43.44 ? 73  TYR A OH  1 
ATOM   590  N N   . GLU A 1 74  ? 5.518   2.084   12.853  1.00 64.66 ? 74  GLU A N   1 
ATOM   591  C CA  . GLU A 1 74  ? 6.529   1.838   13.865  1.00 68.72 ? 74  GLU A CA  1 
ATOM   592  C C   . GLU A 1 74  ? 7.551   0.830   13.361  1.00 70.13 ? 74  GLU A C   1 
ATOM   593  O O   . GLU A 1 74  ? 8.024   -0.024  14.131  1.00 72.07 ? 74  GLU A O   1 
ATOM   594  N N   . LEU A 1 75  ? 7.921   0.935   12.083  1.00 67.66 ? 75  LEU A N   1 
ATOM   595  C CA  . LEU A 1 75  ? 8.851   -0.031  11.517  1.00 65.26 ? 75  LEU A CA  1 
ATOM   596  C C   . LEU A 1 75  ? 8.188   -1.336  11.930  1.00 63.75 ? 75  LEU A C   1 
ATOM   597  O O   . LEU A 1 75  ? 8.853   -2.268  12.366  1.00 63.44 ? 75  LEU A O   1 
ATOM   598  C CB  . LEU A 1 75  ? 10.244  0.071   12.162  1.00 64.41 ? 75  LEU A CB  1 
ATOM   599  C CG  . LEU A 1 75  ? 11.244  -1.033  11.757  1.00 64.77 ? 75  LEU A CG  1 
ATOM   600  C CD1 . LEU A 1 75  ? 12.578  -0.445  11.294  1.00 65.67 ? 75  LEU A CD1 1 
ATOM   601  C CD2 . LEU A 1 75  ? 11.460  -1.961  12.930  1.00 64.57 ? 75  LEU A CD2 1 
ATOM   602  N N   . TYR A 1 76  ? 6.861   -1.363  11.836  1.00 61.98 ? 76  TYR A N   1 
ATOM   603  C CA  . TYR A 1 76  ? 6.115   -2.550  12.200  1.00 61.20 ? 76  TYR A CA  1 
ATOM   604  C C   . TYR A 1 76  ? 7.055   -3.734  12.178  1.00 61.77 ? 76  TYR A C   1 
ATOM   605  O O   . TYR A 1 76  ? 7.336   -4.335  13.214  1.00 62.64 ? 76  TYR A O   1 
ATOM   606  N N   . ASP A 1 77  ? 7.591   -4.035  11.000  1.00 60.23 ? 77  ASP A N   1 
ATOM   607  C CA  . ASP A 1 77  ? 8.509   -5.147  10.868  1.00 58.35 ? 77  ASP A CA  1 
ATOM   608  C C   . ASP A 1 77  ? 8.023   -5.977  9.716   1.00 55.48 ? 77  ASP A C   1 
ATOM   609  O O   . ASP A 1 77  ? 8.624   -5.929  8.641   1.00 55.49 ? 77  ASP A O   1 
ATOM   610  N N   . PRO A 1 78  ? 6.932   -6.746  9.908   1.00 53.63 ? 78  PRO A N   1 
ATOM   611  C CA  . PRO A 1 78  ? 6.409   -7.569  8.811   1.00 52.28 ? 78  PRO A CA  1 
ATOM   612  C C   . PRO A 1 78  ? 6.221   -6.644  7.624   1.00 50.06 ? 78  PRO A C   1 
ATOM   613  O O   . PRO A 1 78  ? 6.256   -5.414  7.757   1.00 53.32 ? 78  PRO A O   1 
ATOM   614  C CB  . PRO A 1 78  ? 5.067   -8.087  9.331   1.00 50.94 ? 78  PRO A CB  1 
ATOM   615  C CG  . PRO A 1 78  ? 5.150   -7.985  10.789  1.00 52.70 ? 78  PRO A CG  1 
ATOM   616  C CD  . PRO A 1 78  ? 6.126   -6.883  11.135  1.00 54.00 ? 78  PRO A CD  1 
ATOM   617  N N   . CYS A 1 79  ? 6.023   -7.202  6.451   1.00 43.91 ? 79  CYS A N   1 
ATOM   618  C CA  . CYS A 1 79  ? 5.834   -6.303  5.357   1.00 37.34 ? 79  CYS A CA  1 
ATOM   619  C C   . CYS A 1 79  ? 4.434   -5.682  5.437   1.00 37.48 ? 79  CYS A C   1 
ATOM   620  O O   . CYS A 1 79  ? 3.426   -6.404  5.470   1.00 37.38 ? 79  CYS A O   1 
ATOM   621  C CB  . CYS A 1 79  ? 6.009   -7.045  4.069   1.00 33.36 ? 79  CYS A CB  1 
ATOM   622  S SG  . CYS A 1 79  ? 6.782   -5.947  2.864   1.00 34.63 ? 79  CYS A SG  1 
ATOM   623  N N   . THR A 1 80  ? 4.361   -4.350  5.455   1.00 32.95 ? 80  THR A N   1 
ATOM   624  C CA  . THR A 1 80  ? 3.066   -3.682  5.539   1.00 30.78 ? 80  THR A CA  1 
ATOM   625  C C   . THR A 1 80  ? 2.760   -2.772  4.340   1.00 26.73 ? 80  THR A C   1 
ATOM   626  O O   . THR A 1 80  ? 3.663   -2.179  3.736   1.00 24.86 ? 80  THR A O   1 
ATOM   627  C CB  . THR A 1 80  ? 2.964   -2.846  6.832   1.00 33.61 ? 80  THR A CB  1 
ATOM   628  O OG1 . THR A 1 80  ? 3.718   -1.636  6.677   1.00 36.15 ? 80  THR A OG1 1 
ATOM   629  C CG2 . THR A 1 80  ? 3.532   -3.639  8.040   1.00 37.49 ? 80  THR A CG2 1 
ATOM   630  N N   . VAL A 1 81  ? 1.482   -2.691  3.993   1.00 22.77 ? 81  VAL A N   1 
ATOM   631  C CA  . VAL A 1 81  ? 1.056   -1.842  2.899   1.00 20.39 ? 81  VAL A CA  1 
ATOM   632  C C   . VAL A 1 81  ? 0.234   -0.719  3.496   1.00 19.72 ? 81  VAL A C   1 
ATOM   633  O O   . VAL A 1 81  ? -0.638  -0.982  4.339   1.00 19.35 ? 81  VAL A O   1 
ATOM   634  C CB  . VAL A 1 81  ? 0.220   -2.629  1.876   1.00 22.83 ? 81  VAL A CB  1 
ATOM   635  C CG1 . VAL A 1 81  ? -0.282  -1.703  0.796   1.00 20.23 ? 81  VAL A CG1 1 
ATOM   636  C CG2 . VAL A 1 81  ? 1.092   -3.706  1.241   1.00 23.74 ? 81  VAL A CG2 1 
ATOM   637  N N   . MET A 1 82  ? 0.541   0.519   3.091   1.00 15.58 ? 82  MET A N   1 
ATOM   638  C CA  . MET A 1 82  ? -0.159  1.709   3.573   1.00 14.26 ? 82  MET A CA  1 
ATOM   639  C C   . MET A 1 82  ? -0.810  2.399   2.398   1.00 14.11 ? 82  MET A C   1 
ATOM   640  O O   . MET A 1 82  ? -0.300  2.333   1.272   1.00 14.43 ? 82  MET A O   1 
ATOM   641  C CB  . MET A 1 82  ? 0.807   2.646   4.265   1.00 17.92 ? 82  MET A CB  1 
ATOM   642  C CG  . MET A 1 82  ? 1.254   2.070   5.600   1.00 23.73 ? 82  MET A CG  1 
ATOM   643  S SD  . MET A 1 82  ? 1.846   3.319   6.730   1.00 34.67 ? 82  MET A SD  1 
ATOM   644  C CE  . MET A 1 82  ? 2.802   4.294   5.687   1.00 30.07 ? 82  MET A CE  1 
ATOM   645  N N   . PHE A 1 83  ? -1.931  3.068   2.675   1.00 12.66 ? 83  PHE A N   1 
ATOM   646  C CA  . PHE A 1 83  ? -2.743  3.712   1.656   1.00 13.33 ? 83  PHE A CA  1 
ATOM   647  C C   . PHE A 1 83  ? -2.941  5.206   1.828   1.00 14.16 ? 83  PHE A C   1 
ATOM   648  O O   . PHE A 1 83  ? -3.259  5.659   2.924   1.00 14.24 ? 83  PHE A O   1 
ATOM   649  C CB  . PHE A 1 83  ? -4.120  3.055   1.640   1.00 12.72 ? 83  PHE A CB  1 
ATOM   650  C CG  . PHE A 1 83  ? -4.080  1.586   1.399   1.00 13.92 ? 83  PHE A CG  1 
ATOM   651  C CD1 . PHE A 1 83  ? -4.004  0.694   2.459   1.00 15.22 ? 83  PHE A CD1 1 
ATOM   652  C CD2 . PHE A 1 83  ? -4.090  1.081   0.105   1.00 15.77 ? 83  PHE A CD2 1 
ATOM   653  C CE1 . PHE A 1 83  ? -3.931  -0.678  2.230   1.00 14.97 ? 83  PHE A CE1 1 
ATOM   654  C CE2 . PHE A 1 83  ? -4.017  -0.291  -0.121  1.00 14.72 ? 83  PHE A CE2 1 
ATOM   655  C CZ  . PHE A 1 83  ? -3.937  -1.160  0.942   1.00 15.23 ? 83  PHE A CZ  1 
ATOM   656  N N   . PHE A 1 84  ? -2.787  5.959   0.731   1.00 14.42 ? 84  PHE A N   1 
ATOM   657  C CA  . PHE A 1 84  ? -2.980  7.408   0.750   1.00 12.72 ? 84  PHE A CA  1 
ATOM   658  C C   . PHE A 1 84  ? -3.884  7.832   -0.393  1.00 14.71 ? 84  PHE A C   1 
ATOM   659  O O   . PHE A 1 84  ? -3.787  7.318   -1.513  1.00 15.39 ? 84  PHE A O   1 
ATOM   660  C CB  . PHE A 1 84  ? -1.648  8.164   0.607   1.00 13.70 ? 84  PHE A CB  1 
ATOM   661  C CG  . PHE A 1 84  ? -0.613  7.782   1.635   1.00 13.99 ? 84  PHE A CG  1 
ATOM   662  C CD1 . PHE A 1 84  ? 0.235   6.700   1.419   1.00 14.46 ? 84  PHE A CD1 1 
ATOM   663  C CD2 . PHE A 1 84  ? -0.495  8.497   2.824   1.00 16.12 ? 84  PHE A CD2 1 
ATOM   664  C CE1 . PHE A 1 84  ? 1.198   6.336   2.396   1.00 17.28 ? 84  PHE A CE1 1 
ATOM   665  C CE2 . PHE A 1 84  ? 0.464   8.137   3.799   1.00 14.81 ? 84  PHE A CE2 1 
ATOM   666  C CZ  . PHE A 1 84  ? 1.302   7.061   3.581   1.00 15.18 ? 84  PHE A CZ  1 
ATOM   667  N N   . PHE A 1 85  ? -4.780  8.767   -0.114  1.00 14.92 ? 85  PHE A N   1 
ATOM   668  C CA  . PHE A 1 85  ? -5.646  9.299   -1.163  1.00 16.42 ? 85  PHE A CA  1 
ATOM   669  C C   . PHE A 1 85  ? -5.768  10.810  -0.988  1.00 16.83 ? 85  PHE A C   1 
ATOM   670  O O   . PHE A 1 85  ? -6.166  11.280  0.075   1.00 18.27 ? 85  PHE A O   1 
ATOM   671  C CB  . PHE A 1 85  ? -7.033  8.665   -1.131  1.00 13.46 ? 85  PHE A CB  1 
ATOM   672  C CG  . PHE A 1 85  ? -7.874  9.058   -2.293  1.00 14.04 ? 85  PHE A CG  1 
ATOM   673  C CD1 . PHE A 1 85  ? -8.846  10.040  -2.154  1.00 13.59 ? 85  PHE A CD1 1 
ATOM   674  C CD2 . PHE A 1 85  ? -7.673  8.472   -3.536  1.00 14.40 ? 85  PHE A CD2 1 
ATOM   675  C CE1 . PHE A 1 85  ? -9.612  10.430  -3.236  1.00 15.87 ? 85  PHE A CE1 1 
ATOM   676  C CE2 . PHE A 1 85  ? -8.437  8.857   -4.635  1.00 16.57 ? 85  PHE A CE2 1 
ATOM   677  C CZ  . PHE A 1 85  ? -9.412  9.840   -4.481  1.00 15.64 ? 85  PHE A CZ  1 
ATOM   678  N N   . ARG A 1 86  ? -5.427  11.543  -2.041  1.00 17.41 ? 86  ARG A N   1 
ATOM   679  C CA  . ARG A 1 86  ? -5.440  12.995  -2.040  1.00 20.09 ? 86  ARG A CA  1 
ATOM   680  C C   . ARG A 1 86  ? -4.706  13.509  -0.786  1.00 21.19 ? 86  ARG A C   1 
ATOM   681  O O   . ARG A 1 86  ? -5.210  14.332  -0.020  1.00 21.63 ? 86  ARG A O   1 
ATOM   682  C CB  . ARG A 1 86  ? -6.878  13.508  -2.144  1.00 17.61 ? 86  ARG A CB  1 
ATOM   683  C CG  . ARG A 1 86  ? -7.462  13.227  -3.514  1.00 20.55 ? 86  ARG A CG  1 
ATOM   684  C CD  . ARG A 1 86  ? -8.900  13.738  -3.718  1.00 22.73 ? 86  ARG A CD  1 
ATOM   685  N NE  . ARG A 1 86  ? -9.330  13.338  -5.063  1.00 28.17 ? 86  ARG A NE  1 
ATOM   686  C CZ  . ARG A 1 86  ? -10.581 13.053  -5.458  1.00 30.12 ? 86  ARG A CZ  1 
ATOM   687  N NH1 . ARG A 1 86  ? -11.615 13.114  -4.621  1.00 27.59 ? 86  ARG A NH1 1 
ATOM   688  N NH2 . ARG A 1 86  ? -10.788 12.626  -6.703  1.00 29.16 ? 86  ARG A NH2 1 
ATOM   689  N N   . ASN A 1 87  ? -3.513  12.968  -0.577  1.00 21.48 ? 87  ASN A N   1 
ATOM   690  C CA  . ASN A 1 87  ? -2.639  13.365  0.517   1.00 25.14 ? 87  ASN A CA  1 
ATOM   691  C C   . ASN A 1 87  ? -3.055  12.983  1.914   1.00 24.73 ? 87  ASN A C   1 
ATOM   692  O O   . ASN A 1 87  ? -2.446  13.418  2.887   1.00 26.48 ? 87  ASN A O   1 
ATOM   693  C CB  . ASN A 1 87  ? -2.421  14.865  0.451   1.00 28.33 ? 87  ASN A CB  1 
ATOM   694  C CG  . ASN A 1 87  ? -1.827  15.282  -0.852  1.00 33.46 ? 87  ASN A CG  1 
ATOM   695  O OD1 . ASN A 1 87  ? -0.998  14.565  -1.418  1.00 39.10 ? 87  ASN A OD1 1 
ATOM   696  N ND2 . ASN A 1 87  ? -2.244  16.441  -1.355  1.00 34.27 ? 87  ASN A ND2 1 
ATOM   697  N N   . LYS A 1 88  ? -4.099  12.186  2.022   1.00 24.19 ? 88  LYS A N   1 
ATOM   698  C CA  . LYS A 1 88  ? -4.564  11.745  3.317   1.00 24.28 ? 88  LYS A CA  1 
ATOM   699  C C   . LYS A 1 88  ? -4.259  10.258  3.505   1.00 22.15 ? 88  LYS A C   1 
ATOM   700  O O   . LYS A 1 88  ? -4.452  9.452   2.605   1.00 20.90 ? 88  LYS A O   1 
ATOM   701  C CB  . LYS A 1 88  ? -6.060  11.986  3.422   1.00 27.78 ? 88  LYS A CB  1 
ATOM   702  C CG  . LYS A 1 88  ? -6.640  11.713  4.794   1.00 35.12 ? 88  LYS A CG  1 
ATOM   703  C CD  . LYS A 1 88  ? -7.959  12.458  4.974   1.00 38.30 ? 88  LYS A CD  1 
ATOM   704  C CE  . LYS A 1 88  ? -9.123  11.505  5.124   1.00 39.30 ? 88  LYS A CE  1 
ATOM   705  N NZ  . LYS A 1 88  ? -10.414 12.228  5.397   1.00 42.28 ? 88  LYS A NZ  1 
ATOM   706  N N   . HIS A 1 89  ? -3.762  9.910   4.675   1.00 20.96 ? 89  HIS A N   1 
ATOM   707  C CA  . HIS A 1 89  ? -3.469  8.536   5.012   1.00 20.14 ? 89  HIS A CA  1 
ATOM   708  C C   . HIS A 1 89  ? -4.835  7.909   5.309   1.00 19.90 ? 89  HIS A C   1 
ATOM   709  O O   . HIS A 1 89  ? -5.589  8.416   6.140   1.00 19.92 ? 89  HIS A O   1 
ATOM   710  C CB  . HIS A 1 89  ? -2.574  8.508   6.246   1.00 21.51 ? 89  HIS A CB  1 
ATOM   711  C CG  . HIS A 1 89  ? -2.429  7.155   6.861   1.00 24.18 ? 89  HIS A CG  1 
ATOM   712  N ND1 . HIS A 1 89  ? -1.988  6.060   6.151   1.00 27.47 ? 89  HIS A ND1 1 
ATOM   713  C CD2 . HIS A 1 89  ? -2.634  6.727   8.128   1.00 26.54 ? 89  HIS A CD2 1 
ATOM   714  C CE1 . HIS A 1 89  ? -1.925  5.014   6.954   1.00 28.09 ? 89  HIS A CE1 1 
ATOM   715  N NE2 . HIS A 1 89  ? -2.312  5.392   8.161   1.00 32.12 ? 89  HIS A NE2 1 
ATOM   716  N N   . ILE A 1 90  ? -5.164  6.822   4.611   1.00 18.31 ? 90  ILE A N   1 
ATOM   717  C CA  . ILE A 1 90  ? -6.450  6.165   4.795   1.00 16.16 ? 90  ILE A CA  1 
ATOM   718  C C   . ILE A 1 90  ? -6.291  4.938   5.662   1.00 18.20 ? 90  ILE A C   1 
ATOM   719  O O   . ILE A 1 90  ? -5.491  4.059   5.342   1.00 17.13 ? 90  ILE A O   1 
ATOM   720  C CB  . ILE A 1 90  ? -7.057  5.736   3.447   1.00 15.76 ? 90  ILE A CB  1 
ATOM   721  C CG1 . ILE A 1 90  ? -7.033  6.920   2.464   1.00 15.36 ? 90  ILE A CG1 1 
ATOM   722  C CG2 . ILE A 1 90  ? -8.494  5.182   3.663   1.00 16.34 ? 90  ILE A CG2 1 
ATOM   723  C CD1 . ILE A 1 90  ? -7.822  8.177   2.922   1.00 15.32 ? 90  ILE A CD1 1 
ATOM   724  N N   . MET A 1 91  ? -7.057  4.897   6.755   1.00 17.43 ? 91  MET A N   1 
ATOM   725  C CA  . MET A 1 91  ? -7.039  3.793   7.710   1.00 19.10 ? 91  MET A CA  1 
ATOM   726  C C   . MET A 1 91  ? -8.017  2.707   7.316   1.00 18.58 ? 91  MET A C   1 
ATOM   727  O O   . MET A 1 91  ? -9.043  2.998   6.713   1.00 20.34 ? 91  MET A O   1 
ATOM   728  C CB  . MET A 1 91  ? -7.331  4.340   9.114   1.00 21.16 ? 91  MET A CB  1 
ATOM   729  C CG  . MET A 1 91  ? -6.207  5.297   9.557   1.00 26.90 ? 91  MET A CG  1 
ATOM   730  S SD  . MET A 1 91  ? -6.474  6.221   11.081  1.00 36.64 ? 91  MET A SD  1 
ATOM   731  C CE  . MET A 1 91  ? -8.117  7.216   10.762  1.00 33.05 ? 91  MET A CE  1 
ATOM   732  N N   . ILE A 1 92  ? -7.679  1.454   7.621   1.00 20.27 ? 92  ILE A N   1 
ATOM   733  C CA  . ILE A 1 92  ? -8.514  0.281   7.305   1.00 22.73 ? 92  ILE A CA  1 
ATOM   734  C C   . ILE A 1 92  ? -8.751  -0.567  8.532   1.00 23.33 ? 92  ILE A C   1 
ATOM   735  O O   . ILE A 1 92  ? -7.808  -0.932  9.225   1.00 26.09 ? 92  ILE A O   1 
ATOM   736  C CB  . ILE A 1 92  ? -7.836  -0.718  6.343   1.00 25.62 ? 92  ILE A CB  1 
ATOM   737  C CG1 . ILE A 1 92  ? -7.124  0.005   5.225   1.00 30.35 ? 92  ILE A CG1 1 
ATOM   738  C CG2 . ILE A 1 92  ? -8.866  -1.690  5.807   1.00 27.71 ? 92  ILE A CG2 1 
ATOM   739  C CD1 . ILE A 1 92  ? -6.452  -0.963  4.253   1.00 36.85 ? 92  ILE A CD1 1 
ATOM   740  N N   . ASP A 1 93  ? -9.997  -0.918  8.782   1.00 22.26 ? 93  ASP A N   1 
ATOM   741  C CA  . ASP A 1 93  ? -10.283 -1.763  9.913   1.00 22.61 ? 93  ASP A CA  1 
ATOM   742  C C   . ASP A 1 93  ? -10.690 -3.084  9.289   1.00 23.47 ? 93  ASP A C   1 
ATOM   743  O O   . ASP A 1 93  ? -11.628 -3.141  8.505   1.00 23.28 ? 93  ASP A O   1 
ATOM   744  C CB  . ASP A 1 93  ? -11.427 -1.188  10.738  1.00 21.48 ? 93  ASP A CB  1 
ATOM   745  C CG  . ASP A 1 93  ? -11.517 -1.814  12.111  1.00 23.96 ? 93  ASP A CG  1 
ATOM   746  O OD1 . ASP A 1 93  ? -11.031 -2.961  12.268  1.00 26.24 ? 93  ASP A OD1 1 
ATOM   747  O OD2 . ASP A 1 93  ? -12.067 -1.168  13.033  1.00 24.36 ? 93  ASP A OD2 1 
ATOM   748  N N   . LEU A 1 94  ? -9.968  -4.139  9.621   1.00 27.40 ? 94  LEU A N   1 
ATOM   749  C CA  . LEU A 1 94  ? -10.265 -5.464  9.086   1.00 31.68 ? 94  LEU A CA  1 
ATOM   750  C C   . LEU A 1 94  ? -11.187 -6.275  9.995   1.00 34.20 ? 94  LEU A C   1 
ATOM   751  O O   . LEU A 1 94  ? -11.628 -7.368  9.631   1.00 34.22 ? 94  LEU A O   1 
ATOM   752  C CB  . LEU A 1 94  ? -8.966  -6.241  8.870   1.00 33.50 ? 94  LEU A CB  1 
ATOM   753  C CG  . LEU A 1 94  ? -7.975  -5.611  7.888   1.00 33.04 ? 94  LEU A CG  1 
ATOM   754  C CD1 . LEU A 1 94  ? -6.727  -6.473  7.822   1.00 36.03 ? 94  LEU A CD1 1 
ATOM   755  C CD2 . LEU A 1 94  ? -8.625  -5.466  6.507   1.00 35.60 ? 94  LEU A CD2 1 
ATOM   756  N N   . GLY A 1 95  ? -11.479 -5.742  11.176  1.00 34.22 ? 95  GLY A N   1 
ATOM   757  C CA  . GLY A 1 95  ? -12.350 -6.448  12.088  1.00 34.53 ? 95  GLY A CA  1 
ATOM   758  C C   . GLY A 1 95  ? -11.624 -7.565  12.805  1.00 35.56 ? 95  GLY A C   1 
ATOM   759  O O   . GLY A 1 95  ? -12.263 -8.328  13.530  1.00 38.33 ? 95  GLY A O   1 
ATOM   760  N N   . ILE A 1 102 ? -2.496  -4.102  6.925   1.00 36.85 ? 102 ILE A N   1 
ATOM   761  C CA  . ILE A 1 102 ? -2.266  -5.107  5.835   1.00 39.40 ? 102 ILE A CA  1 
ATOM   762  C C   . ILE A 1 102 ? -0.783  -5.548  5.866   1.00 41.89 ? 102 ILE A C   1 
ATOM   763  O O   . ILE A 1 102 ? 0.035   -5.100  5.053   1.00 41.39 ? 102 ILE A O   1 
ATOM   764  C CB  . ILE A 1 102 ? -2.623  -4.505  4.429   1.00 38.01 ? 102 ILE A CB  1 
ATOM   765  C CG1 . ILE A 1 102 ? -3.863  -3.603  4.541   1.00 34.42 ? 102 ILE A CG1 1 
ATOM   766  C CG2 . ILE A 1 102 ? -2.820  -5.626  3.387   1.00 35.88 ? 102 ILE A CG2 1 
ATOM   767  C CD1 . ILE A 1 102 ? -5.198  -4.322  4.476   1.00 36.45 ? 102 ILE A CD1 1 
ATOM   768  N N   . ASN A 1 103 ? -0.446  -6.430  6.810   1.00 43.53 ? 103 ASN A N   1 
ATOM   769  C CA  . ASN A 1 103 ? 0.934   -6.886  6.975   1.00 44.14 ? 103 ASN A CA  1 
ATOM   770  C C   . ASN A 1 103 ? 1.149   -8.389  6.858   1.00 44.40 ? 103 ASN A C   1 
ATOM   771  O O   . ASN A 1 103 ? 2.072   -8.948  7.470   1.00 43.11 ? 103 ASN A O   1 
ATOM   772  C CB  . ASN A 1 103 ? 1.509   -6.381  8.311   1.00 45.68 ? 103 ASN A CB  1 
ATOM   773  C CG  . ASN A 1 103 ? 0.743   -6.892  9.518   1.00 47.35 ? 103 ASN A CG  1 
ATOM   774  O OD1 . ASN A 1 103 ? -0.204  -7.680  9.391   1.00 46.50 ? 103 ASN A OD1 1 
ATOM   775  N ND2 . ASN A 1 103 ? 1.154   -6.442  10.705  1.00 49.27 ? 103 ASN A ND2 1 
ATOM   776  N N   . TRP A 1 104 ? 0.302   -9.030  6.058   1.00 45.05 ? 104 TRP A N   1 
ATOM   777  C CA  . TRP A 1 104 ? 0.400   -10.466 5.825   1.00 45.97 ? 104 TRP A CA  1 
ATOM   778  C C   . TRP A 1 104 ? 0.329   -10.797 4.337   1.00 47.24 ? 104 TRP A C   1 
ATOM   779  O O   . TRP A 1 104 ? -0.447  -10.210 3.586   1.00 48.99 ? 104 TRP A O   1 
ATOM   780  C CB  . TRP A 1 104 ? -0.723  -11.217 6.556   1.00 44.14 ? 104 TRP A CB  1 
ATOM   781  C CG  . TRP A 1 104 ? -2.030  -11.226 5.820   1.00 41.56 ? 104 TRP A CG  1 
ATOM   782  C CD1 . TRP A 1 104 ? -2.474  -12.171 4.941   1.00 40.45 ? 104 TRP A CD1 1 
ATOM   783  C CD2 . TRP A 1 104 ? -3.044  -10.219 5.877   1.00 40.00 ? 104 TRP A CD2 1 
ATOM   784  N NE1 . TRP A 1 104 ? -3.701  -11.812 4.447   1.00 39.56 ? 104 TRP A NE1 1 
ATOM   785  C CE2 . TRP A 1 104 ? -4.075  -10.616 5.004   1.00 39.97 ? 104 TRP A CE2 1 
ATOM   786  C CE3 . TRP A 1 104 ? -3.179  -9.013  6.584   1.00 41.52 ? 104 TRP A CE3 1 
ATOM   787  C CZ2 . TRP A 1 104 ? -5.229  -9.852  4.816   1.00 39.69 ? 104 TRP A CZ2 1 
ATOM   788  C CZ3 . TRP A 1 104 ? -4.327  -8.254  6.399   1.00 39.69 ? 104 TRP A CZ3 1 
ATOM   789  C CH2 . TRP A 1 104 ? -5.335  -8.678  5.520   1.00 40.48 ? 104 TRP A CH2 1 
ATOM   790  N N   . ALA A 1 105 ? 1.152   -11.738 3.907   1.00 48.62 ? 105 ALA A N   1 
ATOM   791  C CA  . ALA A 1 105 ? 1.127   -12.138 2.518   1.00 48.79 ? 105 ALA A CA  1 
ATOM   792  C C   . ALA A 1 105 ? -0.169  -12.932 2.364   1.00 49.01 ? 105 ALA A C   1 
ATOM   793  O O   . ALA A 1 105 ? -0.487  -13.787 3.194   1.00 48.57 ? 105 ALA A O   1 
ATOM   794  C CB  . ALA A 1 105 ? 2.330   -13.010 2.203   1.00 48.77 ? 105 ALA A CB  1 
ATOM   795  N N   . MET A 1 106 ? -0.925  -12.611 1.315   1.00 49.79 ? 106 MET A N   1 
ATOM   796  C CA  . MET A 1 106 ? -2.188  -13.284 1.018   1.00 48.56 ? 106 MET A CA  1 
ATOM   797  C C   . MET A 1 106 ? -1.978  -14.151 -0.205  1.00 48.19 ? 106 MET A C   1 
ATOM   798  O O   . MET A 1 106 ? -1.290  -13.758 -1.137  1.00 49.69 ? 106 MET A O   1 
ATOM   799  C CB  . MET A 1 106 ? -3.318  -12.267 0.739   1.00 46.06 ? 106 MET A CB  1 
ATOM   800  C CG  . MET A 1 106 ? -2.881  -10.971 0.078   1.00 42.03 ? 106 MET A CG  1 
ATOM   801  S SD  . MET A 1 106 ? -4.011  -9.596  0.382   1.00 43.27 ? 106 MET A SD  1 
ATOM   802  C CE  . MET A 1 106 ? -3.417  -8.940  1.988   1.00 41.62 ? 106 MET A CE  1 
ATOM   803  N N   . GLU A 1 107 ? -2.562  -15.336 -0.206  1.00 48.22 ? 107 GLU A N   1 
ATOM   804  C CA  . GLU A 1 107 ? -2.416  -16.214 -1.348  1.00 48.69 ? 107 GLU A CA  1 
ATOM   805  C C   . GLU A 1 107 ? -3.016  -15.563 -2.586  1.00 48.41 ? 107 GLU A C   1 
ATOM   806  O O   . GLU A 1 107 ? -2.311  -15.325 -3.572  1.00 50.27 ? 107 GLU A O   1 
ATOM   807  C CB  . GLU A 1 107 ? -3.106  -17.551 -1.087  1.00 51.29 ? 107 GLU A CB  1 
ATOM   808  C CG  . GLU A 1 107 ? -3.299  -17.864 0.388   1.00 55.89 ? 107 GLU A CG  1 
ATOM   809  C CD  . GLU A 1 107 ? -2.861  -19.268 0.754   1.00 57.51 ? 107 GLU A CD  1 
ATOM   810  O OE1 . GLU A 1 107 ? -3.371  -20.239 0.144   1.00 58.51 ? 107 GLU A OE1 1 
ATOM   811  O OE2 . GLU A 1 107 ? -2.004  -19.400 1.653   1.00 59.80 ? 107 GLU A OE2 1 
ATOM   812  N N   . ASP A 1 108 ? -4.314  -15.253 -2.519  1.00 45.26 ? 108 ASP A N   1 
ATOM   813  C CA  . ASP A 1 108 ? -5.054  -14.653 -3.635  1.00 41.62 ? 108 ASP A CA  1 
ATOM   814  C C   . ASP A 1 108 ? -4.741  -13.232 -3.998  1.00 37.62 ? 108 ASP A C   1 
ATOM   815  O O   . ASP A 1 108 ? -4.869  -12.327 -3.175  1.00 38.04 ? 108 ASP A O   1 
ATOM   816  C CB  . ASP A 1 108 ? -6.541  -14.710 -3.360  1.00 44.53 ? 108 ASP A CB  1 
ATOM   817  C CG  . ASP A 1 108 ? -6.979  -16.063 -2.961  1.00 47.02 ? 108 ASP A CG  1 
ATOM   818  O OD1 . ASP A 1 108 ? -7.554  -16.758 -3.824  1.00 49.30 ? 108 ASP A OD1 1 
ATOM   819  O OD2 . ASP A 1 108 ? -6.733  -16.428 -1.788  1.00 48.98 ? 108 ASP A OD2 1 
ATOM   820  N N   . LYS A 1 109 ? -4.379  -13.010 -5.246  1.00 31.53 ? 109 LYS A N   1 
ATOM   821  C CA  . LYS A 1 109 ? -4.106  -11.652 -5.621  1.00 28.07 ? 109 LYS A CA  1 
ATOM   822  C C   . LYS A 1 109 ? -5.453  -10.910 -5.691  1.00 24.66 ? 109 LYS A C   1 
ATOM   823  O O   . LYS A 1 109 ? -5.503  -9.686  -5.609  1.00 23.25 ? 109 LYS A O   1 
ATOM   824  C CB  . LYS A 1 109 ? -3.349  -11.622 -6.949  1.00 29.84 ? 109 LYS A CB  1 
ATOM   825  C CG  . LYS A 1 109 ? -4.064  -12.263 -8.111  1.00 32.63 ? 109 LYS A CG  1 
ATOM   826  C CD  . LYS A 1 109 ? -3.047  -12.757 -9.126  1.00 35.95 ? 109 LYS A CD  1 
ATOM   827  C CE  . LYS A 1 109 ? -3.548  -12.546 -10.543 1.00 37.85 ? 109 LYS A CE  1 
ATOM   828  N NZ  . LYS A 1 109 ? -4.011  -11.147 -10.694 1.00 41.79 ? 109 LYS A NZ  1 
ATOM   829  N N   . GLN A 1 110 ? -6.550  -11.653 -5.809  1.00 21.28 ? 110 GLN A N   1 
ATOM   830  C CA  . GLN A 1 110 ? -7.848  -11.005 -5.880  1.00 20.15 ? 110 GLN A CA  1 
ATOM   831  C C   . GLN A 1 110 ? -8.184  -10.364 -4.546  1.00 18.71 ? 110 GLN A C   1 
ATOM   832  O O   . GLN A 1 110 ? -8.913  -9.375  -4.489  1.00 19.78 ? 110 GLN A O   1 
ATOM   833  C CB  . GLN A 1 110 ? -8.956  -11.992 -6.279  1.00 22.43 ? 110 GLN A CB  1 
ATOM   834  C CG  . GLN A 1 110 ? -10.302 -11.308 -6.435  1.00 23.83 ? 110 GLN A CG  1 
ATOM   835  C CD  . GLN A 1 110 ? -10.261 -10.193 -7.470  1.00 26.16 ? 110 GLN A CD  1 
ATOM   836  O OE1 . GLN A 1 110 ? -9.591  -10.313 -8.496  1.00 28.49 ? 110 GLN A OE1 1 
ATOM   837  N NE2 . GLN A 1 110 ? -10.967 -9.103  -7.203  1.00 24.60 ? 110 GLN A NE2 1 
ATOM   838  N N   . GLU A 1 111 ? -7.675  -10.941 -3.466  1.00 16.38 ? 111 GLU A N   1 
ATOM   839  C CA  . GLU A 1 111 ? -7.919  -10.366 -2.159  1.00 16.36 ? 111 GLU A CA  1 
ATOM   840  C C   . GLU A 1 111 ? -7.243  -8.979  -2.083  1.00 17.50 ? 111 GLU A C   1 
ATOM   841  O O   . GLU A 1 111 ? -7.794  -8.045  -1.485  1.00 16.63 ? 111 GLU A O   1 
ATOM   842  C CB  . GLU A 1 111 ? -7.396  -11.275 -1.038  1.00 15.62 ? 111 GLU A CB  1 
ATOM   843  C CG  . GLU A 1 111 ? -7.748  -10.725 0.334   1.00 15.16 ? 111 GLU A CG  1 
ATOM   844  C CD  . GLU A 1 111 ? -7.282  -11.586 1.496   1.00 19.24 ? 111 GLU A CD  1 
ATOM   845  O OE1 . GLU A 1 111 ? -6.630  -12.628 1.292   1.00 19.46 ? 111 GLU A OE1 1 
ATOM   846  O OE2 . GLU A 1 111 ? -7.571  -11.209 2.646   1.00 23.80 ? 111 GLU A OE2 1 
ATOM   847  N N   . MET A 1 112 ? -6.058  -8.850  -2.692  1.00 16.71 ? 112 MET A N   1 
ATOM   848  C CA  . MET A 1 112 ? -5.332  -7.571  -2.697  1.00 15.99 ? 112 MET A CA  1 
ATOM   849  C C   . MET A 1 112 ? -6.077  -6.554  -3.600  1.00 14.50 ? 112 MET A C   1 
ATOM   850  O O   . MET A 1 112 ? -6.175  -5.369  -3.262  1.00 15.15 ? 112 MET A O   1 
ATOM   851  C CB  . MET A 1 112 ? -3.877  -7.787  -3.163  1.00 14.58 ? 112 MET A CB  1 
ATOM   852  C CG  . MET A 1 112 ? -2.995  -6.557  -3.046  1.00 17.62 ? 112 MET A CG  1 
ATOM   853  S SD  . MET A 1 112 ? -3.025  -5.781  -1.406  1.00 24.50 ? 112 MET A SD  1 
ATOM   854  C CE  . MET A 1 112 ? -1.904  -6.806  -0.619  1.00 27.39 ? 112 MET A CE  1 
ATOM   855  N N   . VAL A 1 113 ? -6.616  -7.015  -4.732  1.00 14.01 ? 113 VAL A N   1 
ATOM   856  C CA  . VAL A 1 113 ? -7.377  -6.135  -5.606  1.00 13.07 ? 113 VAL A CA  1 
ATOM   857  C C   . VAL A 1 113 ? -8.562  -5.603  -4.805  1.00 13.74 ? 113 VAL A C   1 
ATOM   858  O O   . VAL A 1 113 ? -8.869  -4.413  -4.875  1.00 15.25 ? 113 VAL A O   1 
ATOM   859  C CB  . VAL A 1 113 ? -7.931  -6.886  -6.814  1.00 12.29 ? 113 VAL A CB  1 
ATOM   860  C CG1 . VAL A 1 113 ? -8.890  -5.981  -7.612  1.00 14.23 ? 113 VAL A CG1 1 
ATOM   861  C CG2 . VAL A 1 113 ? -6.791  -7.350  -7.691  1.00 15.12 ? 113 VAL A CG2 1 
ATOM   862  N N   . ASP A 1 114 ? -9.223  -6.491  -4.057  1.00 13.70 ? 114 ASP A N   1 
ATOM   863  C CA  . ASP A 1 114 ? -10.387 -6.149  -3.215  1.00 16.48 ? 114 ASP A CA  1 
ATOM   864  C C   . ASP A 1 114 ? -10.101 -5.068  -2.177  1.00 14.84 ? 114 ASP A C   1 
ATOM   865  O O   . ASP A 1 114 ? -10.847 -4.100  -2.035  1.00 13.60 ? 114 ASP A O   1 
ATOM   866  C CB  . ASP A 1 114 ? -10.883 -7.383  -2.465  1.00 22.23 ? 114 ASP A CB  1 
ATOM   867  C CG  . ASP A 1 114 ? -11.686 -8.311  -3.334  1.00 33.02 ? 114 ASP A CG  1 
ATOM   868  O OD1 . ASP A 1 114 ? -11.613 -8.197  -4.582  1.00 38.43 ? 114 ASP A OD1 1 
ATOM   869  O OD2 . ASP A 1 114 ? -12.396 -9.168  -2.770  1.00 39.38 ? 114 ASP A OD2 1 
ATOM   870  N N   . ILE A 1 115 ? -9.024  -5.240  -1.437  1.00 12.82 ? 115 ILE A N   1 
ATOM   871  C CA  . ILE A 1 115 ? -8.688  -4.256  -0.452  1.00 13.36 ? 115 ILE A CA  1 
ATOM   872  C C   . ILE A 1 115 ? -8.365  -2.913  -1.100  1.00 12.75 ? 115 ILE A C   1 
ATOM   873  O O   . ILE A 1 115 ? -8.800  -1.882  -0.619  1.00 13.35 ? 115 ILE A O   1 
ATOM   874  C CB  . ILE A 1 115 ? -7.489  -4.732  0.414   1.00 16.06 ? 115 ILE A CB  1 
ATOM   875  C CG1 . ILE A 1 115 ? -7.887  -5.970  1.223   1.00 19.10 ? 115 ILE A CG1 1 
ATOM   876  C CG2 . ILE A 1 115 ? -7.113  -3.659  1.409   1.00 18.32 ? 115 ILE A CG2 1 
ATOM   877  C CD1 . ILE A 1 115 ? -6.690  -6.756  1.790   1.00 23.11 ? 115 ILE A CD1 1 
ATOM   878  N N   . ILE A 1 116 ? -7.595  -2.909  -2.185  1.00 12.51 ? 116 ILE A N   1 
ATOM   879  C CA  . ILE A 1 116 ? -7.231  -1.648  -2.839  1.00 12.98 ? 116 ILE A CA  1 
ATOM   880  C C   . ILE A 1 116 ? -8.488  -0.927  -3.401  1.00 14.19 ? 116 ILE A C   1 
ATOM   881  O O   . ILE A 1 116 ? -8.652  0.299   -3.254  1.00 14.58 ? 116 ILE A O   1 
ATOM   882  C CB  . ILE A 1 116 ? -6.186  -1.904  -3.982  1.00 14.37 ? 116 ILE A CB  1 
ATOM   883  C CG1 . ILE A 1 116 ? -4.840  -2.356  -3.384  1.00 13.01 ? 116 ILE A CG1 1 
ATOM   884  C CG2 . ILE A 1 116 ? -5.961  -0.634  -4.801  1.00 14.21 ? 116 ILE A CG2 1 
ATOM   885  C CD1 . ILE A 1 116 ? -3.818  -2.811  -4.454  1.00 12.60 ? 116 ILE A CD1 1 
ATOM   886  N N   . GLU A 1 117 ? -9.366  -1.691  -4.044  1.00 13.47 ? 117 GLU A N   1 
ATOM   887  C CA  . GLU A 1 117 ? -10.594 -1.138  -4.599  1.00 14.19 ? 117 GLU A CA  1 
ATOM   888  C C   . GLU A 1 117 ? -11.484 -0.600  -3.443  1.00 15.82 ? 117 GLU A C   1 
ATOM   889  O O   . GLU A 1 117 ? -12.108 0.475   -3.541  1.00 14.94 ? 117 GLU A O   1 
ATOM   890  C CB  . GLU A 1 117 ? -11.318 -2.229  -5.390  1.00 14.84 ? 117 GLU A CB  1 
ATOM   891  C CG  . GLU A 1 117 ? -12.679 -1.786  -5.917  1.00 18.49 ? 117 GLU A CG  1 
ATOM   892  C CD  . GLU A 1 117 ? -13.430 -2.900  -6.609  1.00 22.60 ? 117 GLU A CD  1 
ATOM   893  O OE1 . GLU A 1 117 ? -12.778 -3.812  -7.191  1.00 22.68 ? 117 GLU A OE1 1 
ATOM   894  O OE2 . GLU A 1 117 ? -14.676 -2.858  -6.567  1.00 23.14 ? 117 GLU A OE2 1 
ATOM   895  N N   . THR A 1 118 ? -11.540 -1.353  -2.348  1.00 13.97 ? 118 THR A N   1 
ATOM   896  C CA  . THR A 1 118 ? -12.317 -0.942  -1.198  1.00 15.50 ? 118 THR A CA  1 
ATOM   897  C C   . THR A 1 118 ? -11.754 0.370   -0.648  1.00 15.34 ? 118 THR A C   1 
ATOM   898  O O   . THR A 1 118 ? -12.521 1.313   -0.378  1.00 15.52 ? 118 THR A O   1 
ATOM   899  C CB  . THR A 1 118 ? -12.309 -2.044  -0.104  1.00 16.40 ? 118 THR A CB  1 
ATOM   900  O OG1 . THR A 1 118 ? -13.069 -3.160  -0.582  1.00 17.00 ? 118 THR A OG1 1 
ATOM   901  C CG2 . THR A 1 118 ? -12.934 -1.518  1.225   1.00 18.48 ? 118 THR A CG2 1 
ATOM   902  N N   . VAL A 1 119 ? -10.434 0.454   -0.479  1.00 13.22 ? 119 VAL A N   1 
ATOM   903  C CA  . VAL A 1 119 ? -9.838  1.690   0.020   1.00 13.66 ? 119 VAL A CA  1 
ATOM   904  C C   . VAL A 1 119 ? -10.135 2.851   -0.949  1.00 13.15 ? 119 VAL A C   1 
ATOM   905  O O   . VAL A 1 119 ? -10.561 3.932   -0.518  1.00 12.82 ? 119 VAL A O   1 
ATOM   906  C CB  . VAL A 1 119 ? -8.304  1.550   0.231   1.00 13.80 ? 119 VAL A CB  1 
ATOM   907  C CG1 . VAL A 1 119 ? -7.666  2.911   0.556   1.00 12.35 ? 119 VAL A CG1 1 
ATOM   908  C CG2 . VAL A 1 119 ? -8.040  0.583   1.378   1.00 13.41 ? 119 VAL A CG2 1 
ATOM   909  N N   . TYR A 1 120 ? -9.939  2.638   -2.244  1.00 11.26 ? 120 TYR A N   1 
ATOM   910  C CA  . TYR A 1 120 ? -10.210 3.696   -3.208  1.00 12.06 ? 120 TYR A CA  1 
ATOM   911  C C   . TYR A 1 120 ? -11.680 4.191   -3.220  1.00 11.39 ? 120 TYR A C   1 
ATOM   912  O O   . TYR A 1 120 ? -11.951 5.404   -3.180  1.00 12.37 ? 120 TYR A O   1 
ATOM   913  C CB  . TYR A 1 120 ? -9.823  3.230   -4.630  1.00 12.12 ? 120 TYR A CB  1 
ATOM   914  C CG  . TYR A 1 120 ? -10.351 4.162   -5.708  1.00 12.67 ? 120 TYR A CG  1 
ATOM   915  C CD1 . TYR A 1 120 ? -9.776  5.415   -5.907  1.00 11.55 ? 120 TYR A CD1 1 
ATOM   916  C CD2 . TYR A 1 120 ? -11.464 3.803   -6.488  1.00 11.03 ? 120 TYR A CD2 1 
ATOM   917  C CE1 . TYR A 1 120 ? -10.286 6.309   -6.851  1.00 12.34 ? 120 TYR A CE1 1 
ATOM   918  C CE2 . TYR A 1 120 ? -11.984 4.688   -7.436  1.00 11.76 ? 120 TYR A CE2 1 
ATOM   919  C CZ  . TYR A 1 120 ? -11.389 5.946   -7.608  1.00 13.87 ? 120 TYR A CZ  1 
ATOM   920  O OH  . TYR A 1 120 ? -11.906 6.877   -8.491  1.00 14.39 ? 120 TYR A OH  1 
ATOM   921  N N   . ARG A 1 121 ? -12.621 3.254   -3.273  1.00 13.05 ? 121 ARG A N   1 
ATOM   922  C CA  . ARG A 1 121 ? -14.032 3.628   -3.370  1.00 12.34 ? 121 ARG A CA  1 
ATOM   923  C C   . ARG A 1 121 ? -14.517 4.314   -2.111  1.00 14.16 ? 121 ARG A C   1 
ATOM   924  O O   . ARG A 1 121 ? -15.389 5.179   -2.171  1.00 15.11 ? 121 ARG A O   1 
ATOM   925  C CB  . ARG A 1 121 ? -14.866 2.401   -3.715  1.00 11.23 ? 121 ARG A CB  1 
ATOM   926  C CG  . ARG A 1 121 ? -14.511 1.894   -5.103  1.00 11.55 ? 121 ARG A CG  1 
ATOM   927  C CD  . ARG A 1 121 ? -15.223 0.603   -5.442  1.00 16.22 ? 121 ARG A CD  1 
ATOM   928  N NE  . ARG A 1 121 ? -16.658 0.767   -5.709  1.00 16.06 ? 121 ARG A NE  1 
ATOM   929  C CZ  . ARG A 1 121 ? -17.428 -0.184  -6.237  1.00 16.45 ? 121 ARG A CZ  1 
ATOM   930  N NH1 . ARG A 1 121 ? -18.721 0.052   -6.441  1.00 18.13 ? 121 ARG A NH1 1 
ATOM   931  N NH2 . ARG A 1 121 ? -16.905 -1.361  -6.578  1.00 16.46 ? 121 ARG A NH2 1 
ATOM   932  N N   . GLY A 1 122 ? -13.932 3.953   -0.970  1.00 14.03 ? 122 GLY A N   1 
ATOM   933  C CA  . GLY A 1 122 ? -14.323 4.603   0.270   1.00 12.97 ? 122 GLY A CA  1 
ATOM   934  C C   . GLY A 1 122 ? -13.666 5.971   0.381   1.00 14.17 ? 122 GLY A C   1 
ATOM   935  O O   . GLY A 1 122 ? -14.337 6.961   0.716   1.00 14.24 ? 122 GLY A O   1 
ATOM   936  N N   . ALA A 1 123 ? -12.362 6.037   0.082   1.00 13.17 ? 123 ALA A N   1 
ATOM   937  C CA  . ALA A 1 123 ? -11.614 7.292   0.178   1.00 12.05 ? 123 ALA A CA  1 
ATOM   938  C C   . ALA A 1 123 ? -12.114 8.377   -0.783  1.00 14.13 ? 123 ALA A C   1 
ATOM   939  O O   . ALA A 1 123 ? -12.134 9.555   -0.433  1.00 14.51 ? 123 ALA A O   1 
ATOM   940  C CB  . ALA A 1 123 ? -10.130 7.045   -0.074  1.00 12.21 ? 123 ALA A CB  1 
ATOM   941  N N   . ARG A 1 124 ? -12.525 7.997   -1.991  1.00 14.00 ? 124 ARG A N   1 
ATOM   942  C CA  . ARG A 1 124 ? -12.960 9.009   -2.936  1.00 14.17 ? 124 ARG A CA  1 
ATOM   943  C C   . ARG A 1 124 ? -14.283 9.635   -2.555  1.00 13.82 ? 124 ARG A C   1 
ATOM   944  O O   . ARG A 1 124 ? -14.624 10.677  -3.079  1.00 16.59 ? 124 ARG A O   1 
ATOM   945  C CB  . ARG A 1 124 ? -13.031 8.430   -4.345  1.00 14.44 ? 124 ARG A CB  1 
ATOM   946  C CG  . ARG A 1 124 ? -14.217 7.564   -4.591  1.00 15.53 ? 124 ARG A CG  1 
ATOM   947  C CD  . ARG A 1 124 ? -14.463 7.410   -6.100  1.00 14.17 ? 124 ARG A CD  1 
ATOM   948  N NE  . ARG A 1 124 ? -15.450 6.357   -6.327  1.00 15.88 ? 124 ARG A NE  1 
ATOM   949  C CZ  . ARG A 1 124 ? -15.695 5.784   -7.505  1.00 15.88 ? 124 ARG A CZ  1 
ATOM   950  N NH1 . ARG A 1 124 ? -15.022 6.157   -8.602  1.00 15.05 ? 124 ARG A NH1 1 
ATOM   951  N NH2 . ARG A 1 124 ? -16.603 4.828   -7.580  1.00 14.30 ? 124 ARG A NH2 1 
ATOM   952  N N   . LYS A 1 125 ? -15.046 9.011   -1.667  1.00 14.46 ? 125 LYS A N   1 
ATOM   953  C CA  . LYS A 1 125 ? -16.304 9.635   -1.272  1.00 15.74 ? 125 LYS A CA  1 
ATOM   954  C C   . LYS A 1 125 ? -16.119 10.390  0.057   1.00 16.13 ? 125 LYS A C   1 
ATOM   955  O O   . LYS A 1 125 ? -17.082 10.889  0.637   1.00 16.94 ? 125 LYS A O   1 
ATOM   956  C CB  . LYS A 1 125 ? -17.430 8.595   -1.189  1.00 15.34 ? 125 LYS A CB  1 
ATOM   957  C CG  . LYS A 1 125 ? -17.228 7.518   -0.158  1.00 17.44 ? 125 LYS A CG  1 
ATOM   958  C CD  . LYS A 1 125 ? -18.469 6.635   0.015   1.00 21.18 ? 125 LYS A CD  1 
ATOM   959  C CE  . LYS A 1 125 ? -18.631 5.634   -1.114  1.00 19.20 ? 125 LYS A CE  1 
ATOM   960  N NZ  . LYS A 1 125 ? -19.745 4.668   -0.896  1.00 18.66 ? 125 LYS A NZ  1 
ATOM   961  N N   . GLY A 1 126 ? -14.874 10.470  0.528   1.00 15.50 ? 126 GLY A N   1 
ATOM   962  C CA  . GLY A 1 126 ? -14.572 11.204  1.753   1.00 15.12 ? 126 GLY A CA  1 
ATOM   963  C C   . GLY A 1 126 ? -14.184 10.445  3.020   1.00 14.43 ? 126 GLY A C   1 
ATOM   964  O O   . GLY A 1 126 ? -13.950 11.059  4.066   1.00 15.34 ? 126 GLY A O   1 
ATOM   965  N N   . ARG A 1 127 ? -14.129 9.120   2.964   1.00 14.07 ? 127 ARG A N   1 
ATOM   966  C CA  . ARG A 1 127 ? -13.780 8.367   4.168   1.00 12.66 ? 127 ARG A CA  1 
ATOM   967  C C   . ARG A 1 127 ? -12.290 8.382   4.503   1.00 15.56 ? 127 ARG A C   1 
ATOM   968  O O   . ARG A 1 127 ? -11.429 8.277   3.619   1.00 15.57 ? 127 ARG A O   1 
ATOM   969  C CB  . ARG A 1 127 ? -14.246 6.921   4.031   1.00 12.54 ? 127 ARG A CB  1 
ATOM   970  C CG  . ARG A 1 127 ? -15.729 6.797   3.710   1.00 12.79 ? 127 ARG A CG  1 
ATOM   971  C CD  . ARG A 1 127 ? -16.245 5.399   4.012   1.00 17.25 ? 127 ARG A CD  1 
ATOM   972  N NE  . ARG A 1 127 ? -17.707 5.405   4.007   1.00 20.23 ? 127 ARG A NE  1 
ATOM   973  C CZ  . ARG A 1 127 ? -18.468 5.797   5.032   1.00 17.87 ? 127 ARG A CZ  1 
ATOM   974  N NH1 . ARG A 1 127 ? -17.931 6.219   6.174   1.00 22.18 ? 127 ARG A NH1 1 
ATOM   975  N NH2 . ARG A 1 127 ? -19.774 5.812   4.903   1.00 20.57 ? 127 ARG A NH2 1 
ATOM   976  N N   . GLY A 1 128 ? -11.984 8.544   5.786   1.00 14.95 ? 128 GLY A N   1 
ATOM   977  C CA  . GLY A 1 128 ? -10.607 8.491   6.224   1.00 14.26 ? 128 GLY A CA  1 
ATOM   978  C C   . GLY A 1 128 ? -10.409 7.104   6.835   1.00 14.86 ? 128 GLY A C   1 
ATOM   979  O O   . GLY A 1 128 ? -9.287  6.684   7.128   1.00 15.65 ? 128 GLY A O   1 
ATOM   980  N N   . LEU A 1 129 ? -11.521 6.405   7.062   1.00 15.91 ? 129 LEU A N   1 
ATOM   981  C CA  . LEU A 1 129 ? -11.515 5.047   7.612   1.00 14.87 ? 129 LEU A CA  1 
ATOM   982  C C   . LEU A 1 129 ? -12.393 4.187   6.728   1.00 15.48 ? 129 LEU A C   1 
ATOM   983  O O   . LEU A 1 129 ? -13.543 4.539   6.442   1.00 14.67 ? 129 LEU A O   1 
ATOM   984  C CB  . LEU A 1 129 ? -12.092 5.005   9.043   1.00 15.95 ? 129 LEU A CB  1 
ATOM   985  C CG  . LEU A 1 129 ? -12.525 3.590   9.492   1.00 15.11 ? 129 LEU A CG  1 
ATOM   986  C CD1 . LEU A 1 129 ? -11.296 2.780   9.786   1.00 15.56 ? 129 LEU A CD1 1 
ATOM   987  C CD2 . LEU A 1 129 ? -13.454 3.640   10.700  1.00 19.61 ? 129 LEU A CD2 1 
ATOM   988  N N   . VAL A 1 130 ? -11.850 3.063   6.284   1.00 16.13 ? 130 VAL A N   1 
ATOM   989  C CA  . VAL A 1 130 ? -12.614 2.134   5.469   1.00 18.07 ? 130 VAL A CA  1 
ATOM   990  C C   . VAL A 1 130 ? -12.595 0.756   6.139   1.00 18.41 ? 130 VAL A C   1 
ATOM   991  O O   . VAL A 1 130 ? -11.643 0.390   6.817   1.00 20.11 ? 130 VAL A O   1 
ATOM   992  C CB  . VAL A 1 130 ? -12.049 2.062   4.018   1.00 17.58 ? 130 VAL A CB  1 
ATOM   993  C CG1 . VAL A 1 130 ? -10.723 1.377   4.004   1.00 18.96 ? 130 VAL A CG1 1 
ATOM   994  C CG2 . VAL A 1 130 ? -12.997 1.317   3.150   1.00 23.05 ? 130 VAL A CG2 1 
ATOM   995  N N   . VAL A 1 131 ? -13.650 -0.015  5.977   1.00 21.01 ? 131 VAL A N   1 
ATOM   996  C CA  . VAL A 1 131 ? -13.637 -1.323  6.593   1.00 26.79 ? 131 VAL A CA  1 
ATOM   997  C C   . VAL A 1 131 ? -13.630 -2.463  5.579   1.00 28.97 ? 131 VAL A C   1 
ATOM   998  O O   . VAL A 1 131 ? -14.267 -2.389  4.525   1.00 29.43 ? 131 VAL A O   1 
ATOM   999  C CB  . VAL A 1 131 ? -14.846 -1.506  7.538   1.00 28.11 ? 131 VAL A CB  1 
ATOM   1000 C CG1 . VAL A 1 131 ? -14.695 -2.815  8.314   1.00 34.38 ? 131 VAL A CG1 1 
ATOM   1001 C CG2 . VAL A 1 131 ? -14.925 -0.352  8.516   1.00 27.15 ? 131 VAL A CG2 1 
ATOM   1002 N N   . SER A 1 132 ? -12.878 -3.506  5.892   1.00 31.18 ? 132 SER A N   1 
ATOM   1003 C CA  . SER A 1 132 ? -12.836 -4.688  5.048   1.00 36.07 ? 132 SER A CA  1 
ATOM   1004 C C   . SER A 1 132 ? -12.947 -5.884  6.007   1.00 38.64 ? 132 SER A C   1 
ATOM   1005 O O   . SER A 1 132 ? -11.929 -6.396  6.513   1.00 37.47 ? 132 SER A O   1 
ATOM   1006 C CB  . SER A 1 132 ? -11.534 -4.749  4.238   1.00 37.88 ? 132 SER A CB  1 
ATOM   1007 O OG  . SER A 1 132 ? -11.620 -5.765  3.239   1.00 38.18 ? 132 SER A OG  1 
ATOM   1008 N N   . PRO A 1 133 ? -14.200 -6.326  6.282   1.00 40.73 ? 133 PRO A N   1 
ATOM   1009 C CA  . PRO A 1 133 ? -14.543 -7.446  7.171   1.00 42.59 ? 133 PRO A CA  1 
ATOM   1010 C C   . PRO A 1 133 ? -13.809 -8.748  6.845   1.00 44.49 ? 133 PRO A C   1 
ATOM   1011 O O   . PRO A 1 133 ? -14.269 -9.557  6.043   1.00 47.35 ? 133 PRO A O   1 
ATOM   1012 C CB  . PRO A 1 133 ? -16.059 -7.583  7.015   1.00 41.41 ? 133 PRO A CB  1 
ATOM   1013 C CG  . PRO A 1 133 ? -16.393 -6.835  5.775   1.00 41.95 ? 133 PRO A CG  1 
ATOM   1014 C CD  . PRO A 1 133 ? -15.410 -5.726  5.693   1.00 40.86 ? 133 PRO A CD  1 
ATOM   1015 N N   . LYS A 1 134 ? -12.655 -8.942  7.462   1.00 44.38 ? 134 LYS A N   1 
ATOM   1016 C CA  . LYS A 1 134 ? -11.896 -10.141 7.216   1.00 45.76 ? 134 LYS A CA  1 
ATOM   1017 C C   . LYS A 1 134 ? -11.886 -10.959 8.485   1.00 48.61 ? 134 LYS A C   1 
ATOM   1018 O O   . LYS A 1 134 ? -10.913 -11.646 8.791   1.00 48.94 ? 134 LYS A O   1 
ATOM   1019 C CB  . LYS A 1 134 ? -10.486 -9.782  6.789   1.00 44.43 ? 134 LYS A CB  1 
ATOM   1020 C CG  . LYS A 1 134 ? -10.469 -8.902  5.566   1.00 42.64 ? 134 LYS A CG  1 
ATOM   1021 C CD  . LYS A 1 134 ? -9.066  -8.723  5.044   1.00 39.51 ? 134 LYS A CD  1 
ATOM   1022 C CE  . LYS A 1 134 ? -9.001  -8.979  3.542   1.00 37.92 ? 134 LYS A CE  1 
ATOM   1023 N NZ  . LYS A 1 134 ? -10.317 -9.071  2.874   1.00 36.60 ? 134 LYS A NZ  1 
ATOM   1024 N N   . ASP A 1 135 ? -12.990 -10.876 9.222   1.00 50.70 ? 135 ASP A N   1 
ATOM   1025 C CA  . ASP A 1 135 ? -13.140 -11.615 10.468  1.00 53.27 ? 135 ASP A CA  1 
ATOM   1026 C C   . ASP A 1 135 ? -14.151 -12.748 10.253  1.00 54.06 ? 135 ASP A C   1 
ATOM   1027 O O   . ASP A 1 135 ? -15.205 -12.792 10.894  1.00 55.65 ? 135 ASP A O   1 
ATOM   1028 C CB  . ASP A 1 135 ? -13.612 -10.669 11.583  1.00 54.60 ? 135 ASP A CB  1 
ATOM   1029 C CG  . ASP A 1 135 ? -13.856 -11.386 12.904  1.00 56.26 ? 135 ASP A CG  1 
ATOM   1030 O OD1 . ASP A 1 135 ? -13.047 -12.270 13.274  1.00 56.48 ? 135 ASP A OD1 1 
ATOM   1031 O OD2 . ASP A 1 135 ? -14.861 -11.056 13.574  1.00 58.12 ? 135 ASP A OD2 1 
ATOM   1032 N N   . TYR A 1 136 ? -13.832 -13.655 9.334   1.00 53.51 ? 136 TYR A N   1 
ATOM   1033 C CA  . TYR A 1 136 ? -14.707 -14.788 9.045   1.00 53.88 ? 136 TYR A CA  1 
ATOM   1034 C C   . TYR A 1 136 ? -14.710 -15.735 10.246  1.00 57.79 ? 136 TYR A C   1 
ATOM   1035 O O   . TYR A 1 136 ? -13.676 -15.907 10.911  1.00 58.74 ? 136 TYR A O   1 
ATOM   1036 C CB  . TYR A 1 136 ? -14.210 -15.548 7.804   1.00 47.18 ? 136 TYR A CB  1 
ATOM   1037 C CG  . TYR A 1 136 ? -13.261 -14.767 6.920   1.00 39.89 ? 136 TYR A CG  1 
ATOM   1038 C CD1 . TYR A 1 136 ? -11.881 -15.016 6.943   1.00 35.97 ? 136 TYR A CD1 1 
ATOM   1039 C CD2 . TYR A 1 136 ? -13.747 -13.784 6.053   1.00 35.09 ? 136 TYR A CD2 1 
ATOM   1040 C CE1 . TYR A 1 136 ? -11.007 -14.302 6.117   1.00 33.44 ? 136 TYR A CE1 1 
ATOM   1041 C CE2 . TYR A 1 136 ? -12.890 -13.072 5.231   1.00 34.79 ? 136 TYR A CE2 1 
ATOM   1042 C CZ  . TYR A 1 136 ? -11.523 -13.334 5.265   1.00 33.77 ? 136 TYR A CZ  1 
ATOM   1043 O OH  . TYR A 1 136 ? -10.693 -12.632 4.429   1.00 34.40 ? 136 TYR A OH  1 
ATOM   1044 N N   . SER A 1 137 ? -15.872 -16.332 10.516  1.00 61.00 ? 137 SER A N   1 
ATOM   1045 C CA  . SER A 1 137 ? -16.059 -17.298 11.609  1.00 64.88 ? 137 SER A CA  1 
ATOM   1046 C C   . SER A 1 137 ? -17.439 -17.183 12.255  1.00 67.09 ? 137 SER A C   1 
ATOM   1047 O O   . SER A 1 137 ? -17.949 -18.241 12.701  1.00 68.75 ? 137 SER A O   1 
ATOM   1048 C CB  . SER A 1 137 ? -14.967 -17.155 12.689  1.00 64.98 ? 137 SER A CB  1 
ATOM   1049 O OG  . SER A 1 137 ? -15.344 -16.266 13.729  1.00 66.64 ? 137 SER A OG  1 
ATOM   1050 N N   . THR A 1 138 ? -17.988 -16.048 12.304  1.00 69.04 ? 138 THR A N   1 
HETATM 1051 O O   . HOH B 2 .   ? 8.715   -11.828 -5.009  1.00 12.94 ? 143 HOH A O   1 
HETATM 1052 O O   . HOH B 2 .   ? -3.134  2.753   5.335   1.00 15.87 ? 144 HOH A O   1 
HETATM 1053 O O   . HOH B 2 .   ? -17.000 5.981   -4.166  1.00 18.23 ? 145 HOH A O   1 
HETATM 1054 O O   . HOH B 2 .   ? -4.151  10.370  -4.121  1.00 16.83 ? 146 HOH A O   1 
HETATM 1055 O O   . HOH B 2 .   ? -17.776 13.171  2.220   1.00 15.94 ? 147 HOH A O   1 
HETATM 1056 O O   . HOH B 2 .   ? -19.687 2.978   -5.308  1.00 18.89 ? 148 HOH A O   1 
HETATM 1057 O O   . HOH B 2 .   ? 8.779   -15.599 1.090   1.00 19.16 ? 149 HOH A O   1 
HETATM 1058 O O   . HOH B 2 .   ? -15.190 13.430  -1.978  1.00 21.50 ? 150 HOH A O   1 
HETATM 1059 O O   . HOH B 2 .   ? -10.758 10.370  1.929   1.00 24.31 ? 151 HOH A O   1 
HETATM 1060 O O   . HOH B 2 .   ? 3.313   1.328   -9.926  1.00 21.25 ? 152 HOH A O   1 
HETATM 1061 O O   . HOH B 2 .   ? -2.636  -7.071  -13.356 1.00 24.32 ? 153 HOH A O   1 
HETATM 1062 O O   . HOH B 2 .   ? -15.268 1.064   0.225   1.00 22.42 ? 154 HOH A O   1 
HETATM 1063 O O   . HOH B 2 .   ? -13.808 0.432   13.253  1.00 19.23 ? 155 HOH A O   1 
HETATM 1064 O O   . HOH B 2 .   ? -15.770 5.875   7.672   1.00 25.30 ? 156 HOH A O   1 
HETATM 1065 O O   . HOH B 2 .   ? 13.310  2.164   -0.962  1.00 24.75 ? 157 HOH A O   1 
HETATM 1066 O O   . HOH B 2 .   ? -19.612 2.846   2.112   1.00 29.19 ? 158 HOH A O   1 
HETATM 1067 O O   . HOH B 2 .   ? -10.772 9.104   -8.694  1.00 18.03 ? 159 HOH A O   1 
HETATM 1068 O O   . HOH B 2 .   ? 0.009   -6.281  -13.480 1.00 23.61 ? 160 HOH A O   1 
HETATM 1069 O O   . HOH B 2 .   ? -7.730  -0.394  -13.641 1.00 25.86 ? 161 HOH A O   1 
HETATM 1070 O O   . HOH B 2 .   ? -13.441 11.260  -7.863  1.00 23.01 ? 162 HOH A O   1 
HETATM 1071 O O   . HOH B 2 .   ? 10.202  -7.014  -5.092  1.00 24.71 ? 163 HOH A O   1 
HETATM 1072 O O   . HOH B 2 .   ? -2.303  10.903  -2.226  1.00 21.35 ? 164 HOH A O   1 
HETATM 1073 O O   . HOH B 2 .   ? 8.421   10.213  -6.444  1.00 28.81 ? 165 HOH A O   1 
HETATM 1074 O O   . HOH B 2 .   ? 16.271  -4.016  4.141   1.00 27.71 ? 166 HOH A O   1 
HETATM 1075 O O   . HOH B 2 .   ? 2.218   8.653   -7.703  1.00 27.35 ? 167 HOH A O   1 
HETATM 1076 O O   . HOH B 2 .   ? -1.205  0.181   -10.709 1.00 25.64 ? 168 HOH A O   1 
HETATM 1077 O O   . HOH B 2 .   ? 10.430  -3.402  -8.699  1.00 30.51 ? 169 HOH A O   1 
HETATM 1078 O O   . HOH B 2 .   ? -7.184  -10.992 -9.260  1.00 43.78 ? 170 HOH A O   1 
HETATM 1079 O O   . HOH B 2 .   ? -13.964 15.268  1.782   1.00 30.45 ? 171 HOH A O   1 
HETATM 1080 O O   . HOH B 2 .   ? -11.213 10.927  -11.001 1.00 26.24 ? 172 HOH A O   1 
HETATM 1081 O O   . HOH B 2 .   ? -2.675  14.278  -3.929  1.00 29.49 ? 173 HOH A O   1 
HETATM 1082 O O   . HOH B 2 .   ? -15.812 0.962   4.402   1.00 30.53 ? 174 HOH A O   1 
HETATM 1083 O O   . HOH B 2 .   ? -14.122 13.544  4.709   1.00 24.13 ? 175 HOH A O   1 
HETATM 1084 O O   . HOH B 2 .   ? 6.861   -2.399  7.692   1.00 28.75 ? 176 HOH A O   1 
HETATM 1085 O O   . HOH B 2 .   ? -3.430  -15.559 -6.934  1.00 30.24 ? 177 HOH A O   1 
HETATM 1086 O O   . HOH B 2 .   ? 3.855   3.333   -11.500 1.00 22.70 ? 178 HOH A O   1 
HETATM 1087 O O   . HOH B 2 .   ? -21.660 5.721   2.287   1.00 31.19 ? 179 HOH A O   1 
HETATM 1088 O O   . HOH B 2 .   ? 11.659  -5.015  -6.720  1.00 41.70 ? 180 HOH A O   1 
HETATM 1089 O O   . HOH B 2 .   ? -10.152 -8.202  0.535   1.00 31.25 ? 181 HOH A O   1 
HETATM 1090 O O   . HOH B 2 .   ? 2.839   -0.105  -12.985 1.00 36.10 ? 182 HOH A O   1 
HETATM 1091 O O   . HOH B 2 .   ? -20.720 -1.959  -7.832  1.00 35.96 ? 183 HOH A O   1 
HETATM 1092 O O   . HOH B 2 .   ? -4.552  1.028   8.833   1.00 40.07 ? 184 HOH A O   1 
HETATM 1093 O O   . HOH B 2 .   ? -4.554  10.520  -10.435 1.00 31.10 ? 185 HOH A O   1 
HETATM 1094 O O   . HOH B 2 .   ? 12.518  0.994   -9.159  1.00 32.52 ? 186 HOH A O   1 
HETATM 1095 O O   . HOH B 2 .   ? 1.026   0.222   -9.685  1.00 36.43 ? 187 HOH A O   1 
HETATM 1096 O O   . HOH B 2 .   ? -3.008  0.198   5.889   1.00 45.28 ? 188 HOH A O   1 
HETATM 1097 O O   . HOH B 2 .   ? 2.710   -14.280 -2.719  1.00 30.97 ? 189 HOH A O   1 
HETATM 1098 O O   . HOH B 2 .   ? -8.661  11.850  1.118   1.00 24.76 ? 190 HOH A O   1 
HETATM 1099 O O   . HOH B 2 .   ? 8.500   -0.272  -16.309 1.00 32.29 ? 191 HOH A O   1 
HETATM 1100 O O   . HOH B 2 .   ? -17.506 3.410   1.950   1.00 52.11 ? 192 HOH A O   1 
HETATM 1101 O O   . HOH B 2 .   ? -12.106 -6.906  -9.058  1.00 40.41 ? 193 HOH A O   1 
HETATM 1102 O O   . HOH B 2 .   ? -14.033 -9.945  -4.852  1.00 41.13 ? 194 HOH A O   1 
HETATM 1103 O O   . HOH B 2 .   ? 6.110   10.299  -8.342  1.00 42.01 ? 195 HOH A O   1 
HETATM 1104 O O   . HOH B 2 .   ? -9.264  -14.216 8.257   1.00 56.11 ? 196 HOH A O   1 
HETATM 1105 O O   . HOH B 2 .   ? 17.410  -5.788  0.911   1.00 28.99 ? 197 HOH A O   1 
HETATM 1106 O O   . HOH B 2 .   ? -17.292 2.470   -0.634  1.00 42.16 ? 198 HOH A O   1 
HETATM 1107 O O   . HOH B 2 .   ? -12.102 -6.175  0.928   1.00 48.04 ? 199 HOH A O   1 
HETATM 1108 O O   . HOH B 2 .   ? 17.017  -7.492  -0.870  1.00 31.20 ? 200 HOH A O   1 
HETATM 1109 O O   . HOH B 2 .   ? -11.272 -4.490  -9.689  1.00 33.43 ? 201 HOH A O   1 
HETATM 1110 O O   . HOH B 2 .   ? -9.952  9.459   -13.284 1.00 40.46 ? 202 HOH A O   1 
HETATM 1111 O O   . HOH B 2 .   ? 14.554  12.858  1.242   1.00 31.14 ? 203 HOH A O   1 
HETATM 1112 O O   . HOH B 2 .   ? -8.430  -12.938 4.798   1.00 36.71 ? 204 HOH A O   1 
HETATM 1113 O O   . HOH B 2 .   ? 5.280   -11.067 -15.831 1.00 54.45 ? 205 HOH A O   1 
HETATM 1114 O O   . HOH B 2 .   ? -2.789  13.402  -10.467 1.00 37.78 ? 206 HOH A O   1 
HETATM 1115 O O   . HOH B 2 .   ? 16.372  -0.929  -2.379  1.00 59.30 ? 207 HOH A O   1 
HETATM 1116 O O   . HOH B 2 .   ? -12.753 -9.023  -0.407  1.00 46.15 ? 208 HOH A O   1 
HETATM 1117 O O   . HOH B 2 .   ? -16.217 -3.633  -10.576 1.00 57.17 ? 209 HOH A O   1 
HETATM 1118 O O   . HOH B 2 .   ? -7.397  8.862   8.096   1.00 40.62 ? 210 HOH A O   1 
HETATM 1119 O O   . HOH B 2 .   ? -16.504 -0.947  -2.355  1.00 34.80 ? 211 HOH A O   1 
HETATM 1120 O O   . HOH B 2 .   ? 12.683  -1.662  -9.293  1.00 47.28 ? 212 HOH A O   1 
HETATM 1121 O O   . HOH B 2 .   ? 4.759   -14.884 5.032   1.00 41.42 ? 213 HOH A O   1 
HETATM 1122 O O   . HOH B 2 .   ? 14.989  9.673   3.417   1.00 40.09 ? 214 HOH A O   1 
HETATM 1123 O O   . HOH B 2 .   ? 0.949   4.788   -13.605 1.00 46.62 ? 215 HOH A O   1 
HETATM 1124 O O   . HOH B 2 .   ? 4.594   5.820   -11.035 1.00 38.17 ? 216 HOH A O   1 
HETATM 1125 O O   . HOH B 2 .   ? -1.521  -1.331  6.922   1.00 44.36 ? 217 HOH A O   1 
HETATM 1126 O O   . HOH B 2 .   ? -19.566 -3.472  -8.378  1.00 27.08 ? 218 HOH A O   1 
HETATM 1127 O O   . HOH B 2 .   ? -1.411  -3.483  9.404   1.00 47.86 ? 219 HOH A O   1 
HETATM 1128 O O   . HOH B 2 .   ? 0.228   15.073  1.422   1.00 53.57 ? 220 HOH A O   1 
HETATM 1129 O O   . HOH B 2 .   ? -18.040 0.856   -2.375  1.00 40.39 ? 221 HOH A O   1 
HETATM 1130 O O   . HOH B 2 .   ? 2.517   13.139  2.343   1.00 41.63 ? 222 HOH A O   1 
HETATM 1131 O O   . HOH B 2 .   ? -10.006 -4.069  14.513  1.00 27.94 ? 223 HOH A O   1 
HETATM 1132 O O   . HOH B 2 .   ? -15.302 -2.672  -3.804  1.00 37.45 ? 224 HOH A O   1 
HETATM 1133 O O   . HOH B 2 .   ? 18.993  -6.392  7.871   1.00 36.26 ? 225 HOH A O   1 
HETATM 1134 O O   . HOH B 2 .   ? 17.448  -3.392  -0.515  1.00 38.47 ? 226 HOH A O   1 
HETATM 1135 O O   . HOH B 2 .   ? -14.057 -4.487  10.620  1.00 43.96 ? 227 HOH A O   1 
HETATM 1136 O O   . HOH B 2 .   ? 18.105  -1.502  2.491   1.00 41.31 ? 228 HOH A O   1 
HETATM 1137 O O   . HOH B 2 .   ? 12.955  -8.698  7.626   1.00 59.67 ? 229 HOH A O   1 
HETATM 1138 O O   . HOH B 2 .   ? 12.570  -5.629  -3.781  1.00 52.19 ? 230 HOH A O   1 
HETATM 1139 O O   . HOH B 2 .   ? 9.806   4.578   6.382   1.00 33.60 ? 231 HOH A O   1 
HETATM 1140 O O   . HOH B 2 .   ? -4.404  16.097  -4.293  1.00 58.69 ? 232 HOH A O   1 
HETATM 1141 O O   . HOH B 2 .   ? -13.740 -4.781  -2.973  1.00 45.46 ? 233 HOH A O   1 
HETATM 1142 O O   . HOH B 2 .   ? 8.286   16.637  -1.193  1.00 45.69 ? 234 HOH A O   1 
HETATM 1143 O O   . HOH B 2 .   ? -19.327 7.388   8.245   1.00 19.13 ? 235 HOH A O   1 
HETATM 1144 O O   . HOH B 2 .   ? -11.526 14.374  -1.909  1.00 44.07 ? 236 HOH A O   1 
HETATM 1145 O O   . HOH B 2 .   ? 7.121   -5.748  -16.759 1.00 39.63 ? 237 HOH A O   1 
HETATM 1146 O O   . HOH B 2 .   ? 5.599   2.377   -13.446 1.00 43.30 ? 238 HOH A O   1 
HETATM 1147 O O   . HOH B 2 .   ? -6.937  -14.350 -6.610  1.00 42.97 ? 239 HOH A O   1 
HETATM 1148 O O   . HOH B 2 .   ? 7.378   -14.887 -3.024  1.00 44.22 ? 240 HOH A O   1 
HETATM 1149 O O   . HOH B 2 .   ? -7.186  -12.466 7.129   1.00 48.01 ? 241 HOH A O   1 
HETATM 1150 O O   . HOH B 2 .   ? 0.179   -13.383 -7.370  1.00 55.13 ? 242 HOH A O   1 
HETATM 1151 O O   . HOH B 2 .   ? -6.153  15.906  -11.493 1.00 60.26 ? 243 HOH A O   1 
HETATM 1152 O O   . HOH B 2 .   ? -22.334 6.854   -1.757  1.00 20.27 ? 244 HOH A O   1 
HETATM 1153 O O   . HOH B 2 .   ? -5.263  17.600  -0.619  1.00 61.42 ? 245 HOH A O   1 
HETATM 1154 O O   . HOH B 2 .   ? -13.175 19.767  -3.135  1.00 81.39 ? 246 HOH A O   1 
HETATM 1155 O O   . HOH B 2 .   ? -8.983  -16.692 -5.722  1.00 66.32 ? 247 HOH A O   1 
HETATM 1156 O O   . HOH B 2 .   ? -5.882  -14.686 0.024   1.00 31.08 ? 248 HOH A O   1 
HETATM 1157 O O   . HOH B 2 .   ? -19.126 -13.884 12.621  1.00 32.58 ? 249 HOH A O   1 
HETATM 1158 O O   . HOH B 2 .   ? 14.954  1.777   -8.473  1.00 39.05 ? 250 HOH A O   1 
HETATM 1159 O O   . HOH B 2 .   ? 6.687   -6.642  15.643  1.00 59.80 ? 251 HOH A O   1 
HETATM 1160 O O   . HOH B 2 .   ? -5.368  -13.825 3.092   1.00 45.40 ? 252 HOH A O   1 
HETATM 1161 O O   . HOH B 2 .   ? -15.914 -5.856  10.019  1.00 41.27 ? 253 HOH A O   1 
HETATM 1162 O O   . HOH B 2 .   ? -20.099 1.355   0.666   1.00 45.38 ? 254 HOH A O   1 
HETATM 1163 O O   . HOH B 2 .   ? 6.141   19.163  -1.168  1.00 73.09 ? 255 HOH A O   1 
HETATM 1164 O O   . HOH B 2 .   ? -7.472  -13.336 -10.054 1.00 45.78 ? 256 HOH A O   1 
HETATM 1165 O O   . HOH B 2 .   ? -2.409  11.861  6.781   1.00 34.03 ? 257 HOH A O   1 
HETATM 1166 O O   . HOH B 2 .   ? -5.202  9.337   -12.757 1.00 51.85 ? 258 HOH A O   1 
HETATM 1167 O O   . HOH B 2 .   ? -21.394 1.778   -1.903  1.00 57.79 ? 259 HOH A O   1 
HETATM 1168 O O   . HOH B 2 .   ? -7.087  11.890  -13.359 1.00 49.39 ? 260 HOH A O   1 
HETATM 1169 O O   . HOH B 2 .   ? -3.579  4.696   13.268  1.00 60.73 ? 261 HOH A O   1 
HETATM 1170 O O   . HOH B 2 .   ? -0.657  11.621  8.553   1.00 47.24 ? 262 HOH A O   1 
HETATM 1171 O O   . HOH B 2 .   ? -13.529 -7.003  -1.760  1.00 42.29 ? 263 HOH A O   1 
HETATM 1172 O O   . HOH B 2 .   ? -7.291  7.781   -12.484 1.00 60.48 ? 264 HOH A O   1 
HETATM 1173 O O   . HOH B 2 .   ? 11.478  6.467   -7.530  1.00 41.65 ? 265 HOH A O   1 
HETATM 1174 O O   . HOH B 2 .   ? -4.473  -16.150 2.500   1.00 66.68 ? 266 HOH A O   1 
HETATM 1175 O O   . HOH B 2 .   ? -12.502 15.033  5.887   1.00 50.74 ? 267 HOH A O   1 
HETATM 1176 O O   . HOH B 2 .   ? -2.942  15.361  5.056   1.00 52.85 ? 268 HOH A O   1 
HETATM 1177 O O   . HOH B 2 .   ? -15.800 -4.007  11.884  1.00 46.17 ? 269 HOH A O   1 
HETATM 1178 O O   . HOH B 2 .   ? 0.788   1.571   -11.730 1.00 45.48 ? 270 HOH A O   1 
HETATM 1179 O O   . HOH B 2 .   ? 0.883   12.437  3.683   1.00 38.07 ? 271 HOH A O   1 
HETATM 1180 O O   . HOH B 2 .   ? -1.135  10.948  -12.574 1.00 64.77 ? 272 HOH A O   1 
HETATM 1181 O O   . HOH B 2 .   ? 4.741   18.093  1.284   1.00 48.86 ? 273 HOH A O   1 
HETATM 1182 O O   . HOH B 2 .   ? -6.900  9.143   -16.384 1.00 56.02 ? 274 HOH A O   1 
HETATM 1183 O O   . HOH B 2 .   ? -5.980  6.789   -15.190 1.00 45.22 ? 275 HOH A O   1 
HETATM 1184 O O   . HOH B 2 .   ? 15.598  4.222   -9.430  1.00 48.50 ? 276 HOH A O   1 
HETATM 1185 O O   . HOH B 2 .   ? 3.968   -6.602  2.653   1.00 37.24 ? 277 HOH A O   1 
HETATM 1186 O O   . HOH B 2 .   ? 9.087   -6.254  6.536   1.00 38.08 ? 278 HOH A O   1 
HETATM 1187 O O   . HOH B 2 .   ? 11.612  -5.608  11.436  1.00 58.13 ? 279 HOH A O   1 
HETATM 1188 O O   . HOH B 2 .   ? -12.928 -8.786  3.528   1.00 48.67 ? 280 HOH A O   1 
HETATM 1189 O O   . HOH B 2 .   ? 3.716   -6.393  13.444  1.00 60.55 ? 281 HOH A O   1 
HETATM 1190 O O   . HOH B 2 .   ? 9.754   5.796   -11.256 1.00 61.11 ? 282 HOH A O   1 
HETATM 1191 O O   . HOH B 2 .   ? 8.472   6.725   -9.522  1.00 42.58 ? 283 HOH A O   1 
HETATM 1192 O O   . HOH B 2 .   ? 0.118   -3.170  6.660   1.00 50.77 ? 284 HOH A O   1 
HETATM 1193 O O   . HOH B 2 .   ? -10.256 16.427  -1.065  1.00 55.28 ? 285 HOH A O   1 
HETATM 1194 O O   . HOH B 2 .   ? -4.374  -0.825  -16.988 1.00 50.91 ? 286 HOH A O   1 
# 
